data_1MYT
# 
_entry.id   1MYT 
# 
_audit_conform.dict_name       mmcif_pdbx.dic 
_audit_conform.dict_version    5.386 
_audit_conform.dict_location   http://mmcif.pdb.org/dictionaries/ascii/mmcif_pdbx.dic 
# 
loop_
_database_2.database_id 
_database_2.database_code 
_database_2.pdbx_database_accession 
_database_2.pdbx_DOI 
PDB   1MYT         pdb_00001myt 10.2210/pdb1myt/pdb 
WWPDB D_1000175198 ?            ?                   
# 
loop_
_pdbx_audit_revision_history.ordinal 
_pdbx_audit_revision_history.data_content_type 
_pdbx_audit_revision_history.major_revision 
_pdbx_audit_revision_history.minor_revision 
_pdbx_audit_revision_history.revision_date 
1 'Structure model' 1 0 1993-10-31 
2 'Structure model' 1 1 2008-03-24 
3 'Structure model' 1 2 2011-07-13 
4 'Structure model' 1 3 2024-02-14 
# 
_pdbx_audit_revision_details.ordinal             1 
_pdbx_audit_revision_details.revision_ordinal    1 
_pdbx_audit_revision_details.data_content_type   'Structure model' 
_pdbx_audit_revision_details.provider            repository 
_pdbx_audit_revision_details.type                'Initial release' 
_pdbx_audit_revision_details.description         ? 
_pdbx_audit_revision_details.details             ? 
# 
loop_
_pdbx_audit_revision_group.ordinal 
_pdbx_audit_revision_group.revision_ordinal 
_pdbx_audit_revision_group.data_content_type 
_pdbx_audit_revision_group.group 
1 2 'Structure model' 'Version format compliance' 
2 3 'Structure model' 'Version format compliance' 
3 4 'Structure model' 'Data collection'           
4 4 'Structure model' 'Database references'       
5 4 'Structure model' 'Derived calculations'      
6 4 'Structure model' Other                       
# 
loop_
_pdbx_audit_revision_category.ordinal 
_pdbx_audit_revision_category.revision_ordinal 
_pdbx_audit_revision_category.data_content_type 
_pdbx_audit_revision_category.category 
1 4 'Structure model' chem_comp_atom       
2 4 'Structure model' chem_comp_bond       
3 4 'Structure model' database_2           
4 4 'Structure model' pdbx_database_status 
5 4 'Structure model' struct_conn          
6 4 'Structure model' struct_site          
# 
loop_
_pdbx_audit_revision_item.ordinal 
_pdbx_audit_revision_item.revision_ordinal 
_pdbx_audit_revision_item.data_content_type 
_pdbx_audit_revision_item.item 
1  4 'Structure model' '_database_2.pdbx_DOI'                
2  4 'Structure model' '_database_2.pdbx_database_accession' 
3  4 'Structure model' '_pdbx_database_status.process_site'  
4  4 'Structure model' '_struct_conn.ptnr1_auth_comp_id'     
5  4 'Structure model' '_struct_conn.ptnr1_auth_seq_id'      
6  4 'Structure model' '_struct_conn.ptnr1_label_asym_id'    
7  4 'Structure model' '_struct_conn.ptnr1_label_atom_id'    
8  4 'Structure model' '_struct_conn.ptnr1_label_comp_id'    
9  4 'Structure model' '_struct_conn.ptnr1_label_seq_id'     
10 4 'Structure model' '_struct_conn.ptnr2_auth_comp_id'     
11 4 'Structure model' '_struct_conn.ptnr2_auth_seq_id'      
12 4 'Structure model' '_struct_conn.ptnr2_label_asym_id'    
13 4 'Structure model' '_struct_conn.ptnr2_label_atom_id'    
14 4 'Structure model' '_struct_conn.ptnr2_label_comp_id'    
15 4 'Structure model' '_struct_conn.ptnr2_label_seq_id'     
16 4 'Structure model' '_struct_site.pdbx_auth_asym_id'      
17 4 'Structure model' '_struct_site.pdbx_auth_comp_id'      
18 4 'Structure model' '_struct_site.pdbx_auth_seq_id'       
# 
_pdbx_database_status.status_code                     REL 
_pdbx_database_status.entry_id                        1MYT 
_pdbx_database_status.recvd_initial_deposition_date   1991-05-06 
_pdbx_database_status.deposit_site                    ? 
_pdbx_database_status.process_site                    BNL 
_pdbx_database_status.status_code_sf                  REL 
_pdbx_database_status.status_code_mr                  ? 
_pdbx_database_status.SG_entry                        ? 
_pdbx_database_status.pdb_format_compatible           Y 
_pdbx_database_status.status_code_cs                  ? 
_pdbx_database_status.status_code_nmr_data            ? 
_pdbx_database_status.methods_development_category    ? 
# 
loop_
_audit_author.name 
_audit_author.pdbx_ordinal 
'Birnbaum, G.I.' 1 
'Evans, S.V.'    2 
'Przybylska, M.' 3 
'Rose, D.R.'     4 
# 
loop_
_citation.id 
_citation.title 
_citation.journal_abbrev 
_citation.journal_volume 
_citation.page_first 
_citation.page_last 
_citation.year 
_citation.journal_id_ASTM 
_citation.country 
_citation.journal_id_ISSN 
_citation.journal_id_CSD 
_citation.book_publisher 
_citation.pdbx_database_id_PubMed 
_citation.pdbx_database_id_DOI 
primary '1.70 A resolution structure of myoglobin from yellowfin tuna. An example of a myoglobin lacking the D helix.' 
'Acta Crystallogr.,Sect.D' 50 283 289 1994 ABCRE6 DK 0907-4449 0766 ? 15299440 10.1107/S0907444993014271 
1       'Structure of Yellow Fin Tuna Metmyoglobin at 6 Angstroms Resolution'                                          J.Mol.Biol. 
60 271 ?   1971 JMOBAK UK 0022-2836 0070 ? ?        ?                         
# 
loop_
_citation_author.citation_id 
_citation_author.name 
_citation_author.ordinal 
_citation_author.identifier_ORCID 
primary 'Birnbaum, G.I.'   1 ? 
primary 'Evans, S.V.'      2 ? 
primary 'Przybylska, M.'   3 ? 
primary 'Rose, D.R.'       4 ? 
1       'Lattman, E.E.'    5 ? 
1       'Nockolds, C.E.'   6 ? 
1       'Kretsinger, R.H.' 7 ? 
1       'Love, W.E.'       8 ? 
# 
loop_
_entity.id 
_entity.type 
_entity.src_method 
_entity.pdbx_description 
_entity.formula_weight 
_entity.pdbx_number_of_molecules 
_entity.pdbx_ec 
_entity.pdbx_mutation 
_entity.pdbx_fragment 
_entity.details 
1 polymer     man MYOGLOBIN                         15552.110 1  ? ? ? ? 
2 non-polymer syn 'PROTOPORPHYRIN IX CONTAINING FE' 616.487   1  ? ? ? ? 
3 water       nat water                             18.015    81 ? ? ? ? 
# 
_entity_poly.entity_id                      1 
_entity_poly.type                           'polypeptide(L)' 
_entity_poly.nstd_linkage                   no 
_entity_poly.nstd_monomer                   no 
_entity_poly.pdbx_seq_one_letter_code       
;ADFDAVLKCWGPVEADYTTMGGLVLTRLFKEHPETQKLFPKFAGIAQADIAGNAAISAHGATVLKKLGELLKAKGSHAAI
LKPLANSHATKHKIPINNFKLISEVLVKVMHEKAGLDAGGQTALRNVMGIIIADLEANYKELGFSG
;
_entity_poly.pdbx_seq_one_letter_code_can   
;ADFDAVLKCWGPVEADYTTMGGLVLTRLFKEHPETQKLFPKFAGIAQADIAGNAAISAHGATVLKKLGELLKAKGSHAAI
LKPLANSHATKHKIPINNFKLISEVLVKVMHEKAGLDAGGQTALRNVMGIIIADLEANYKELGFSG
;
_entity_poly.pdbx_strand_id                 A 
_entity_poly.pdbx_target_identifier         ? 
# 
loop_
_pdbx_entity_nonpoly.entity_id 
_pdbx_entity_nonpoly.name 
_pdbx_entity_nonpoly.comp_id 
2 'PROTOPORPHYRIN IX CONTAINING FE' HEM 
3 water                             HOH 
# 
loop_
_entity_poly_seq.entity_id 
_entity_poly_seq.num 
_entity_poly_seq.mon_id 
_entity_poly_seq.hetero 
1 1   ALA n 
1 2   ASP n 
1 3   PHE n 
1 4   ASP n 
1 5   ALA n 
1 6   VAL n 
1 7   LEU n 
1 8   LYS n 
1 9   CYS n 
1 10  TRP n 
1 11  GLY n 
1 12  PRO n 
1 13  VAL n 
1 14  GLU n 
1 15  ALA n 
1 16  ASP n 
1 17  TYR n 
1 18  THR n 
1 19  THR n 
1 20  MET n 
1 21  GLY n 
1 22  GLY n 
1 23  LEU n 
1 24  VAL n 
1 25  LEU n 
1 26  THR n 
1 27  ARG n 
1 28  LEU n 
1 29  PHE n 
1 30  LYS n 
1 31  GLU n 
1 32  HIS n 
1 33  PRO n 
1 34  GLU n 
1 35  THR n 
1 36  GLN n 
1 37  LYS n 
1 38  LEU n 
1 39  PHE n 
1 40  PRO n 
1 41  LYS n 
1 42  PHE n 
1 43  ALA n 
1 44  GLY n 
1 45  ILE n 
1 46  ALA n 
1 47  GLN n 
1 48  ALA n 
1 49  ASP n 
1 50  ILE n 
1 51  ALA n 
1 52  GLY n 
1 53  ASN n 
1 54  ALA n 
1 55  ALA n 
1 56  ILE n 
1 57  SER n 
1 58  ALA n 
1 59  HIS n 
1 60  GLY n 
1 61  ALA n 
1 62  THR n 
1 63  VAL n 
1 64  LEU n 
1 65  LYS n 
1 66  LYS n 
1 67  LEU n 
1 68  GLY n 
1 69  GLU n 
1 70  LEU n 
1 71  LEU n 
1 72  LYS n 
1 73  ALA n 
1 74  LYS n 
1 75  GLY n 
1 76  SER n 
1 77  HIS n 
1 78  ALA n 
1 79  ALA n 
1 80  ILE n 
1 81  LEU n 
1 82  LYS n 
1 83  PRO n 
1 84  LEU n 
1 85  ALA n 
1 86  ASN n 
1 87  SER n 
1 88  HIS n 
1 89  ALA n 
1 90  THR n 
1 91  LYS n 
1 92  HIS n 
1 93  LYS n 
1 94  ILE n 
1 95  PRO n 
1 96  ILE n 
1 97  ASN n 
1 98  ASN n 
1 99  PHE n 
1 100 LYS n 
1 101 LEU n 
1 102 ILE n 
1 103 SER n 
1 104 GLU n 
1 105 VAL n 
1 106 LEU n 
1 107 VAL n 
1 108 LYS n 
1 109 VAL n 
1 110 MET n 
1 111 HIS n 
1 112 GLU n 
1 113 LYS n 
1 114 ALA n 
1 115 GLY n 
1 116 LEU n 
1 117 ASP n 
1 118 ALA n 
1 119 GLY n 
1 120 GLY n 
1 121 GLN n 
1 122 THR n 
1 123 ALA n 
1 124 LEU n 
1 125 ARG n 
1 126 ASN n 
1 127 VAL n 
1 128 MET n 
1 129 GLY n 
1 130 ILE n 
1 131 ILE n 
1 132 ILE n 
1 133 ALA n 
1 134 ASP n 
1 135 LEU n 
1 136 GLU n 
1 137 ALA n 
1 138 ASN n 
1 139 TYR n 
1 140 LYS n 
1 141 GLU n 
1 142 LEU n 
1 143 GLY n 
1 144 PHE n 
1 145 SER n 
1 146 GLY n 
# 
_entity_src_gen.entity_id                          1 
_entity_src_gen.pdbx_src_id                        1 
_entity_src_gen.pdbx_alt_source_flag               sample 
_entity_src_gen.pdbx_seq_type                      ? 
_entity_src_gen.pdbx_beg_seq_num                   ? 
_entity_src_gen.pdbx_end_seq_num                   ? 
_entity_src_gen.gene_src_common_name               'yellowfin tuna' 
_entity_src_gen.gene_src_genus                     Thunnus 
_entity_src_gen.pdbx_gene_src_gene                 ? 
_entity_src_gen.gene_src_species                   ? 
_entity_src_gen.gene_src_strain                    ? 
_entity_src_gen.gene_src_tissue                    ? 
_entity_src_gen.gene_src_tissue_fraction           ? 
_entity_src_gen.gene_src_details                   ? 
_entity_src_gen.pdbx_gene_src_fragment             ? 
_entity_src_gen.pdbx_gene_src_scientific_name      'Thunnus albacares' 
_entity_src_gen.pdbx_gene_src_ncbi_taxonomy_id     8236 
_entity_src_gen.pdbx_gene_src_variant              ? 
_entity_src_gen.pdbx_gene_src_cell_line            ? 
_entity_src_gen.pdbx_gene_src_atcc                 ? 
_entity_src_gen.pdbx_gene_src_organ                ? 
_entity_src_gen.pdbx_gene_src_organelle            ? 
_entity_src_gen.pdbx_gene_src_cell                 ? 
_entity_src_gen.pdbx_gene_src_cellular_location    ? 
_entity_src_gen.host_org_common_name               ? 
_entity_src_gen.pdbx_host_org_scientific_name      ? 
_entity_src_gen.pdbx_host_org_ncbi_taxonomy_id     ? 
_entity_src_gen.host_org_genus                     ? 
_entity_src_gen.pdbx_host_org_gene                 ? 
_entity_src_gen.pdbx_host_org_organ                ? 
_entity_src_gen.host_org_species                   ? 
_entity_src_gen.pdbx_host_org_tissue               ? 
_entity_src_gen.pdbx_host_org_tissue_fraction      ? 
_entity_src_gen.pdbx_host_org_strain               ? 
_entity_src_gen.pdbx_host_org_variant              ? 
_entity_src_gen.pdbx_host_org_cell_line            ? 
_entity_src_gen.pdbx_host_org_atcc                 ? 
_entity_src_gen.pdbx_host_org_culture_collection   ? 
_entity_src_gen.pdbx_host_org_cell                 ? 
_entity_src_gen.pdbx_host_org_organelle            ? 
_entity_src_gen.pdbx_host_org_cellular_location    ? 
_entity_src_gen.pdbx_host_org_vector_type          ? 
_entity_src_gen.pdbx_host_org_vector               ? 
_entity_src_gen.host_org_details                   ? 
_entity_src_gen.expression_system_id               ? 
_entity_src_gen.plasmid_name                       ? 
_entity_src_gen.plasmid_details                    ? 
_entity_src_gen.pdbx_description                   ? 
# 
loop_
_chem_comp.id 
_chem_comp.type 
_chem_comp.mon_nstd_flag 
_chem_comp.name 
_chem_comp.pdbx_synonyms 
_chem_comp.formula 
_chem_comp.formula_weight 
ALA 'L-peptide linking' y ALANINE                           ?    'C3 H7 N O2'       89.093  
ARG 'L-peptide linking' y ARGININE                          ?    'C6 H15 N4 O2 1'   175.209 
ASN 'L-peptide linking' y ASPARAGINE                        ?    'C4 H8 N2 O3'      132.118 
ASP 'L-peptide linking' y 'ASPARTIC ACID'                   ?    'C4 H7 N O4'       133.103 
CYS 'L-peptide linking' y CYSTEINE                          ?    'C3 H7 N O2 S'     121.158 
GLN 'L-peptide linking' y GLUTAMINE                         ?    'C5 H10 N2 O3'     146.144 
GLU 'L-peptide linking' y 'GLUTAMIC ACID'                   ?    'C5 H9 N O4'       147.129 
GLY 'peptide linking'   y GLYCINE                           ?    'C2 H5 N O2'       75.067  
HEM non-polymer         . 'PROTOPORPHYRIN IX CONTAINING FE' HEME 'C34 H32 Fe N4 O4' 616.487 
HIS 'L-peptide linking' y HISTIDINE                         ?    'C6 H10 N3 O2 1'   156.162 
HOH non-polymer         . WATER                             ?    'H2 O'             18.015  
ILE 'L-peptide linking' y ISOLEUCINE                        ?    'C6 H13 N O2'      131.173 
LEU 'L-peptide linking' y LEUCINE                           ?    'C6 H13 N O2'      131.173 
LYS 'L-peptide linking' y LYSINE                            ?    'C6 H15 N2 O2 1'   147.195 
MET 'L-peptide linking' y METHIONINE                        ?    'C5 H11 N O2 S'    149.211 
PHE 'L-peptide linking' y PHENYLALANINE                     ?    'C9 H11 N O2'      165.189 
PRO 'L-peptide linking' y PROLINE                           ?    'C5 H9 N O2'       115.130 
SER 'L-peptide linking' y SERINE                            ?    'C3 H7 N O3'       105.093 
THR 'L-peptide linking' y THREONINE                         ?    'C4 H9 N O3'       119.119 
TRP 'L-peptide linking' y TRYPTOPHAN                        ?    'C11 H12 N2 O2'    204.225 
TYR 'L-peptide linking' y TYROSINE                          ?    'C9 H11 N O3'      181.189 
VAL 'L-peptide linking' y VALINE                            ?    'C5 H11 N O2'      117.146 
# 
loop_
_pdbx_poly_seq_scheme.asym_id 
_pdbx_poly_seq_scheme.entity_id 
_pdbx_poly_seq_scheme.seq_id 
_pdbx_poly_seq_scheme.mon_id 
_pdbx_poly_seq_scheme.ndb_seq_num 
_pdbx_poly_seq_scheme.pdb_seq_num 
_pdbx_poly_seq_scheme.auth_seq_num 
_pdbx_poly_seq_scheme.pdb_mon_id 
_pdbx_poly_seq_scheme.auth_mon_id 
_pdbx_poly_seq_scheme.pdb_strand_id 
_pdbx_poly_seq_scheme.pdb_ins_code 
_pdbx_poly_seq_scheme.hetero 
A 1 1   ALA 1   5   5   ALA ALA A . n 
A 1 2   ASP 2   6   6   ASP ASP A . n 
A 1 3   PHE 3   7   7   PHE PHE A . n 
A 1 4   ASP 4   8   8   ASP ASP A . n 
A 1 5   ALA 5   9   9   ALA ALA A . n 
A 1 6   VAL 6   10  10  VAL VAL A . n 
A 1 7   LEU 7   11  11  LEU LEU A . n 
A 1 8   LYS 8   12  12  LYS LYS A . n 
A 1 9   CYS 9   13  13  CYS CYS A . n 
A 1 10  TRP 10  14  14  TRP TRP A . n 
A 1 11  GLY 11  15  15  GLY GLY A . n 
A 1 12  PRO 12  16  16  PRO PRO A . n 
A 1 13  VAL 13  17  17  VAL VAL A . n 
A 1 14  GLU 14  18  18  GLU GLU A . n 
A 1 15  ALA 15  19  19  ALA ALA A . n 
A 1 16  ASP 16  20  20  ASP ASP A . n 
A 1 17  TYR 17  21  21  TYR TYR A . n 
A 1 18  THR 18  22  22  THR THR A . n 
A 1 19  THR 19  23  23  THR THR A . n 
A 1 20  MET 20  24  24  MET MET A . n 
A 1 21  GLY 21  25  25  GLY GLY A . n 
A 1 22  GLY 22  26  26  GLY GLY A . n 
A 1 23  LEU 23  27  27  LEU LEU A . n 
A 1 24  VAL 24  28  28  VAL VAL A . n 
A 1 25  LEU 25  29  29  LEU LEU A . n 
A 1 26  THR 26  30  30  THR THR A . n 
A 1 27  ARG 27  31  31  ARG ARG A . n 
A 1 28  LEU 28  32  32  LEU LEU A . n 
A 1 29  PHE 29  33  33  PHE PHE A . n 
A 1 30  LYS 30  34  34  LYS LYS A . n 
A 1 31  GLU 31  35  35  GLU GLU A . n 
A 1 32  HIS 32  36  36  HIS HIS A . n 
A 1 33  PRO 33  37  37  PRO PRO A . n 
A 1 34  GLU 34  38  38  GLU GLU A . n 
A 1 35  THR 35  39  39  THR THR A . n 
A 1 36  GLN 36  40  40  GLN GLN A . n 
A 1 37  LYS 37  41  41  LYS LYS A . n 
A 1 38  LEU 38  42  42  LEU LEU A . n 
A 1 39  PHE 39  43  43  PHE PHE A . n 
A 1 40  PRO 40  44  44  PRO PRO A . n 
A 1 41  LYS 41  45  45  LYS LYS A . n 
A 1 42  PHE 42  46  46  PHE PHE A . n 
A 1 43  ALA 43  47  47  ALA ALA A . n 
A 1 44  GLY 44  48  48  GLY GLY A . n 
A 1 45  ILE 45  49  49  ILE ILE A . n 
A 1 46  ALA 46  51  51  ALA ALA A . n 
A 1 47  GLN 47  52  52  GLN GLN A . n 
A 1 48  ALA 48  53  53  ALA ALA A . n 
A 1 49  ASP 49  54  54  ASP ASP A . n 
A 1 50  ILE 50  55  55  ILE ILE A . n 
A 1 51  ALA 51  56  56  ALA ALA A . n 
A 1 52  GLY 52  57  57  GLY GLY A . n 
A 1 53  ASN 53  58  58  ASN ASN A . n 
A 1 54  ALA 54  59  59  ALA ALA A . n 
A 1 55  ALA 55  60  60  ALA ALA A . n 
A 1 56  ILE 56  61  61  ILE ILE A . n 
A 1 57  SER 57  62  62  SER SER A . n 
A 1 58  ALA 58  63  63  ALA ALA A . n 
A 1 59  HIS 59  64  64  HIS HIS A . n 
A 1 60  GLY 60  65  65  GLY GLY A . n 
A 1 61  ALA 61  66  66  ALA ALA A . n 
A 1 62  THR 62  67  67  THR THR A . n 
A 1 63  VAL 63  68  68  VAL VAL A . n 
A 1 64  LEU 64  69  69  LEU LEU A . n 
A 1 65  LYS 65  70  70  LYS LYS A . n 
A 1 66  LYS 66  71  71  LYS LYS A . n 
A 1 67  LEU 67  72  72  LEU LEU A . n 
A 1 68  GLY 68  73  73  GLY GLY A . n 
A 1 69  GLU 69  74  74  GLU GLU A . n 
A 1 70  LEU 70  75  75  LEU LEU A . n 
A 1 71  LEU 71  76  76  LEU LEU A . n 
A 1 72  LYS 72  77  77  LYS LYS A . n 
A 1 73  ALA 73  78  78  ALA ALA A . n 
A 1 74  LYS 74  79  79  LYS LYS A . n 
A 1 75  GLY 75  80  80  GLY GLY A . n 
A 1 76  SER 76  81  81  SER SER A . n 
A 1 77  HIS 77  82  82  HIS HIS A . n 
A 1 78  ALA 78  83  83  ALA ALA A . n 
A 1 79  ALA 79  84  84  ALA ALA A . n 
A 1 80  ILE 80  85  85  ILE ILE A . n 
A 1 81  LEU 81  86  86  LEU LEU A . n 
A 1 82  LYS 82  87  87  LYS LYS A . n 
A 1 83  PRO 83  88  88  PRO PRO A . n 
A 1 84  LEU 84  89  89  LEU LEU A . n 
A 1 85  ALA 85  90  90  ALA ALA A . n 
A 1 86  ASN 86  91  91  ASN ASN A . n 
A 1 87  SER 87  92  92  SER SER A . n 
A 1 88  HIS 88  93  93  HIS HIS A . n 
A 1 89  ALA 89  94  94  ALA ALA A . n 
A 1 90  THR 90  95  95  THR THR A . n 
A 1 91  LYS 91  96  96  LYS LYS A . n 
A 1 92  HIS 92  97  97  HIS HIS A . n 
A 1 93  LYS 93  98  98  LYS LYS A . n 
A 1 94  ILE 94  99  99  ILE ILE A . n 
A 1 95  PRO 95  100 100 PRO PRO A . n 
A 1 96  ILE 96  101 101 ILE ILE A . n 
A 1 97  ASN 97  102 102 ASN ASN A . n 
A 1 98  ASN 98  103 103 ASN ASN A . n 
A 1 99  PHE 99  104 104 PHE PHE A . n 
A 1 100 LYS 100 105 105 LYS LYS A . n 
A 1 101 LEU 101 106 106 LEU LEU A . n 
A 1 102 ILE 102 107 107 ILE ILE A . n 
A 1 103 SER 103 108 108 SER SER A . n 
A 1 104 GLU 104 109 109 GLU GLU A . n 
A 1 105 VAL 105 110 110 VAL VAL A . n 
A 1 106 LEU 106 111 111 LEU LEU A . n 
A 1 107 VAL 107 112 112 VAL VAL A . n 
A 1 108 LYS 108 113 113 LYS LYS A . n 
A 1 109 VAL 109 114 114 VAL VAL A . n 
A 1 110 MET 110 115 115 MET MET A . n 
A 1 111 HIS 111 116 116 HIS HIS A . n 
A 1 112 GLU 112 117 117 GLU GLU A . n 
A 1 113 LYS 113 118 118 LYS LYS A . n 
A 1 114 ALA 114 119 119 ALA ALA A . n 
A 1 115 GLY 115 120 120 GLY GLY A . n 
A 1 116 LEU 116 121 121 LEU LEU A . n 
A 1 117 ASP 117 122 122 ASP ASP A . n 
A 1 118 ALA 118 125 125 ALA ALA A . n 
A 1 119 GLY 119 126 126 GLY GLY A . n 
A 1 120 GLY 120 127 127 GLY GLY A . n 
A 1 121 GLN 121 128 128 GLN GLN A . n 
A 1 122 THR 122 129 129 THR THR A . n 
A 1 123 ALA 123 130 130 ALA ALA A . n 
A 1 124 LEU 124 131 131 LEU LEU A . n 
A 1 125 ARG 125 132 132 ARG ARG A . n 
A 1 126 ASN 126 133 133 ASN ASN A . n 
A 1 127 VAL 127 134 134 VAL VAL A . n 
A 1 128 MET 128 135 135 MET MET A . n 
A 1 129 GLY 129 136 136 GLY GLY A . n 
A 1 130 ILE 130 137 137 ILE ILE A . n 
A 1 131 ILE 131 138 138 ILE ILE A . n 
A 1 132 ILE 132 139 139 ILE ILE A . n 
A 1 133 ALA 133 140 140 ALA ALA A . n 
A 1 134 ASP 134 141 141 ASP ASP A . n 
A 1 135 LEU 135 142 142 LEU LEU A . n 
A 1 136 GLU 136 143 143 GLU GLU A . n 
A 1 137 ALA 137 144 144 ALA ALA A . n 
A 1 138 ASN 138 145 145 ASN ASN A . n 
A 1 139 TYR 139 146 146 TYR TYR A . n 
A 1 140 LYS 140 147 147 LYS LYS A . n 
A 1 141 GLU 141 148 148 GLU GLU A . n 
A 1 142 LEU 142 149 149 LEU LEU A . n 
A 1 143 GLY 143 150 150 GLY GLY A . n 
A 1 144 PHE 144 151 151 PHE PHE A . n 
A 1 145 SER 145 152 152 SER SER A . n 
A 1 146 GLY 146 153 153 GLY GLY A . n 
# 
loop_
_pdbx_nonpoly_scheme.asym_id 
_pdbx_nonpoly_scheme.entity_id 
_pdbx_nonpoly_scheme.mon_id 
_pdbx_nonpoly_scheme.ndb_seq_num 
_pdbx_nonpoly_scheme.pdb_seq_num 
_pdbx_nonpoly_scheme.auth_seq_num 
_pdbx_nonpoly_scheme.pdb_mon_id 
_pdbx_nonpoly_scheme.auth_mon_id 
_pdbx_nonpoly_scheme.pdb_strand_id 
_pdbx_nonpoly_scheme.pdb_ins_code 
B 2 HEM 1  154 154 HEM HEM A . 
C 3 HOH 1  155 155 HOH HOH A . 
C 3 HOH 2  156 156 HOH HOH A . 
C 3 HOH 3  157 157 HOH HOH A . 
C 3 HOH 4  158 158 HOH HOH A . 
C 3 HOH 5  159 159 HOH HOH A . 
C 3 HOH 6  160 160 HOH HOH A . 
C 3 HOH 7  161 161 HOH HOH A . 
C 3 HOH 8  162 162 HOH HOH A . 
C 3 HOH 9  163 163 HOH HOH A . 
C 3 HOH 10 164 164 HOH HOH A . 
C 3 HOH 11 165 165 HOH HOH A . 
C 3 HOH 12 166 166 HOH HOH A . 
C 3 HOH 13 167 167 HOH HOH A . 
C 3 HOH 14 168 168 HOH HOH A . 
C 3 HOH 15 169 169 HOH HOH A . 
C 3 HOH 16 170 170 HOH HOH A . 
C 3 HOH 17 171 171 HOH HOH A . 
C 3 HOH 18 172 172 HOH HOH A . 
C 3 HOH 19 173 173 HOH HOH A . 
C 3 HOH 20 174 174 HOH HOH A . 
C 3 HOH 21 175 175 HOH HOH A . 
C 3 HOH 22 176 176 HOH HOH A . 
C 3 HOH 23 177 177 HOH HOH A . 
C 3 HOH 24 178 178 HOH HOH A . 
C 3 HOH 25 179 179 HOH HOH A . 
C 3 HOH 26 180 180 HOH HOH A . 
C 3 HOH 27 181 181 HOH HOH A . 
C 3 HOH 28 182 182 HOH HOH A . 
C 3 HOH 29 183 183 HOH HOH A . 
C 3 HOH 30 184 184 HOH HOH A . 
C 3 HOH 31 185 185 HOH HOH A . 
C 3 HOH 32 186 186 HOH HOH A . 
C 3 HOH 33 187 187 HOH HOH A . 
C 3 HOH 34 188 188 HOH HOH A . 
C 3 HOH 35 189 189 HOH HOH A . 
C 3 HOH 36 190 190 HOH HOH A . 
C 3 HOH 37 191 191 HOH HOH A . 
C 3 HOH 38 192 192 HOH HOH A . 
C 3 HOH 39 193 193 HOH HOH A . 
C 3 HOH 40 194 194 HOH HOH A . 
C 3 HOH 41 195 195 HOH HOH A . 
C 3 HOH 42 196 196 HOH HOH A . 
C 3 HOH 43 197 197 HOH HOH A . 
C 3 HOH 44 198 198 HOH HOH A . 
C 3 HOH 45 199 199 HOH HOH A . 
C 3 HOH 46 200 200 HOH HOH A . 
C 3 HOH 47 201 201 HOH HOH A . 
C 3 HOH 48 202 202 HOH HOH A . 
C 3 HOH 49 203 203 HOH HOH A . 
C 3 HOH 50 204 204 HOH HOH A . 
C 3 HOH 51 205 205 HOH HOH A . 
C 3 HOH 52 206 206 HOH HOH A . 
C 3 HOH 53 207 207 HOH HOH A . 
C 3 HOH 54 208 208 HOH HOH A . 
C 3 HOH 55 209 209 HOH HOH A . 
C 3 HOH 56 210 210 HOH HOH A . 
C 3 HOH 57 211 211 HOH HOH A . 
C 3 HOH 58 212 212 HOH HOH A . 
C 3 HOH 59 213 213 HOH HOH A . 
C 3 HOH 60 214 214 HOH HOH A . 
C 3 HOH 61 215 215 HOH HOH A . 
C 3 HOH 62 216 216 HOH HOH A . 
C 3 HOH 63 217 217 HOH HOH A . 
C 3 HOH 64 218 218 HOH HOH A . 
C 3 HOH 65 219 219 HOH HOH A . 
C 3 HOH 66 220 220 HOH HOH A . 
C 3 HOH 67 221 221 HOH HOH A . 
C 3 HOH 68 222 222 HOH HOH A . 
C 3 HOH 69 223 223 HOH HOH A . 
C 3 HOH 70 224 224 HOH HOH A . 
C 3 HOH 71 225 225 HOH HOH A . 
C 3 HOH 72 226 226 HOH HOH A . 
C 3 HOH 73 227 227 HOH HOH A . 
C 3 HOH 74 228 228 HOH HOH A . 
C 3 HOH 75 229 229 HOH HOH A . 
C 3 HOH 76 230 230 HOH HOH A . 
C 3 HOH 77 231 231 HOH HOH A . 
C 3 HOH 78 232 232 HOH HOH A . 
C 3 HOH 79 233 233 HOH HOH A . 
C 3 HOH 80 234 234 HOH HOH A . 
C 3 HOH 81 235 235 HOH HOH A . 
# 
_pdbx_unobs_or_zero_occ_atoms.id               1 
_pdbx_unobs_or_zero_occ_atoms.PDB_model_num    1 
_pdbx_unobs_or_zero_occ_atoms.polymer_flag     Y 
_pdbx_unobs_or_zero_occ_atoms.occupancy_flag   1 
_pdbx_unobs_or_zero_occ_atoms.auth_asym_id     A 
_pdbx_unobs_or_zero_occ_atoms.auth_comp_id     GLY 
_pdbx_unobs_or_zero_occ_atoms.auth_seq_id      153 
_pdbx_unobs_or_zero_occ_atoms.PDB_ins_code     ? 
_pdbx_unobs_or_zero_occ_atoms.auth_atom_id     O 
_pdbx_unobs_or_zero_occ_atoms.label_alt_id     ? 
_pdbx_unobs_or_zero_occ_atoms.label_asym_id    A 
_pdbx_unobs_or_zero_occ_atoms.label_comp_id    GLY 
_pdbx_unobs_or_zero_occ_atoms.label_seq_id     146 
_pdbx_unobs_or_zero_occ_atoms.label_atom_id    O 
# 
_software.name             PROLSQ 
_software.classification   refinement 
_software.version          . 
_software.citation_id      ? 
_software.pdbx_ordinal     1 
# 
_cell.entry_id           1MYT 
_cell.length_a           44.497 
_cell.length_b           72.318 
_cell.length_c           52.221 
_cell.angle_alpha        90.00 
_cell.angle_beta         90.00 
_cell.angle_gamma        90.00 
_cell.Z_PDB              4 
_cell.pdbx_unique_axis   ? 
# 
_symmetry.entry_id                         1MYT 
_symmetry.space_group_name_H-M             'P 21 21 21' 
_symmetry.pdbx_full_space_group_name_H-M   ? 
_symmetry.cell_setting                     ? 
_symmetry.Int_Tables_number                19 
# 
_exptl.entry_id          1MYT 
_exptl.method            'X-RAY DIFFRACTION' 
_exptl.crystals_number   ? 
# 
_exptl_crystal.id                    1 
_exptl_crystal.density_meas          ? 
_exptl_crystal.density_Matthews      2.70 
_exptl_crystal.density_percent_sol   54.45 
_exptl_crystal.description           ? 
# 
_diffrn.id                     1 
_diffrn.ambient_temp           ? 
_diffrn.ambient_temp_details   ? 
_diffrn.crystal_id             1 
# 
_diffrn_radiation.diffrn_id                        1 
_diffrn_radiation.wavelength_id                    1 
_diffrn_radiation.pdbx_monochromatic_or_laue_m_l   ? 
_diffrn_radiation.monochromator                    ? 
_diffrn_radiation.pdbx_diffrn_protocol             ? 
_diffrn_radiation.pdbx_scattering_type             x-ray 
# 
_diffrn_radiation_wavelength.id           1 
_diffrn_radiation_wavelength.wavelength   . 
_diffrn_radiation_wavelength.wt           1.0 
# 
_refine.entry_id                                 1MYT 
_refine.ls_number_reflns_obs                     ? 
_refine.ls_number_reflns_all                     ? 
_refine.pdbx_ls_sigma_I                          ? 
_refine.pdbx_ls_sigma_F                          ? 
_refine.pdbx_data_cutoff_high_absF               ? 
_refine.pdbx_data_cutoff_low_absF                ? 
_refine.pdbx_data_cutoff_high_rms_absF           ? 
_refine.ls_d_res_low                             6.0 
_refine.ls_d_res_high                            1.74 
_refine.ls_percent_reflns_obs                    ? 
_refine.ls_R_factor_obs                          0.1770000 
_refine.ls_R_factor_all                          ? 
_refine.ls_R_factor_R_work                       ? 
_refine.ls_R_factor_R_free                       ? 
_refine.ls_R_factor_R_free_error                 ? 
_refine.ls_R_factor_R_free_error_details         ? 
_refine.ls_percent_reflns_R_free                 ? 
_refine.ls_number_reflns_R_free                  ? 
_refine.ls_number_parameters                     ? 
_refine.ls_number_restraints                     ? 
_refine.occupancy_min                            ? 
_refine.occupancy_max                            ? 
_refine.B_iso_mean                               ? 
_refine.aniso_B[1][1]                            ? 
_refine.aniso_B[2][2]                            ? 
_refine.aniso_B[3][3]                            ? 
_refine.aniso_B[1][2]                            ? 
_refine.aniso_B[1][3]                            ? 
_refine.aniso_B[2][3]                            ? 
_refine.solvent_model_details                    ? 
_refine.solvent_model_param_ksol                 ? 
_refine.solvent_model_param_bsol                 ? 
_refine.pdbx_ls_cross_valid_method               ? 
_refine.details                                  ? 
_refine.pdbx_starting_model                      ? 
_refine.pdbx_method_to_determine_struct          ? 
_refine.pdbx_isotropic_thermal_model             ? 
_refine.pdbx_stereochemistry_target_values       ? 
_refine.pdbx_stereochem_target_val_spec_case     ? 
_refine.pdbx_R_Free_selection_details            ? 
_refine.pdbx_overall_ESU_R                       ? 
_refine.pdbx_overall_ESU_R_Free                  ? 
_refine.overall_SU_ML                            ? 
_refine.overall_SU_B                             ? 
_refine.pdbx_refine_id                           'X-RAY DIFFRACTION' 
_refine.pdbx_diffrn_id                           1 
_refine.pdbx_TLS_residual_ADP_flag               ? 
_refine.correlation_coeff_Fo_to_Fc               ? 
_refine.correlation_coeff_Fo_to_Fc_free          ? 
_refine.pdbx_solvent_vdw_probe_radii             ? 
_refine.pdbx_solvent_ion_probe_radii             ? 
_refine.pdbx_solvent_shrinkage_radii             ? 
_refine.pdbx_overall_phase_error                 ? 
_refine.overall_SU_R_Cruickshank_DPI             ? 
_refine.pdbx_overall_SU_R_free_Cruickshank_DPI   ? 
_refine.pdbx_overall_SU_R_Blow_DPI               ? 
_refine.pdbx_overall_SU_R_free_Blow_DPI          ? 
# 
_refine_hist.pdbx_refine_id                   'X-RAY DIFFRACTION' 
_refine_hist.cycle_id                         LAST 
_refine_hist.pdbx_number_atoms_protein        1093 
_refine_hist.pdbx_number_atoms_nucleic_acid   0 
_refine_hist.pdbx_number_atoms_ligand         43 
_refine_hist.number_atoms_solvent             81 
_refine_hist.number_atoms_total               1217 
_refine_hist.d_res_high                       1.74 
_refine_hist.d_res_low                        6.0 
# 
loop_
_refine_ls_restr.type 
_refine_ls_restr.dev_ideal 
_refine_ls_restr.dev_ideal_target 
_refine_ls_restr.weight 
_refine_ls_restr.number 
_refine_ls_restr.pdbx_refine_id 
_refine_ls_restr.pdbx_restraint_function 
p_bond_d            0.019 ? ? ? 'X-RAY DIFFRACTION' ? 
p_angle_d           0.041 ? ? ? 'X-RAY DIFFRACTION' ? 
p_angle_deg         ?     ? ? ? 'X-RAY DIFFRACTION' ? 
p_planar_d          0.044 ? ? ? 'X-RAY DIFFRACTION' ? 
p_hb_or_metal_coord ?     ? ? ? 'X-RAY DIFFRACTION' ? 
p_mcbond_it         ?     ? ? ? 'X-RAY DIFFRACTION' ? 
p_mcangle_it        ?     ? ? ? 'X-RAY DIFFRACTION' ? 
p_scbond_it         ?     ? ? ? 'X-RAY DIFFRACTION' ? 
p_scangle_it        ?     ? ? ? 'X-RAY DIFFRACTION' ? 
p_plane_restr       ?     ? ? ? 'X-RAY DIFFRACTION' ? 
p_chiral_restr      ?     ? ? ? 'X-RAY DIFFRACTION' ? 
p_singtor_nbd       ?     ? ? ? 'X-RAY DIFFRACTION' ? 
p_multtor_nbd       ?     ? ? ? 'X-RAY DIFFRACTION' ? 
p_xhyhbond_nbd      ?     ? ? ? 'X-RAY DIFFRACTION' ? 
p_xyhbond_nbd       ?     ? ? ? 'X-RAY DIFFRACTION' ? 
p_planar_tor        ?     ? ? ? 'X-RAY DIFFRACTION' ? 
p_staggered_tor     ?     ? ? ? 'X-RAY DIFFRACTION' ? 
p_orthonormal_tor   ?     ? ? ? 'X-RAY DIFFRACTION' ? 
p_transverse_tor    ?     ? ? ? 'X-RAY DIFFRACTION' ? 
p_special_tor       ?     ? ? ? 'X-RAY DIFFRACTION' ? 
# 
_struct.entry_id                  1MYT 
_struct.title                     
;CRYSTAL STRUCTURE TO 1.74 ANGSTROMS RESOLUTION OF METMYOGLOBIN FROM YELLOWFIN TUNA (THUNNUS ALBACARES): AN EXAMPLE OF A MYOGLOBIN LACKING THE D HELIX
;
_struct.pdbx_model_details        ? 
_struct.pdbx_CASP_flag            ? 
_struct.pdbx_model_type_details   ? 
# 
_struct_keywords.entry_id        1MYT 
_struct_keywords.pdbx_keywords   'OXYGEN TRANSPORT' 
_struct_keywords.text            'OXYGEN TRANSPORT' 
# 
loop_
_struct_asym.id 
_struct_asym.pdbx_blank_PDB_chainid_flag 
_struct_asym.pdbx_modified 
_struct_asym.entity_id 
_struct_asym.details 
A N N 1 ? 
B N N 2 ? 
C N N 3 ? 
# 
_struct_ref.id                         1 
_struct_ref.db_name                    UNP 
_struct_ref.db_code                    MYG_THUAL 
_struct_ref.entity_id                  1 
_struct_ref.pdbx_db_accession          P02205 
_struct_ref.pdbx_align_begin           1 
_struct_ref.pdbx_seq_one_letter_code   
;ADFDAVLKCWGPVEADYTTMGGLVLTRLFKEHPETQKLFPKFAGIAQADIAGNAAISAHGATVLKKLGELLKAKGSHAAI
LKPLANSHATKHKIPINNFKLISEVLVKVMHEKAGLDAGGQTALRNVMGIIIADLEANYKELGFSG
;
_struct_ref.pdbx_db_isoform            ? 
# 
_struct_ref_seq.align_id                      1 
_struct_ref_seq.ref_id                        1 
_struct_ref_seq.pdbx_PDB_id_code              1MYT 
_struct_ref_seq.pdbx_strand_id                A 
_struct_ref_seq.seq_align_beg                 1 
_struct_ref_seq.pdbx_seq_align_beg_ins_code   ? 
_struct_ref_seq.seq_align_end                 146 
_struct_ref_seq.pdbx_seq_align_end_ins_code   ? 
_struct_ref_seq.pdbx_db_accession             P02205 
_struct_ref_seq.db_align_beg                  1 
_struct_ref_seq.pdbx_db_align_beg_ins_code    ? 
_struct_ref_seq.db_align_end                  146 
_struct_ref_seq.pdbx_db_align_end_ins_code    ? 
_struct_ref_seq.pdbx_auth_seq_align_beg       5 
_struct_ref_seq.pdbx_auth_seq_align_end       153 
# 
_pdbx_struct_assembly.id                   1 
_pdbx_struct_assembly.details              author_defined_assembly 
_pdbx_struct_assembly.method_details       ? 
_pdbx_struct_assembly.oligomeric_details   monomeric 
_pdbx_struct_assembly.oligomeric_count     1 
# 
_pdbx_struct_assembly_gen.assembly_id       1 
_pdbx_struct_assembly_gen.oper_expression   1 
_pdbx_struct_assembly_gen.asym_id_list      A,B,C 
# 
_pdbx_struct_oper_list.id                   1 
_pdbx_struct_oper_list.type                 'identity operation' 
_pdbx_struct_oper_list.name                 1_555 
_pdbx_struct_oper_list.symmetry_operation   x,y,z 
_pdbx_struct_oper_list.matrix[1][1]         1.0000000000 
_pdbx_struct_oper_list.matrix[1][2]         0.0000000000 
_pdbx_struct_oper_list.matrix[1][3]         0.0000000000 
_pdbx_struct_oper_list.vector[1]            0.0000000000 
_pdbx_struct_oper_list.matrix[2][1]         0.0000000000 
_pdbx_struct_oper_list.matrix[2][2]         1.0000000000 
_pdbx_struct_oper_list.matrix[2][3]         0.0000000000 
_pdbx_struct_oper_list.vector[2]            0.0000000000 
_pdbx_struct_oper_list.matrix[3][1]         0.0000000000 
_pdbx_struct_oper_list.matrix[3][2]         0.0000000000 
_pdbx_struct_oper_list.matrix[3][3]         1.0000000000 
_pdbx_struct_oper_list.vector[3]            0.0000000000 
# 
_struct_biol.id   1 
# 
loop_
_struct_conf.conf_type_id 
_struct_conf.id 
_struct_conf.pdbx_PDB_helix_id 
_struct_conf.beg_label_comp_id 
_struct_conf.beg_label_asym_id 
_struct_conf.beg_label_seq_id 
_struct_conf.pdbx_beg_PDB_ins_code 
_struct_conf.end_label_comp_id 
_struct_conf.end_label_asym_id 
_struct_conf.end_label_seq_id 
_struct_conf.pdbx_end_PDB_ins_code 
_struct_conf.beg_auth_comp_id 
_struct_conf.beg_auth_asym_id 
_struct_conf.beg_auth_seq_id 
_struct_conf.end_auth_comp_id 
_struct_conf.end_auth_asym_id 
_struct_conf.end_auth_seq_id 
_struct_conf.pdbx_PDB_helix_class 
_struct_conf.details 
_struct_conf.pdbx_PDB_helix_length 
HELX_P HELX_P1 A ASP A 2   ? ALA A 15  ? ASP A 6   ALA A 19  1 'KINKED DUE TO PRO 16' 14 
HELX_P HELX_P2 B TYR A 17  ? GLU A 31  ? TYR A 21  GLU A 35  1 ?                      15 
HELX_P HELX_P3 C PRO A 33  ? LEU A 38  ? PRO A 37  LEU A 42  5 ?                      6  
HELX_P HELX_P4 E ALA A 55  ? LYS A 72  ? ALA A 60  LYS A 77  1 ?                      18 
HELX_P HELX_P5 F ILE A 80  ? HIS A 88  ? ILE A 85  HIS A 93  1 ?                      9  
HELX_P HELX_P6 G ILE A 96  ? GLU A 112 ? ILE A 101 GLU A 117 1 ?                      17 
HELX_P HELX_P7 H GLY A 119 ? ASN A 138 ? GLY A 126 ASN A 145 1 ?                      20 
# 
_struct_conf_type.id          HELX_P 
_struct_conf_type.criteria    ? 
_struct_conf_type.reference   ? 
# 
loop_
_struct_conn.id 
_struct_conn.conn_type_id 
_struct_conn.pdbx_leaving_atom_flag 
_struct_conn.pdbx_PDB_id 
_struct_conn.ptnr1_label_asym_id 
_struct_conn.ptnr1_label_comp_id 
_struct_conn.ptnr1_label_seq_id 
_struct_conn.ptnr1_label_atom_id 
_struct_conn.pdbx_ptnr1_label_alt_id 
_struct_conn.pdbx_ptnr1_PDB_ins_code 
_struct_conn.pdbx_ptnr1_standard_comp_id 
_struct_conn.ptnr1_symmetry 
_struct_conn.ptnr2_label_asym_id 
_struct_conn.ptnr2_label_comp_id 
_struct_conn.ptnr2_label_seq_id 
_struct_conn.ptnr2_label_atom_id 
_struct_conn.pdbx_ptnr2_label_alt_id 
_struct_conn.pdbx_ptnr2_PDB_ins_code 
_struct_conn.ptnr1_auth_asym_id 
_struct_conn.ptnr1_auth_comp_id 
_struct_conn.ptnr1_auth_seq_id 
_struct_conn.ptnr2_auth_asym_id 
_struct_conn.ptnr2_auth_comp_id 
_struct_conn.ptnr2_auth_seq_id 
_struct_conn.ptnr2_symmetry 
_struct_conn.pdbx_ptnr3_label_atom_id 
_struct_conn.pdbx_ptnr3_label_seq_id 
_struct_conn.pdbx_ptnr3_label_comp_id 
_struct_conn.pdbx_ptnr3_label_asym_id 
_struct_conn.pdbx_ptnr3_label_alt_id 
_struct_conn.pdbx_ptnr3_PDB_ins_code 
_struct_conn.details 
_struct_conn.pdbx_dist_value 
_struct_conn.pdbx_value_order 
_struct_conn.pdbx_role 
metalc1 metalc ? ? A HIS 88 NE2 ? ? ? 1_555 B HEM . FE ? ? A HIS 93  A HEM 154 1_555 ? ? ? ? ? ? ? 2.185 ? ? 
metalc2 metalc ? ? B HEM .  FE  ? ? ? 1_555 C HOH . O  ? ? A HEM 154 A HOH 196 1_555 ? ? ? ? ? ? ? 2.239 ? ? 
# 
_struct_conn_type.id          metalc 
_struct_conn_type.criteria    ? 
_struct_conn_type.reference   ? 
# 
loop_
_pdbx_struct_conn_angle.id 
_pdbx_struct_conn_angle.ptnr1_label_atom_id 
_pdbx_struct_conn_angle.ptnr1_label_alt_id 
_pdbx_struct_conn_angle.ptnr1_label_asym_id 
_pdbx_struct_conn_angle.ptnr1_label_comp_id 
_pdbx_struct_conn_angle.ptnr1_label_seq_id 
_pdbx_struct_conn_angle.ptnr1_auth_atom_id 
_pdbx_struct_conn_angle.ptnr1_auth_asym_id 
_pdbx_struct_conn_angle.ptnr1_auth_comp_id 
_pdbx_struct_conn_angle.ptnr1_auth_seq_id 
_pdbx_struct_conn_angle.ptnr1_PDB_ins_code 
_pdbx_struct_conn_angle.ptnr1_symmetry 
_pdbx_struct_conn_angle.ptnr2_label_atom_id 
_pdbx_struct_conn_angle.ptnr2_label_alt_id 
_pdbx_struct_conn_angle.ptnr2_label_asym_id 
_pdbx_struct_conn_angle.ptnr2_label_comp_id 
_pdbx_struct_conn_angle.ptnr2_label_seq_id 
_pdbx_struct_conn_angle.ptnr2_auth_atom_id 
_pdbx_struct_conn_angle.ptnr2_auth_asym_id 
_pdbx_struct_conn_angle.ptnr2_auth_comp_id 
_pdbx_struct_conn_angle.ptnr2_auth_seq_id 
_pdbx_struct_conn_angle.ptnr2_PDB_ins_code 
_pdbx_struct_conn_angle.ptnr2_symmetry 
_pdbx_struct_conn_angle.ptnr3_label_atom_id 
_pdbx_struct_conn_angle.ptnr3_label_alt_id 
_pdbx_struct_conn_angle.ptnr3_label_asym_id 
_pdbx_struct_conn_angle.ptnr3_label_comp_id 
_pdbx_struct_conn_angle.ptnr3_label_seq_id 
_pdbx_struct_conn_angle.ptnr3_auth_atom_id 
_pdbx_struct_conn_angle.ptnr3_auth_asym_id 
_pdbx_struct_conn_angle.ptnr3_auth_comp_id 
_pdbx_struct_conn_angle.ptnr3_auth_seq_id 
_pdbx_struct_conn_angle.ptnr3_PDB_ins_code 
_pdbx_struct_conn_angle.ptnr3_symmetry 
_pdbx_struct_conn_angle.value 
_pdbx_struct_conn_angle.value_esd 
1  NE2 ? A HIS 88 ? A HIS 93  ? 1_555 FE ? B HEM . ? A HEM 154 ? 1_555 NA ? B HEM . ? A HEM 154 ? 1_555 89.8  ? 
2  NE2 ? A HIS 88 ? A HIS 93  ? 1_555 FE ? B HEM . ? A HEM 154 ? 1_555 NB ? B HEM . ? A HEM 154 ? 1_555 92.8  ? 
3  NA  ? B HEM .  ? A HEM 154 ? 1_555 FE ? B HEM . ? A HEM 154 ? 1_555 NB ? B HEM . ? A HEM 154 ? 1_555 90.3  ? 
4  NE2 ? A HIS 88 ? A HIS 93  ? 1_555 FE ? B HEM . ? A HEM 154 ? 1_555 NC ? B HEM . ? A HEM 154 ? 1_555 94.9  ? 
5  NA  ? B HEM .  ? A HEM 154 ? 1_555 FE ? B HEM . ? A HEM 154 ? 1_555 NC ? B HEM . ? A HEM 154 ? 1_555 175.3 ? 
6  NB  ? B HEM .  ? A HEM 154 ? 1_555 FE ? B HEM . ? A HEM 154 ? 1_555 NC ? B HEM . ? A HEM 154 ? 1_555 89.5  ? 
7  NE2 ? A HIS 88 ? A HIS 93  ? 1_555 FE ? B HEM . ? A HEM 154 ? 1_555 ND ? B HEM . ? A HEM 154 ? 1_555 93.3  ? 
8  NA  ? B HEM .  ? A HEM 154 ? 1_555 FE ? B HEM . ? A HEM 154 ? 1_555 ND ? B HEM . ? A HEM 154 ? 1_555 91.1  ? 
9  NB  ? B HEM .  ? A HEM 154 ? 1_555 FE ? B HEM . ? A HEM 154 ? 1_555 ND ? B HEM . ? A HEM 154 ? 1_555 173.7 ? 
10 NC  ? B HEM .  ? A HEM 154 ? 1_555 FE ? B HEM . ? A HEM 154 ? 1_555 ND ? B HEM . ? A HEM 154 ? 1_555 88.6  ? 
11 NE2 ? A HIS 88 ? A HIS 93  ? 1_555 FE ? B HEM . ? A HEM 154 ? 1_555 O  ? C HOH . ? A HOH 196 ? 1_555 177.2 ? 
12 NA  ? B HEM .  ? A HEM 154 ? 1_555 FE ? B HEM . ? A HEM 154 ? 1_555 O  ? C HOH . ? A HOH 196 ? 1_555 92.9  ? 
13 NB  ? B HEM .  ? A HEM 154 ? 1_555 FE ? B HEM . ? A HEM 154 ? 1_555 O  ? C HOH . ? A HOH 196 ? 1_555 87.6  ? 
14 NC  ? B HEM .  ? A HEM 154 ? 1_555 FE ? B HEM . ? A HEM 154 ? 1_555 O  ? C HOH . ? A HOH 196 ? 1_555 82.3  ? 
15 ND  ? B HEM .  ? A HEM 154 ? 1_555 FE ? B HEM . ? A HEM 154 ? 1_555 O  ? C HOH . ? A HOH 196 ? 1_555 86.3  ? 
# 
_struct_site.id                   AC1 
_struct_site.pdbx_evidence_code   Software 
_struct_site.pdbx_auth_asym_id    A 
_struct_site.pdbx_auth_comp_id    HEM 
_struct_site.pdbx_auth_seq_id     154 
_struct_site.pdbx_auth_ins_code   ? 
_struct_site.pdbx_num_residues    16 
_struct_site.details              'BINDING SITE FOR RESIDUE HEM A 154' 
# 
loop_
_struct_site_gen.id 
_struct_site_gen.site_id 
_struct_site_gen.pdbx_num_res 
_struct_site_gen.label_comp_id 
_struct_site_gen.label_asym_id 
_struct_site_gen.label_seq_id 
_struct_site_gen.pdbx_auth_ins_code 
_struct_site_gen.auth_comp_id 
_struct_site_gen.auth_asym_id 
_struct_site_gen.auth_seq_id 
_struct_site_gen.label_atom_id 
_struct_site_gen.label_alt_id 
_struct_site_gen.symmetry 
_struct_site_gen.details 
1  AC1 16 LEU A 38 ? LEU A 42  . ? 1_555 ? 
2  AC1 16 PHE A 39 ? PHE A 43  . ? 1_555 ? 
3  AC1 16 LYS A 41 ? LYS A 45  . ? 1_555 ? 
4  AC1 16 HIS A 59 ? HIS A 64  . ? 1_555 ? 
5  AC1 16 THR A 62 ? THR A 67  . ? 1_555 ? 
6  AC1 16 VAL A 63 ? VAL A 68  . ? 1_555 ? 
7  AC1 16 LEU A 84 ? LEU A 89  . ? 1_555 ? 
8  AC1 16 SER A 87 ? SER A 92  . ? 1_555 ? 
9  AC1 16 HIS A 88 ? HIS A 93  . ? 1_555 ? 
10 AC1 16 HIS A 92 ? HIS A 97  . ? 1_555 ? 
11 AC1 16 ILE A 94 ? ILE A 99  . ? 1_555 ? 
12 AC1 16 ASN A 98 ? ASN A 103 . ? 1_555 ? 
13 AC1 16 PHE A 99 ? PHE A 104 . ? 1_555 ? 
14 AC1 16 HOH C .  ? HOH A 196 . ? 1_555 ? 
15 AC1 16 HOH C .  ? HOH A 227 . ? 1_555 ? 
16 AC1 16 HOH C .  ? HOH A 229 . ? 1_555 ? 
# 
_pdbx_validate_close_contact.id               1 
_pdbx_validate_close_contact.PDB_model_num    1 
_pdbx_validate_close_contact.auth_atom_id_1   O 
_pdbx_validate_close_contact.auth_asym_id_1   A 
_pdbx_validate_close_contact.auth_comp_id_1   PHE 
_pdbx_validate_close_contact.auth_seq_id_1    151 
_pdbx_validate_close_contact.PDB_ins_code_1   ? 
_pdbx_validate_close_contact.label_alt_id_1   ? 
_pdbx_validate_close_contact.auth_atom_id_2   N 
_pdbx_validate_close_contact.auth_asym_id_2   A 
_pdbx_validate_close_contact.auth_comp_id_2   SER 
_pdbx_validate_close_contact.auth_seq_id_2    152 
_pdbx_validate_close_contact.PDB_ins_code_2   ? 
_pdbx_validate_close_contact.label_alt_id_2   ? 
_pdbx_validate_close_contact.dist             1.79 
# 
loop_
_pdbx_validate_rmsd_bond.id 
_pdbx_validate_rmsd_bond.PDB_model_num 
_pdbx_validate_rmsd_bond.auth_atom_id_1 
_pdbx_validate_rmsd_bond.auth_asym_id_1 
_pdbx_validate_rmsd_bond.auth_comp_id_1 
_pdbx_validate_rmsd_bond.auth_seq_id_1 
_pdbx_validate_rmsd_bond.PDB_ins_code_1 
_pdbx_validate_rmsd_bond.label_alt_id_1 
_pdbx_validate_rmsd_bond.auth_atom_id_2 
_pdbx_validate_rmsd_bond.auth_asym_id_2 
_pdbx_validate_rmsd_bond.auth_comp_id_2 
_pdbx_validate_rmsd_bond.auth_seq_id_2 
_pdbx_validate_rmsd_bond.PDB_ins_code_2 
_pdbx_validate_rmsd_bond.label_alt_id_2 
_pdbx_validate_rmsd_bond.bond_value 
_pdbx_validate_rmsd_bond.bond_target_value 
_pdbx_validate_rmsd_bond.bond_deviation 
_pdbx_validate_rmsd_bond.bond_standard_deviation 
_pdbx_validate_rmsd_bond.linker_flag 
1 1 C  A PHE 151 ? ? N   A SER 152 ? ? 1.117 1.336 -0.219 0.023 Y 
2 1 CA A GLY 153 ? ? C   A GLY 153 ? ? 1.662 1.514 0.148  0.016 N 
3 1 C  A GLY 153 ? ? OXT A GLY 153 ? ? 1.484 1.229 0.255  0.019 N 
# 
loop_
_pdbx_validate_rmsd_angle.id 
_pdbx_validate_rmsd_angle.PDB_model_num 
_pdbx_validate_rmsd_angle.auth_atom_id_1 
_pdbx_validate_rmsd_angle.auth_asym_id_1 
_pdbx_validate_rmsd_angle.auth_comp_id_1 
_pdbx_validate_rmsd_angle.auth_seq_id_1 
_pdbx_validate_rmsd_angle.PDB_ins_code_1 
_pdbx_validate_rmsd_angle.label_alt_id_1 
_pdbx_validate_rmsd_angle.auth_atom_id_2 
_pdbx_validate_rmsd_angle.auth_asym_id_2 
_pdbx_validate_rmsd_angle.auth_comp_id_2 
_pdbx_validate_rmsd_angle.auth_seq_id_2 
_pdbx_validate_rmsd_angle.PDB_ins_code_2 
_pdbx_validate_rmsd_angle.label_alt_id_2 
_pdbx_validate_rmsd_angle.auth_atom_id_3 
_pdbx_validate_rmsd_angle.auth_asym_id_3 
_pdbx_validate_rmsd_angle.auth_comp_id_3 
_pdbx_validate_rmsd_angle.auth_seq_id_3 
_pdbx_validate_rmsd_angle.PDB_ins_code_3 
_pdbx_validate_rmsd_angle.label_alt_id_3 
_pdbx_validate_rmsd_angle.angle_value 
_pdbx_validate_rmsd_angle.angle_target_value 
_pdbx_validate_rmsd_angle.angle_deviation 
_pdbx_validate_rmsd_angle.angle_standard_deviation 
_pdbx_validate_rmsd_angle.linker_flag 
1  1 O   A ASP 20  ? ? C  A ASP 20  ? ? N   A TYR 21  ? ? 134.50 122.70 11.80  1.60 Y 
2  1 CB  A LEU 29  ? ? CG A LEU 29  ? ? CD1 A LEU 29  ? ? 124.92 111.00 13.92  1.70 N 
3  1 CB  A PHE 33  ? ? CG A PHE 33  ? ? CD2 A PHE 33  ? ? 115.03 120.80 -5.77  0.70 N 
4  1 CB  A PHE 46  ? ? CG A PHE 46  ? ? CD2 A PHE 46  ? ? 112.23 120.80 -8.57  0.70 N 
5  1 CB  A PHE 46  ? ? CG A PHE 46  ? ? CD1 A PHE 46  ? ? 126.10 120.80 5.30   0.70 N 
6  1 CA  A GLU 74  ? ? CB A GLU 74  ? ? CG  A GLU 74  ? ? 128.78 113.40 15.38  2.20 N 
7  1 OE1 A GLU 74  ? ? CD A GLU 74  ? ? OE2 A GLU 74  ? ? 131.65 123.30 8.35   1.20 N 
8  1 CG  A GLU 74  ? ? CD A GLU 74  ? ? OE2 A GLU 74  ? ? 106.14 118.30 -12.16 2.00 N 
9  1 CA  A LEU 111 ? ? CB A LEU 111 ? ? CG  A LEU 111 ? ? 130.78 115.30 15.48  2.30 N 
10 1 O   A ASP 122 ? ? C  A ASP 122 ? ? N   A ALA 125 ? ? 111.91 122.70 -10.79 1.60 Y 
11 1 CB  A ALA 125 ? ? CA A ALA 125 ? ? C   A ALA 125 ? ? 122.49 110.10 12.39  1.50 N 
12 1 N   A GLN 128 ? ? CA A GLN 128 ? ? CB  A GLN 128 ? ? 122.83 110.60 12.23  1.80 N 
13 1 OE1 A GLU 143 ? ? CD A GLU 143 ? ? OE2 A GLU 143 ? ? 131.25 123.30 7.95   1.20 N 
14 1 CB  A TYR 146 ? ? CG A TYR 146 ? ? CD1 A TYR 146 ? ? 124.92 121.00 3.92   0.60 N 
15 1 CA  A LEU 149 ? ? CB A LEU 149 ? ? CG  A LEU 149 ? ? 131.08 115.30 15.78  2.30 N 
16 1 O   A PHE 151 ? ? C  A PHE 151 ? ? N   A SER 152 ? ? 97.98  122.70 -24.72 1.60 Y 
17 1 O   A SER 152 ? ? C  A SER 152 ? ? N   A GLY 153 ? ? 100.74 123.20 -22.46 1.70 Y 
18 1 C   A SER 152 ? ? N  A GLY 153 ? ? CA  A GLY 153 ? ? 166.30 122.30 44.00  2.10 Y 
# 
loop_
_pdbx_validate_torsion.id 
_pdbx_validate_torsion.PDB_model_num 
_pdbx_validate_torsion.auth_comp_id 
_pdbx_validate_torsion.auth_asym_id 
_pdbx_validate_torsion.auth_seq_id 
_pdbx_validate_torsion.PDB_ins_code 
_pdbx_validate_torsion.label_alt_id 
_pdbx_validate_torsion.phi 
_pdbx_validate_torsion.psi 
1 1 ASP A 20  ? ? -160.65 81.35   
2 1 SER A 81  ? ? -105.31 60.55   
3 1 PHE A 151 ? ? -106.97 49.82   
4 1 SER A 152 ? ? 89.81   -164.67 
# 
loop_
_pdbx_validate_main_chain_plane.id 
_pdbx_validate_main_chain_plane.PDB_model_num 
_pdbx_validate_main_chain_plane.auth_comp_id 
_pdbx_validate_main_chain_plane.auth_asym_id 
_pdbx_validate_main_chain_plane.auth_seq_id 
_pdbx_validate_main_chain_plane.PDB_ins_code 
_pdbx_validate_main_chain_plane.label_alt_id 
_pdbx_validate_main_chain_plane.improper_torsion_angle 
1 1 PHE A 151 ? ? 38.79 
2 1 SER A 152 ? ? 25.91 
# 
_pdbx_validate_polymer_linkage.id               1 
_pdbx_validate_polymer_linkage.PDB_model_num    1 
_pdbx_validate_polymer_linkage.auth_atom_id_1   C 
_pdbx_validate_polymer_linkage.auth_asym_id_1   A 
_pdbx_validate_polymer_linkage.auth_comp_id_1   PHE 
_pdbx_validate_polymer_linkage.auth_seq_id_1    151 
_pdbx_validate_polymer_linkage.PDB_ins_code_1   ? 
_pdbx_validate_polymer_linkage.label_alt_id_1   ? 
_pdbx_validate_polymer_linkage.auth_atom_id_2   N 
_pdbx_validate_polymer_linkage.auth_asym_id_2   A 
_pdbx_validate_polymer_linkage.auth_comp_id_2   SER 
_pdbx_validate_polymer_linkage.auth_seq_id_2    152 
_pdbx_validate_polymer_linkage.PDB_ins_code_2   ? 
_pdbx_validate_polymer_linkage.label_alt_id_2   ? 
_pdbx_validate_polymer_linkage.dist             1.12 
# 
loop_
_chem_comp_atom.comp_id 
_chem_comp_atom.atom_id 
_chem_comp_atom.type_symbol 
_chem_comp_atom.pdbx_aromatic_flag 
_chem_comp_atom.pdbx_stereo_config 
_chem_comp_atom.pdbx_ordinal 
ALA N    N  N N 1   
ALA CA   C  N S 2   
ALA C    C  N N 3   
ALA O    O  N N 4   
ALA CB   C  N N 5   
ALA OXT  O  N N 6   
ALA H    H  N N 7   
ALA H2   H  N N 8   
ALA HA   H  N N 9   
ALA HB1  H  N N 10  
ALA HB2  H  N N 11  
ALA HB3  H  N N 12  
ALA HXT  H  N N 13  
ARG N    N  N N 14  
ARG CA   C  N S 15  
ARG C    C  N N 16  
ARG O    O  N N 17  
ARG CB   C  N N 18  
ARG CG   C  N N 19  
ARG CD   C  N N 20  
ARG NE   N  N N 21  
ARG CZ   C  N N 22  
ARG NH1  N  N N 23  
ARG NH2  N  N N 24  
ARG OXT  O  N N 25  
ARG H    H  N N 26  
ARG H2   H  N N 27  
ARG HA   H  N N 28  
ARG HB2  H  N N 29  
ARG HB3  H  N N 30  
ARG HG2  H  N N 31  
ARG HG3  H  N N 32  
ARG HD2  H  N N 33  
ARG HD3  H  N N 34  
ARG HE   H  N N 35  
ARG HH11 H  N N 36  
ARG HH12 H  N N 37  
ARG HH21 H  N N 38  
ARG HH22 H  N N 39  
ARG HXT  H  N N 40  
ASN N    N  N N 41  
ASN CA   C  N S 42  
ASN C    C  N N 43  
ASN O    O  N N 44  
ASN CB   C  N N 45  
ASN CG   C  N N 46  
ASN OD1  O  N N 47  
ASN ND2  N  N N 48  
ASN OXT  O  N N 49  
ASN H    H  N N 50  
ASN H2   H  N N 51  
ASN HA   H  N N 52  
ASN HB2  H  N N 53  
ASN HB3  H  N N 54  
ASN HD21 H  N N 55  
ASN HD22 H  N N 56  
ASN HXT  H  N N 57  
ASP N    N  N N 58  
ASP CA   C  N S 59  
ASP C    C  N N 60  
ASP O    O  N N 61  
ASP CB   C  N N 62  
ASP CG   C  N N 63  
ASP OD1  O  N N 64  
ASP OD2  O  N N 65  
ASP OXT  O  N N 66  
ASP H    H  N N 67  
ASP H2   H  N N 68  
ASP HA   H  N N 69  
ASP HB2  H  N N 70  
ASP HB3  H  N N 71  
ASP HD2  H  N N 72  
ASP HXT  H  N N 73  
CYS N    N  N N 74  
CYS CA   C  N R 75  
CYS C    C  N N 76  
CYS O    O  N N 77  
CYS CB   C  N N 78  
CYS SG   S  N N 79  
CYS OXT  O  N N 80  
CYS H    H  N N 81  
CYS H2   H  N N 82  
CYS HA   H  N N 83  
CYS HB2  H  N N 84  
CYS HB3  H  N N 85  
CYS HG   H  N N 86  
CYS HXT  H  N N 87  
GLN N    N  N N 88  
GLN CA   C  N S 89  
GLN C    C  N N 90  
GLN O    O  N N 91  
GLN CB   C  N N 92  
GLN CG   C  N N 93  
GLN CD   C  N N 94  
GLN OE1  O  N N 95  
GLN NE2  N  N N 96  
GLN OXT  O  N N 97  
GLN H    H  N N 98  
GLN H2   H  N N 99  
GLN HA   H  N N 100 
GLN HB2  H  N N 101 
GLN HB3  H  N N 102 
GLN HG2  H  N N 103 
GLN HG3  H  N N 104 
GLN HE21 H  N N 105 
GLN HE22 H  N N 106 
GLN HXT  H  N N 107 
GLU N    N  N N 108 
GLU CA   C  N S 109 
GLU C    C  N N 110 
GLU O    O  N N 111 
GLU CB   C  N N 112 
GLU CG   C  N N 113 
GLU CD   C  N N 114 
GLU OE1  O  N N 115 
GLU OE2  O  N N 116 
GLU OXT  O  N N 117 
GLU H    H  N N 118 
GLU H2   H  N N 119 
GLU HA   H  N N 120 
GLU HB2  H  N N 121 
GLU HB3  H  N N 122 
GLU HG2  H  N N 123 
GLU HG3  H  N N 124 
GLU HE2  H  N N 125 
GLU HXT  H  N N 126 
GLY N    N  N N 127 
GLY CA   C  N N 128 
GLY C    C  N N 129 
GLY O    O  N N 130 
GLY OXT  O  N N 131 
GLY H    H  N N 132 
GLY H2   H  N N 133 
GLY HA2  H  N N 134 
GLY HA3  H  N N 135 
GLY HXT  H  N N 136 
HEM CHA  C  N N 137 
HEM CHB  C  N N 138 
HEM CHC  C  N N 139 
HEM CHD  C  N N 140 
HEM C1A  C  Y N 141 
HEM C2A  C  Y N 142 
HEM C3A  C  Y N 143 
HEM C4A  C  Y N 144 
HEM CMA  C  N N 145 
HEM CAA  C  N N 146 
HEM CBA  C  N N 147 
HEM CGA  C  N N 148 
HEM O1A  O  N N 149 
HEM O2A  O  N N 150 
HEM C1B  C  N N 151 
HEM C2B  C  N N 152 
HEM C3B  C  N N 153 
HEM C4B  C  N N 154 
HEM CMB  C  N N 155 
HEM CAB  C  N N 156 
HEM CBB  C  N N 157 
HEM C1C  C  Y N 158 
HEM C2C  C  Y N 159 
HEM C3C  C  Y N 160 
HEM C4C  C  Y N 161 
HEM CMC  C  N N 162 
HEM CAC  C  N N 163 
HEM CBC  C  N N 164 
HEM C1D  C  N N 165 
HEM C2D  C  N N 166 
HEM C3D  C  N N 167 
HEM C4D  C  N N 168 
HEM CMD  C  N N 169 
HEM CAD  C  N N 170 
HEM CBD  C  N N 171 
HEM CGD  C  N N 172 
HEM O1D  O  N N 173 
HEM O2D  O  N N 174 
HEM NA   N  Y N 175 
HEM NB   N  N N 176 
HEM NC   N  Y N 177 
HEM ND   N  N N 178 
HEM FE   FE N N 179 
HEM HHB  H  N N 180 
HEM HHC  H  N N 181 
HEM HHD  H  N N 182 
HEM HMA  H  N N 183 
HEM HMAA H  N N 184 
HEM HMAB H  N N 185 
HEM HAA  H  N N 186 
HEM HAAA H  N N 187 
HEM HBA  H  N N 188 
HEM HBAA H  N N 189 
HEM HMB  H  N N 190 
HEM HMBA H  N N 191 
HEM HMBB H  N N 192 
HEM HAB  H  N N 193 
HEM HBB  H  N N 194 
HEM HBBA H  N N 195 
HEM HMC  H  N N 196 
HEM HMCA H  N N 197 
HEM HMCB H  N N 198 
HEM HAC  H  N N 199 
HEM HBC  H  N N 200 
HEM HBCA H  N N 201 
HEM HMD  H  N N 202 
HEM HMDA H  N N 203 
HEM HMDB H  N N 204 
HEM HAD  H  N N 205 
HEM HADA H  N N 206 
HEM HBD  H  N N 207 
HEM HBDA H  N N 208 
HEM H2A  H  N N 209 
HEM H2D  H  N N 210 
HEM HHA  H  N N 211 
HIS N    N  N N 212 
HIS CA   C  N S 213 
HIS C    C  N N 214 
HIS O    O  N N 215 
HIS CB   C  N N 216 
HIS CG   C  Y N 217 
HIS ND1  N  Y N 218 
HIS CD2  C  Y N 219 
HIS CE1  C  Y N 220 
HIS NE2  N  Y N 221 
HIS OXT  O  N N 222 
HIS H    H  N N 223 
HIS H2   H  N N 224 
HIS HA   H  N N 225 
HIS HB2  H  N N 226 
HIS HB3  H  N N 227 
HIS HD1  H  N N 228 
HIS HD2  H  N N 229 
HIS HE1  H  N N 230 
HIS HE2  H  N N 231 
HIS HXT  H  N N 232 
HOH O    O  N N 233 
HOH H1   H  N N 234 
HOH H2   H  N N 235 
ILE N    N  N N 236 
ILE CA   C  N S 237 
ILE C    C  N N 238 
ILE O    O  N N 239 
ILE CB   C  N S 240 
ILE CG1  C  N N 241 
ILE CG2  C  N N 242 
ILE CD1  C  N N 243 
ILE OXT  O  N N 244 
ILE H    H  N N 245 
ILE H2   H  N N 246 
ILE HA   H  N N 247 
ILE HB   H  N N 248 
ILE HG12 H  N N 249 
ILE HG13 H  N N 250 
ILE HG21 H  N N 251 
ILE HG22 H  N N 252 
ILE HG23 H  N N 253 
ILE HD11 H  N N 254 
ILE HD12 H  N N 255 
ILE HD13 H  N N 256 
ILE HXT  H  N N 257 
LEU N    N  N N 258 
LEU CA   C  N S 259 
LEU C    C  N N 260 
LEU O    O  N N 261 
LEU CB   C  N N 262 
LEU CG   C  N N 263 
LEU CD1  C  N N 264 
LEU CD2  C  N N 265 
LEU OXT  O  N N 266 
LEU H    H  N N 267 
LEU H2   H  N N 268 
LEU HA   H  N N 269 
LEU HB2  H  N N 270 
LEU HB3  H  N N 271 
LEU HG   H  N N 272 
LEU HD11 H  N N 273 
LEU HD12 H  N N 274 
LEU HD13 H  N N 275 
LEU HD21 H  N N 276 
LEU HD22 H  N N 277 
LEU HD23 H  N N 278 
LEU HXT  H  N N 279 
LYS N    N  N N 280 
LYS CA   C  N S 281 
LYS C    C  N N 282 
LYS O    O  N N 283 
LYS CB   C  N N 284 
LYS CG   C  N N 285 
LYS CD   C  N N 286 
LYS CE   C  N N 287 
LYS NZ   N  N N 288 
LYS OXT  O  N N 289 
LYS H    H  N N 290 
LYS H2   H  N N 291 
LYS HA   H  N N 292 
LYS HB2  H  N N 293 
LYS HB3  H  N N 294 
LYS HG2  H  N N 295 
LYS HG3  H  N N 296 
LYS HD2  H  N N 297 
LYS HD3  H  N N 298 
LYS HE2  H  N N 299 
LYS HE3  H  N N 300 
LYS HZ1  H  N N 301 
LYS HZ2  H  N N 302 
LYS HZ3  H  N N 303 
LYS HXT  H  N N 304 
MET N    N  N N 305 
MET CA   C  N S 306 
MET C    C  N N 307 
MET O    O  N N 308 
MET CB   C  N N 309 
MET CG   C  N N 310 
MET SD   S  N N 311 
MET CE   C  N N 312 
MET OXT  O  N N 313 
MET H    H  N N 314 
MET H2   H  N N 315 
MET HA   H  N N 316 
MET HB2  H  N N 317 
MET HB3  H  N N 318 
MET HG2  H  N N 319 
MET HG3  H  N N 320 
MET HE1  H  N N 321 
MET HE2  H  N N 322 
MET HE3  H  N N 323 
MET HXT  H  N N 324 
PHE N    N  N N 325 
PHE CA   C  N S 326 
PHE C    C  N N 327 
PHE O    O  N N 328 
PHE CB   C  N N 329 
PHE CG   C  Y N 330 
PHE CD1  C  Y N 331 
PHE CD2  C  Y N 332 
PHE CE1  C  Y N 333 
PHE CE2  C  Y N 334 
PHE CZ   C  Y N 335 
PHE OXT  O  N N 336 
PHE H    H  N N 337 
PHE H2   H  N N 338 
PHE HA   H  N N 339 
PHE HB2  H  N N 340 
PHE HB3  H  N N 341 
PHE HD1  H  N N 342 
PHE HD2  H  N N 343 
PHE HE1  H  N N 344 
PHE HE2  H  N N 345 
PHE HZ   H  N N 346 
PHE HXT  H  N N 347 
PRO N    N  N N 348 
PRO CA   C  N S 349 
PRO C    C  N N 350 
PRO O    O  N N 351 
PRO CB   C  N N 352 
PRO CG   C  N N 353 
PRO CD   C  N N 354 
PRO OXT  O  N N 355 
PRO H    H  N N 356 
PRO HA   H  N N 357 
PRO HB2  H  N N 358 
PRO HB3  H  N N 359 
PRO HG2  H  N N 360 
PRO HG3  H  N N 361 
PRO HD2  H  N N 362 
PRO HD3  H  N N 363 
PRO HXT  H  N N 364 
SER N    N  N N 365 
SER CA   C  N S 366 
SER C    C  N N 367 
SER O    O  N N 368 
SER CB   C  N N 369 
SER OG   O  N N 370 
SER OXT  O  N N 371 
SER H    H  N N 372 
SER H2   H  N N 373 
SER HA   H  N N 374 
SER HB2  H  N N 375 
SER HB3  H  N N 376 
SER HG   H  N N 377 
SER HXT  H  N N 378 
THR N    N  N N 379 
THR CA   C  N S 380 
THR C    C  N N 381 
THR O    O  N N 382 
THR CB   C  N R 383 
THR OG1  O  N N 384 
THR CG2  C  N N 385 
THR OXT  O  N N 386 
THR H    H  N N 387 
THR H2   H  N N 388 
THR HA   H  N N 389 
THR HB   H  N N 390 
THR HG1  H  N N 391 
THR HG21 H  N N 392 
THR HG22 H  N N 393 
THR HG23 H  N N 394 
THR HXT  H  N N 395 
TRP N    N  N N 396 
TRP CA   C  N S 397 
TRP C    C  N N 398 
TRP O    O  N N 399 
TRP CB   C  N N 400 
TRP CG   C  Y N 401 
TRP CD1  C  Y N 402 
TRP CD2  C  Y N 403 
TRP NE1  N  Y N 404 
TRP CE2  C  Y N 405 
TRP CE3  C  Y N 406 
TRP CZ2  C  Y N 407 
TRP CZ3  C  Y N 408 
TRP CH2  C  Y N 409 
TRP OXT  O  N N 410 
TRP H    H  N N 411 
TRP H2   H  N N 412 
TRP HA   H  N N 413 
TRP HB2  H  N N 414 
TRP HB3  H  N N 415 
TRP HD1  H  N N 416 
TRP HE1  H  N N 417 
TRP HE3  H  N N 418 
TRP HZ2  H  N N 419 
TRP HZ3  H  N N 420 
TRP HH2  H  N N 421 
TRP HXT  H  N N 422 
TYR N    N  N N 423 
TYR CA   C  N S 424 
TYR C    C  N N 425 
TYR O    O  N N 426 
TYR CB   C  N N 427 
TYR CG   C  Y N 428 
TYR CD1  C  Y N 429 
TYR CD2  C  Y N 430 
TYR CE1  C  Y N 431 
TYR CE2  C  Y N 432 
TYR CZ   C  Y N 433 
TYR OH   O  N N 434 
TYR OXT  O  N N 435 
TYR H    H  N N 436 
TYR H2   H  N N 437 
TYR HA   H  N N 438 
TYR HB2  H  N N 439 
TYR HB3  H  N N 440 
TYR HD1  H  N N 441 
TYR HD2  H  N N 442 
TYR HE1  H  N N 443 
TYR HE2  H  N N 444 
TYR HH   H  N N 445 
TYR HXT  H  N N 446 
VAL N    N  N N 447 
VAL CA   C  N S 448 
VAL C    C  N N 449 
VAL O    O  N N 450 
VAL CB   C  N N 451 
VAL CG1  C  N N 452 
VAL CG2  C  N N 453 
VAL OXT  O  N N 454 
VAL H    H  N N 455 
VAL H2   H  N N 456 
VAL HA   H  N N 457 
VAL HB   H  N N 458 
VAL HG11 H  N N 459 
VAL HG12 H  N N 460 
VAL HG13 H  N N 461 
VAL HG21 H  N N 462 
VAL HG22 H  N N 463 
VAL HG23 H  N N 464 
VAL HXT  H  N N 465 
# 
loop_
_chem_comp_bond.comp_id 
_chem_comp_bond.atom_id_1 
_chem_comp_bond.atom_id_2 
_chem_comp_bond.value_order 
_chem_comp_bond.pdbx_aromatic_flag 
_chem_comp_bond.pdbx_stereo_config 
_chem_comp_bond.pdbx_ordinal 
ALA N   CA   sing N N 1   
ALA N   H    sing N N 2   
ALA N   H2   sing N N 3   
ALA CA  C    sing N N 4   
ALA CA  CB   sing N N 5   
ALA CA  HA   sing N N 6   
ALA C   O    doub N N 7   
ALA C   OXT  sing N N 8   
ALA CB  HB1  sing N N 9   
ALA CB  HB2  sing N N 10  
ALA CB  HB3  sing N N 11  
ALA OXT HXT  sing N N 12  
ARG N   CA   sing N N 13  
ARG N   H    sing N N 14  
ARG N   H2   sing N N 15  
ARG CA  C    sing N N 16  
ARG CA  CB   sing N N 17  
ARG CA  HA   sing N N 18  
ARG C   O    doub N N 19  
ARG C   OXT  sing N N 20  
ARG CB  CG   sing N N 21  
ARG CB  HB2  sing N N 22  
ARG CB  HB3  sing N N 23  
ARG CG  CD   sing N N 24  
ARG CG  HG2  sing N N 25  
ARG CG  HG3  sing N N 26  
ARG CD  NE   sing N N 27  
ARG CD  HD2  sing N N 28  
ARG CD  HD3  sing N N 29  
ARG NE  CZ   sing N N 30  
ARG NE  HE   sing N N 31  
ARG CZ  NH1  sing N N 32  
ARG CZ  NH2  doub N N 33  
ARG NH1 HH11 sing N N 34  
ARG NH1 HH12 sing N N 35  
ARG NH2 HH21 sing N N 36  
ARG NH2 HH22 sing N N 37  
ARG OXT HXT  sing N N 38  
ASN N   CA   sing N N 39  
ASN N   H    sing N N 40  
ASN N   H2   sing N N 41  
ASN CA  C    sing N N 42  
ASN CA  CB   sing N N 43  
ASN CA  HA   sing N N 44  
ASN C   O    doub N N 45  
ASN C   OXT  sing N N 46  
ASN CB  CG   sing N N 47  
ASN CB  HB2  sing N N 48  
ASN CB  HB3  sing N N 49  
ASN CG  OD1  doub N N 50  
ASN CG  ND2  sing N N 51  
ASN ND2 HD21 sing N N 52  
ASN ND2 HD22 sing N N 53  
ASN OXT HXT  sing N N 54  
ASP N   CA   sing N N 55  
ASP N   H    sing N N 56  
ASP N   H2   sing N N 57  
ASP CA  C    sing N N 58  
ASP CA  CB   sing N N 59  
ASP CA  HA   sing N N 60  
ASP C   O    doub N N 61  
ASP C   OXT  sing N N 62  
ASP CB  CG   sing N N 63  
ASP CB  HB2  sing N N 64  
ASP CB  HB3  sing N N 65  
ASP CG  OD1  doub N N 66  
ASP CG  OD2  sing N N 67  
ASP OD2 HD2  sing N N 68  
ASP OXT HXT  sing N N 69  
CYS N   CA   sing N N 70  
CYS N   H    sing N N 71  
CYS N   H2   sing N N 72  
CYS CA  C    sing N N 73  
CYS CA  CB   sing N N 74  
CYS CA  HA   sing N N 75  
CYS C   O    doub N N 76  
CYS C   OXT  sing N N 77  
CYS CB  SG   sing N N 78  
CYS CB  HB2  sing N N 79  
CYS CB  HB3  sing N N 80  
CYS SG  HG   sing N N 81  
CYS OXT HXT  sing N N 82  
GLN N   CA   sing N N 83  
GLN N   H    sing N N 84  
GLN N   H2   sing N N 85  
GLN CA  C    sing N N 86  
GLN CA  CB   sing N N 87  
GLN CA  HA   sing N N 88  
GLN C   O    doub N N 89  
GLN C   OXT  sing N N 90  
GLN CB  CG   sing N N 91  
GLN CB  HB2  sing N N 92  
GLN CB  HB3  sing N N 93  
GLN CG  CD   sing N N 94  
GLN CG  HG2  sing N N 95  
GLN CG  HG3  sing N N 96  
GLN CD  OE1  doub N N 97  
GLN CD  NE2  sing N N 98  
GLN NE2 HE21 sing N N 99  
GLN NE2 HE22 sing N N 100 
GLN OXT HXT  sing N N 101 
GLU N   CA   sing N N 102 
GLU N   H    sing N N 103 
GLU N   H2   sing N N 104 
GLU CA  C    sing N N 105 
GLU CA  CB   sing N N 106 
GLU CA  HA   sing N N 107 
GLU C   O    doub N N 108 
GLU C   OXT  sing N N 109 
GLU CB  CG   sing N N 110 
GLU CB  HB2  sing N N 111 
GLU CB  HB3  sing N N 112 
GLU CG  CD   sing N N 113 
GLU CG  HG2  sing N N 114 
GLU CG  HG3  sing N N 115 
GLU CD  OE1  doub N N 116 
GLU CD  OE2  sing N N 117 
GLU OE2 HE2  sing N N 118 
GLU OXT HXT  sing N N 119 
GLY N   CA   sing N N 120 
GLY N   H    sing N N 121 
GLY N   H2   sing N N 122 
GLY CA  C    sing N N 123 
GLY CA  HA2  sing N N 124 
GLY CA  HA3  sing N N 125 
GLY C   O    doub N N 126 
GLY C   OXT  sing N N 127 
GLY OXT HXT  sing N N 128 
HEM CHA C1A  sing N N 129 
HEM CHA C4D  doub N N 130 
HEM CHA HHA  sing N N 131 
HEM CHB C4A  sing N N 132 
HEM CHB C1B  doub N N 133 
HEM CHB HHB  sing N N 134 
HEM CHC C4B  sing N N 135 
HEM CHC C1C  doub N N 136 
HEM CHC HHC  sing N N 137 
HEM CHD C4C  doub N N 138 
HEM CHD C1D  sing N N 139 
HEM CHD HHD  sing N N 140 
HEM C1A C2A  doub Y N 141 
HEM C1A NA   sing Y N 142 
HEM C2A C3A  sing Y N 143 
HEM C2A CAA  sing N N 144 
HEM C3A C4A  doub Y N 145 
HEM C3A CMA  sing N N 146 
HEM C4A NA   sing Y N 147 
HEM CMA HMA  sing N N 148 
HEM CMA HMAA sing N N 149 
HEM CMA HMAB sing N N 150 
HEM CAA CBA  sing N N 151 
HEM CAA HAA  sing N N 152 
HEM CAA HAAA sing N N 153 
HEM CBA CGA  sing N N 154 
HEM CBA HBA  sing N N 155 
HEM CBA HBAA sing N N 156 
HEM CGA O1A  doub N N 157 
HEM CGA O2A  sing N N 158 
HEM C1B C2B  sing N N 159 
HEM C1B NB   sing N N 160 
HEM C2B C3B  doub N N 161 
HEM C2B CMB  sing N N 162 
HEM C3B C4B  sing N N 163 
HEM C3B CAB  sing N N 164 
HEM C4B NB   doub N N 165 
HEM CMB HMB  sing N N 166 
HEM CMB HMBA sing N N 167 
HEM CMB HMBB sing N N 168 
HEM CAB CBB  doub N N 169 
HEM CAB HAB  sing N N 170 
HEM CBB HBB  sing N N 171 
HEM CBB HBBA sing N N 172 
HEM C1C C2C  sing Y N 173 
HEM C1C NC   sing Y N 174 
HEM C2C C3C  doub Y N 175 
HEM C2C CMC  sing N N 176 
HEM C3C C4C  sing Y N 177 
HEM C3C CAC  sing N N 178 
HEM C4C NC   sing Y N 179 
HEM CMC HMC  sing N N 180 
HEM CMC HMCA sing N N 181 
HEM CMC HMCB sing N N 182 
HEM CAC CBC  doub N N 183 
HEM CAC HAC  sing N N 184 
HEM CBC HBC  sing N N 185 
HEM CBC HBCA sing N N 186 
HEM C1D C2D  sing N N 187 
HEM C1D ND   doub N N 188 
HEM C2D C3D  doub N N 189 
HEM C2D CMD  sing N N 190 
HEM C3D C4D  sing N N 191 
HEM C3D CAD  sing N N 192 
HEM C4D ND   sing N N 193 
HEM CMD HMD  sing N N 194 
HEM CMD HMDA sing N N 195 
HEM CMD HMDB sing N N 196 
HEM CAD CBD  sing N N 197 
HEM CAD HAD  sing N N 198 
HEM CAD HADA sing N N 199 
HEM CBD CGD  sing N N 200 
HEM CBD HBD  sing N N 201 
HEM CBD HBDA sing N N 202 
HEM CGD O1D  doub N N 203 
HEM CGD O2D  sing N N 204 
HEM O2A H2A  sing N N 205 
HEM O2D H2D  sing N N 206 
HEM FE  NA   sing N N 207 
HEM FE  NB   sing N N 208 
HEM FE  NC   sing N N 209 
HEM FE  ND   sing N N 210 
HIS N   CA   sing N N 211 
HIS N   H    sing N N 212 
HIS N   H2   sing N N 213 
HIS CA  C    sing N N 214 
HIS CA  CB   sing N N 215 
HIS CA  HA   sing N N 216 
HIS C   O    doub N N 217 
HIS C   OXT  sing N N 218 
HIS CB  CG   sing N N 219 
HIS CB  HB2  sing N N 220 
HIS CB  HB3  sing N N 221 
HIS CG  ND1  sing Y N 222 
HIS CG  CD2  doub Y N 223 
HIS ND1 CE1  doub Y N 224 
HIS ND1 HD1  sing N N 225 
HIS CD2 NE2  sing Y N 226 
HIS CD2 HD2  sing N N 227 
HIS CE1 NE2  sing Y N 228 
HIS CE1 HE1  sing N N 229 
HIS NE2 HE2  sing N N 230 
HIS OXT HXT  sing N N 231 
HOH O   H1   sing N N 232 
HOH O   H2   sing N N 233 
ILE N   CA   sing N N 234 
ILE N   H    sing N N 235 
ILE N   H2   sing N N 236 
ILE CA  C    sing N N 237 
ILE CA  CB   sing N N 238 
ILE CA  HA   sing N N 239 
ILE C   O    doub N N 240 
ILE C   OXT  sing N N 241 
ILE CB  CG1  sing N N 242 
ILE CB  CG2  sing N N 243 
ILE CB  HB   sing N N 244 
ILE CG1 CD1  sing N N 245 
ILE CG1 HG12 sing N N 246 
ILE CG1 HG13 sing N N 247 
ILE CG2 HG21 sing N N 248 
ILE CG2 HG22 sing N N 249 
ILE CG2 HG23 sing N N 250 
ILE CD1 HD11 sing N N 251 
ILE CD1 HD12 sing N N 252 
ILE CD1 HD13 sing N N 253 
ILE OXT HXT  sing N N 254 
LEU N   CA   sing N N 255 
LEU N   H    sing N N 256 
LEU N   H2   sing N N 257 
LEU CA  C    sing N N 258 
LEU CA  CB   sing N N 259 
LEU CA  HA   sing N N 260 
LEU C   O    doub N N 261 
LEU C   OXT  sing N N 262 
LEU CB  CG   sing N N 263 
LEU CB  HB2  sing N N 264 
LEU CB  HB3  sing N N 265 
LEU CG  CD1  sing N N 266 
LEU CG  CD2  sing N N 267 
LEU CG  HG   sing N N 268 
LEU CD1 HD11 sing N N 269 
LEU CD1 HD12 sing N N 270 
LEU CD1 HD13 sing N N 271 
LEU CD2 HD21 sing N N 272 
LEU CD2 HD22 sing N N 273 
LEU CD2 HD23 sing N N 274 
LEU OXT HXT  sing N N 275 
LYS N   CA   sing N N 276 
LYS N   H    sing N N 277 
LYS N   H2   sing N N 278 
LYS CA  C    sing N N 279 
LYS CA  CB   sing N N 280 
LYS CA  HA   sing N N 281 
LYS C   O    doub N N 282 
LYS C   OXT  sing N N 283 
LYS CB  CG   sing N N 284 
LYS CB  HB2  sing N N 285 
LYS CB  HB3  sing N N 286 
LYS CG  CD   sing N N 287 
LYS CG  HG2  sing N N 288 
LYS CG  HG3  sing N N 289 
LYS CD  CE   sing N N 290 
LYS CD  HD2  sing N N 291 
LYS CD  HD3  sing N N 292 
LYS CE  NZ   sing N N 293 
LYS CE  HE2  sing N N 294 
LYS CE  HE3  sing N N 295 
LYS NZ  HZ1  sing N N 296 
LYS NZ  HZ2  sing N N 297 
LYS NZ  HZ3  sing N N 298 
LYS OXT HXT  sing N N 299 
MET N   CA   sing N N 300 
MET N   H    sing N N 301 
MET N   H2   sing N N 302 
MET CA  C    sing N N 303 
MET CA  CB   sing N N 304 
MET CA  HA   sing N N 305 
MET C   O    doub N N 306 
MET C   OXT  sing N N 307 
MET CB  CG   sing N N 308 
MET CB  HB2  sing N N 309 
MET CB  HB3  sing N N 310 
MET CG  SD   sing N N 311 
MET CG  HG2  sing N N 312 
MET CG  HG3  sing N N 313 
MET SD  CE   sing N N 314 
MET CE  HE1  sing N N 315 
MET CE  HE2  sing N N 316 
MET CE  HE3  sing N N 317 
MET OXT HXT  sing N N 318 
PHE N   CA   sing N N 319 
PHE N   H    sing N N 320 
PHE N   H2   sing N N 321 
PHE CA  C    sing N N 322 
PHE CA  CB   sing N N 323 
PHE CA  HA   sing N N 324 
PHE C   O    doub N N 325 
PHE C   OXT  sing N N 326 
PHE CB  CG   sing N N 327 
PHE CB  HB2  sing N N 328 
PHE CB  HB3  sing N N 329 
PHE CG  CD1  doub Y N 330 
PHE CG  CD2  sing Y N 331 
PHE CD1 CE1  sing Y N 332 
PHE CD1 HD1  sing N N 333 
PHE CD2 CE2  doub Y N 334 
PHE CD2 HD2  sing N N 335 
PHE CE1 CZ   doub Y N 336 
PHE CE1 HE1  sing N N 337 
PHE CE2 CZ   sing Y N 338 
PHE CE2 HE2  sing N N 339 
PHE CZ  HZ   sing N N 340 
PHE OXT HXT  sing N N 341 
PRO N   CA   sing N N 342 
PRO N   CD   sing N N 343 
PRO N   H    sing N N 344 
PRO CA  C    sing N N 345 
PRO CA  CB   sing N N 346 
PRO CA  HA   sing N N 347 
PRO C   O    doub N N 348 
PRO C   OXT  sing N N 349 
PRO CB  CG   sing N N 350 
PRO CB  HB2  sing N N 351 
PRO CB  HB3  sing N N 352 
PRO CG  CD   sing N N 353 
PRO CG  HG2  sing N N 354 
PRO CG  HG3  sing N N 355 
PRO CD  HD2  sing N N 356 
PRO CD  HD3  sing N N 357 
PRO OXT HXT  sing N N 358 
SER N   CA   sing N N 359 
SER N   H    sing N N 360 
SER N   H2   sing N N 361 
SER CA  C    sing N N 362 
SER CA  CB   sing N N 363 
SER CA  HA   sing N N 364 
SER C   O    doub N N 365 
SER C   OXT  sing N N 366 
SER CB  OG   sing N N 367 
SER CB  HB2  sing N N 368 
SER CB  HB3  sing N N 369 
SER OG  HG   sing N N 370 
SER OXT HXT  sing N N 371 
THR N   CA   sing N N 372 
THR N   H    sing N N 373 
THR N   H2   sing N N 374 
THR CA  C    sing N N 375 
THR CA  CB   sing N N 376 
THR CA  HA   sing N N 377 
THR C   O    doub N N 378 
THR C   OXT  sing N N 379 
THR CB  OG1  sing N N 380 
THR CB  CG2  sing N N 381 
THR CB  HB   sing N N 382 
THR OG1 HG1  sing N N 383 
THR CG2 HG21 sing N N 384 
THR CG2 HG22 sing N N 385 
THR CG2 HG23 sing N N 386 
THR OXT HXT  sing N N 387 
TRP N   CA   sing N N 388 
TRP N   H    sing N N 389 
TRP N   H2   sing N N 390 
TRP CA  C    sing N N 391 
TRP CA  CB   sing N N 392 
TRP CA  HA   sing N N 393 
TRP C   O    doub N N 394 
TRP C   OXT  sing N N 395 
TRP CB  CG   sing N N 396 
TRP CB  HB2  sing N N 397 
TRP CB  HB3  sing N N 398 
TRP CG  CD1  doub Y N 399 
TRP CG  CD2  sing Y N 400 
TRP CD1 NE1  sing Y N 401 
TRP CD1 HD1  sing N N 402 
TRP CD2 CE2  doub Y N 403 
TRP CD2 CE3  sing Y N 404 
TRP NE1 CE2  sing Y N 405 
TRP NE1 HE1  sing N N 406 
TRP CE2 CZ2  sing Y N 407 
TRP CE3 CZ3  doub Y N 408 
TRP CE3 HE3  sing N N 409 
TRP CZ2 CH2  doub Y N 410 
TRP CZ2 HZ2  sing N N 411 
TRP CZ3 CH2  sing Y N 412 
TRP CZ3 HZ3  sing N N 413 
TRP CH2 HH2  sing N N 414 
TRP OXT HXT  sing N N 415 
TYR N   CA   sing N N 416 
TYR N   H    sing N N 417 
TYR N   H2   sing N N 418 
TYR CA  C    sing N N 419 
TYR CA  CB   sing N N 420 
TYR CA  HA   sing N N 421 
TYR C   O    doub N N 422 
TYR C   OXT  sing N N 423 
TYR CB  CG   sing N N 424 
TYR CB  HB2  sing N N 425 
TYR CB  HB3  sing N N 426 
TYR CG  CD1  doub Y N 427 
TYR CG  CD2  sing Y N 428 
TYR CD1 CE1  sing Y N 429 
TYR CD1 HD1  sing N N 430 
TYR CD2 CE2  doub Y N 431 
TYR CD2 HD2  sing N N 432 
TYR CE1 CZ   doub Y N 433 
TYR CE1 HE1  sing N N 434 
TYR CE2 CZ   sing Y N 435 
TYR CE2 HE2  sing N N 436 
TYR CZ  OH   sing N N 437 
TYR OH  HH   sing N N 438 
TYR OXT HXT  sing N N 439 
VAL N   CA   sing N N 440 
VAL N   H    sing N N 441 
VAL N   H2   sing N N 442 
VAL CA  C    sing N N 443 
VAL CA  CB   sing N N 444 
VAL CA  HA   sing N N 445 
VAL C   O    doub N N 446 
VAL C   OXT  sing N N 447 
VAL CB  CG1  sing N N 448 
VAL CB  CG2  sing N N 449 
VAL CB  HB   sing N N 450 
VAL CG1 HG11 sing N N 451 
VAL CG1 HG12 sing N N 452 
VAL CG1 HG13 sing N N 453 
VAL CG2 HG21 sing N N 454 
VAL CG2 HG22 sing N N 455 
VAL CG2 HG23 sing N N 456 
VAL OXT HXT  sing N N 457 
# 
_atom_sites.entry_id                    1MYT 
_atom_sites.fract_transf_matrix[1][1]   0.00493416 
_atom_sites.fract_transf_matrix[1][2]   0.02000612 
_atom_sites.fract_transf_matrix[1][3]   -0.00896910 
_atom_sites.fract_transf_matrix[2][1]   -0.01189588 
_atom_sites.fract_transf_matrix[2][2]   0.00511091 
_atom_sites.fract_transf_matrix[2][3]   0.00485593 
_atom_sites.fract_transf_matrix[3][1]   0.00881105 
_atom_sites.fract_transf_matrix[3][2]   0.00509820 
_atom_sites.fract_transf_matrix[3][3]   0.01621906 
_atom_sites.fract_transf_vector[1]      1.023108 
_atom_sites.fract_transf_vector[2]      0.581010 
_atom_sites.fract_transf_vector[3]      1.083193 
# 
loop_
_atom_type.symbol 
C  
FE 
N  
O  
S  
# 
loop_
_atom_site.group_PDB 
_atom_site.id 
_atom_site.type_symbol 
_atom_site.label_atom_id 
_atom_site.label_alt_id 
_atom_site.label_comp_id 
_atom_site.label_asym_id 
_atom_site.label_entity_id 
_atom_site.label_seq_id 
_atom_site.pdbx_PDB_ins_code 
_atom_site.Cartn_x 
_atom_site.Cartn_y 
_atom_site.Cartn_z 
_atom_site.occupancy 
_atom_site.B_iso_or_equiv 
_atom_site.pdbx_formal_charge 
_atom_site.auth_seq_id 
_atom_site.auth_comp_id 
_atom_site.auth_asym_id 
_atom_site.auth_atom_id 
_atom_site.pdbx_PDB_model_num 
ATOM   1    N  N   . ALA A 1 1   ? 7.197   17.071  8.924   1.00 64.22 ? 5   ALA A N   1 
ATOM   2    C  CA  . ALA A 1 1   ? 5.759   17.300  9.102   1.00 62.34 ? 5   ALA A CA  1 
ATOM   3    C  C   . ALA A 1 1   ? 4.938   16.864  7.892   1.00 60.43 ? 5   ALA A C   1 
ATOM   4    O  O   . ALA A 1 1   ? 3.772   17.275  7.714   1.00 59.96 ? 5   ALA A O   1 
ATOM   5    C  CB  . ALA A 1 1   ? 5.442   18.718  9.634   1.00 64.37 ? 5   ALA A CB  1 
ATOM   6    N  N   . ASP A 1 2   ? 5.565   15.977  7.118   1.00 57.62 ? 6   ASP A N   1 
ATOM   7    C  CA  . ASP A 1 2   ? 4.871   15.312  6.010   1.00 55.06 ? 6   ASP A CA  1 
ATOM   8    C  C   . ASP A 1 2   ? 3.939   14.246  6.594   1.00 53.37 ? 6   ASP A C   1 
ATOM   9    O  O   . ASP A 1 2   ? 3.020   13.841  5.864   1.00 54.60 ? 6   ASP A O   1 
ATOM   10   C  CB  . ASP A 1 2   ? 5.845   14.796  4.971   1.00 56.20 ? 6   ASP A CB  1 
ATOM   11   C  CG  . ASP A 1 2   ? 6.280   15.815  3.940   1.00 59.88 ? 6   ASP A CG  1 
ATOM   12   O  OD1 . ASP A 1 2   ? 5.919   17.011  4.066   1.00 61.82 ? 6   ASP A OD1 1 
ATOM   13   O  OD2 . ASP A 1 2   ? 6.983   15.480  2.960   1.00 61.64 ? 6   ASP A OD2 1 
ATOM   14   N  N   . PHE A 1 3   ? 4.178   13.851  7.826   1.00 50.88 ? 7   PHE A N   1 
ATOM   15   C  CA  . PHE A 1 3   ? 3.361   12.849  8.528   1.00 50.08 ? 7   PHE A CA  1 
ATOM   16   C  C   . PHE A 1 3   ? 2.137   13.502  9.195   1.00 49.70 ? 7   PHE A C   1 
ATOM   17   O  O   . PHE A 1 3   ? 1.034   12.924  9.237   1.00 48.65 ? 7   PHE A O   1 
ATOM   18   C  CB  . PHE A 1 3   ? 4.114   12.053  9.598   1.00 48.94 ? 7   PHE A CB  1 
ATOM   19   C  CG  . PHE A 1 3   ? 5.052   10.983  9.157   1.00 46.42 ? 7   PHE A CG  1 
ATOM   20   C  CD1 . PHE A 1 3   ? 4.576   9.698   8.911   1.00 46.76 ? 7   PHE A CD1 1 
ATOM   21   C  CD2 . PHE A 1 3   ? 6.412   11.271  8.984   1.00 45.41 ? 7   PHE A CD2 1 
ATOM   22   C  CE1 . PHE A 1 3   ? 5.459   8.694   8.495   1.00 46.93 ? 7   PHE A CE1 1 
ATOM   23   C  CE2 . PHE A 1 3   ? 7.284   10.300  8.511   1.00 46.84 ? 7   PHE A CE2 1 
ATOM   24   C  CZ  . PHE A 1 3   ? 6.818   9.001   8.293   1.00 46.98 ? 7   PHE A CZ  1 
ATOM   25   N  N   . ASP A 1 4   ? 2.376   14.704  9.700   1.00 49.18 ? 8   ASP A N   1 
ATOM   26   C  CA  . ASP A 1 4   ? 1.313   15.448  10.394  1.00 49.93 ? 8   ASP A CA  1 
ATOM   27   C  C   . ASP A 1 4   ? 0.185   15.783  9.401   1.00 47.78 ? 8   ASP A C   1 
ATOM   28   O  O   . ASP A 1 4   ? -1.018  15.717  9.724   1.00 48.32 ? 8   ASP A O   1 
ATOM   29   C  CB  . ASP A 1 4   ? 1.874   16.672  11.113  1.00 57.07 ? 8   ASP A CB  1 
ATOM   30   C  CG  . ASP A 1 4   ? 0.918   17.112  12.216  1.00 63.37 ? 8   ASP A CG  1 
ATOM   31   O  OD1 . ASP A 1 4   ? 0.817   16.355  13.214  1.00 65.82 ? 8   ASP A OD1 1 
ATOM   32   O  OD2 . ASP A 1 4   ? 0.235   18.141  12.053  1.00 66.50 ? 8   ASP A OD2 1 
ATOM   33   N  N   . ALA A 1 5   ? 0.634   16.095  8.206   1.00 42.62 ? 9   ALA A N   1 
ATOM   34   C  CA  . ALA A 1 5   ? -0.227  16.445  7.097   1.00 41.40 ? 9   ALA A CA  1 
ATOM   35   C  C   . ALA A 1 5   ? -1.044  15.248  6.604   1.00 40.45 ? 9   ALA A C   1 
ATOM   36   O  O   . ALA A 1 5   ? -2.253  15.375  6.299   1.00 39.57 ? 9   ALA A O   1 
ATOM   37   C  CB  . ALA A 1 5   ? 0.636   16.927  5.927   1.00 43.24 ? 9   ALA A CB  1 
ATOM   38   N  N   . VAL A 1 6   ? -0.309  14.135  6.488   1.00 34.36 ? 10  VAL A N   1 
ATOM   39   C  CA  . VAL A 1 6   ? -0.875  12.906  5.915   1.00 27.79 ? 10  VAL A CA  1 
ATOM   40   C  C   . VAL A 1 6   ? -1.977  12.414  6.848   1.00 22.40 ? 10  VAL A C   1 
ATOM   41   O  O   . VAL A 1 6   ? -3.012  12.000  6.244   1.00 23.25 ? 10  VAL A O   1 
ATOM   42   C  CB  . VAL A 1 6   ? 0.179   11.819  5.595   1.00 27.71 ? 10  VAL A CB  1 
ATOM   43   C  CG1 . VAL A 1 6   ? -0.502  10.465  5.240   1.00 26.45 ? 10  VAL A CG1 1 
ATOM   44   C  CG2 . VAL A 1 6   ? 1.128   12.094  4.443   1.00 30.78 ? 10  VAL A CG2 1 
ATOM   45   N  N   . LEU A 1 7   ? -1.785  12.466  8.118   1.00 22.36 ? 11  LEU A N   1 
ATOM   46   C  CA  . LEU A 1 7   ? -2.804  12.012  9.065   1.00 28.16 ? 11  LEU A CA  1 
ATOM   47   C  C   . LEU A 1 7   ? -4.085  12.848  9.017   1.00 28.59 ? 11  LEU A C   1 
ATOM   48   O  O   . LEU A 1 7   ? -5.117  12.233  9.314   1.00 30.95 ? 11  LEU A O   1 
ATOM   49   C  CB  . LEU A 1 7   ? -2.096  11.947  10.423  1.00 31.03 ? 11  LEU A CB  1 
ATOM   50   C  CG  . LEU A 1 7   ? -1.054  10.820  10.484  1.00 33.58 ? 11  LEU A CG  1 
ATOM   51   C  CD1 . LEU A 1 7   ? -0.184  11.001  11.713  1.00 34.22 ? 11  LEU A CD1 1 
ATOM   52   C  CD2 . LEU A 1 7   ? -1.779  9.485   10.524  1.00 31.28 ? 11  LEU A CD2 1 
ATOM   53   N  N   . LYS A 1 8   ? -3.891  14.060  8.530   1.00 32.70 ? 12  LYS A N   1 
ATOM   54   C  CA  . LYS A 1 8   ? -5.071  14.933  8.394   1.00 34.90 ? 12  LYS A CA  1 
ATOM   55   C  C   . LYS A 1 8   ? -5.906  14.414  7.231   1.00 32.97 ? 12  LYS A C   1 
ATOM   56   O  O   . LYS A 1 8   ? -7.128  14.159  7.364   1.00 36.50 ? 12  LYS A O   1 
ATOM   57   C  CB  . LYS A 1 8   ? -4.675  16.386  8.173   1.00 43.08 ? 12  LYS A CB  1 
ATOM   58   C  CG  . LYS A 1 8   ? -3.965  17.108  9.315   1.00 47.67 ? 12  LYS A CG  1 
ATOM   59   C  CD  . LYS A 1 8   ? -4.720  17.167  10.632  1.00 52.04 ? 12  LYS A CD  1 
ATOM   60   C  CE  . LYS A 1 8   ? -4.092  16.335  11.733  1.00 54.75 ? 12  LYS A CE  1 
ATOM   61   N  NZ  . LYS A 1 8   ? -2.640  16.599  11.914  1.00 53.81 ? 12  LYS A NZ  1 
ATOM   62   N  N   . CYS A 1 9   ? -5.182  13.988  6.212   1.00 26.01 ? 13  CYS A N   1 
ATOM   63   C  CA  . CYS A 1 9   ? -5.827  13.477  4.996   1.00 19.89 ? 13  CYS A CA  1 
ATOM   64   C  C   . CYS A 1 9   ? -6.279  12.007  5.080   1.00 16.08 ? 13  CYS A C   1 
ATOM   65   O  O   . CYS A 1 9   ? -6.858  11.497  4.123   1.00 18.99 ? 13  CYS A O   1 
ATOM   66   C  CB  . CYS A 1 9   ? -4.902  13.711  3.827   1.00 24.58 ? 13  CYS A CB  1 
ATOM   67   S  SG  . CYS A 1 9   ? -4.690  15.524  3.489   1.00 35.21 ? 13  CYS A SG  1 
ATOM   68   N  N   . TRP A 1 10  ? -5.839  11.372  6.158   1.00 15.58 ? 14  TRP A N   1 
ATOM   69   C  CA  . TRP A 1 10  ? -6.159  9.906   6.293   1.00 15.61 ? 14  TRP A CA  1 
ATOM   70   C  C   . TRP A 1 10  ? -7.600  9.616   6.727   1.00 16.14 ? 14  TRP A C   1 
ATOM   71   O  O   . TRP A 1 10  ? -8.147  8.527   6.517   1.00 14.06 ? 14  TRP A O   1 
ATOM   72   C  CB  . TRP A 1 10  ? -5.052  9.319   7.141   1.00 15.88 ? 14  TRP A CB  1 
ATOM   73   C  CG  . TRP A 1 10  ? -5.030  7.816   7.115   1.00 14.06 ? 14  TRP A CG  1 
ATOM   74   C  CD1 . TRP A 1 10  ? -5.494  6.992   8.109   1.00 18.84 ? 14  TRP A CD1 1 
ATOM   75   C  CD2 . TRP A 1 10  ? -4.587  6.953   6.046   1.00 13.58 ? 14  TRP A CD2 1 
ATOM   76   N  NE1 . TRP A 1 10  ? -5.331  5.668   7.703   1.00 16.12 ? 14  TRP A NE1 1 
ATOM   77   C  CE2 . TRP A 1 10  ? -4.764  5.661   6.475   1.00 13.62 ? 14  TRP A CE2 1 
ATOM   78   C  CE3 . TRP A 1 10  ? -4.039  7.273   4.791   1.00 18.72 ? 14  TRP A CE3 1 
ATOM   79   C  CZ2 . TRP A 1 10  ? -4.379  4.543   5.698   1.00 14.31 ? 14  TRP A CZ2 1 
ATOM   80   C  CZ3 . TRP A 1 10  ? -3.693  6.183   3.986   1.00 17.63 ? 14  TRP A CZ3 1 
ATOM   81   C  CH2 . TRP A 1 10  ? -3.799  4.859   4.453   1.00 14.77 ? 14  TRP A CH2 1 
ATOM   82   N  N   . GLY A 1 11  ? -8.232  10.550  7.453   1.00 16.34 ? 15  GLY A N   1 
ATOM   83   C  CA  . GLY A 1 11  ? -9.612  10.402  7.898   1.00 17.16 ? 15  GLY A CA  1 
ATOM   84   C  C   . GLY A 1 11  ? -10.620 9.816   6.941   1.00 17.83 ? 15  GLY A C   1 
ATOM   85   O  O   . GLY A 1 11  ? -11.281 8.822   7.369   1.00 17.10 ? 15  GLY A O   1 
ATOM   86   N  N   . PRO A 1 12  ? -10.797 10.292  5.769   1.00 15.58 ? 16  PRO A N   1 
ATOM   87   C  CA  . PRO A 1 12  ? -11.689 9.777   4.718   1.00 18.12 ? 16  PRO A CA  1 
ATOM   88   C  C   . PRO A 1 12  ? -11.379 8.322   4.391   1.00 17.66 ? 16  PRO A C   1 
ATOM   89   O  O   . PRO A 1 12  ? -12.296 7.578   4.016   1.00 17.32 ? 16  PRO A O   1 
ATOM   90   C  CB  . PRO A 1 12  ? -11.613 10.686  3.498   1.00 22.44 ? 16  PRO A CB  1 
ATOM   91   C  CG  . PRO A 1 12  ? -11.115 11.927  4.182   1.00 21.35 ? 16  PRO A CG  1 
ATOM   92   C  CD  . PRO A 1 12  ? -10.109 11.519  5.223   1.00 19.04 ? 16  PRO A CD  1 
ATOM   93   N  N   . VAL A 1 13  ? -10.066 7.989   4.593   1.00 12.72 ? 17  VAL A N   1 
ATOM   94   C  CA  . VAL A 1 13  ? -9.725  6.554   4.259   1.00 14.11 ? 17  VAL A CA  1 
ATOM   95   C  C   . VAL A 1 13  ? -10.157 5.678   5.407   1.00 13.76 ? 17  VAL A C   1 
ATOM   96   O  O   . VAL A 1 13  ? -10.845 4.641   5.116   1.00 14.46 ? 17  VAL A O   1 
ATOM   97   C  CB  . VAL A 1 13  ? -8.223  6.451   3.920   1.00 13.27 ? 17  VAL A CB  1 
ATOM   98   C  CG1 . VAL A 1 13  ? -7.846  4.946   3.715   1.00 12.98 ? 17  VAL A CG1 1 
ATOM   99   C  CG2 . VAL A 1 13  ? -7.789  7.270   2.735   1.00 13.81 ? 17  VAL A CG2 1 
ATOM   100  N  N   . GLU A 1 14  ? -9.742  6.027   6.613   1.00 14.76 ? 18  GLU A N   1 
ATOM   101  C  CA  . GLU A 1 14  ? -10.088 5.246   7.794   1.00 16.51 ? 18  GLU A CA  1 
ATOM   102  C  C   . GLU A 1 14  ? -11.600 5.200   8.062   1.00 18.23 ? 18  GLU A C   1 
ATOM   103  O  O   . GLU A 1 14  ? -12.049 4.208   8.633   1.00 18.18 ? 18  GLU A O   1 
ATOM   104  C  CB  . GLU A 1 14  ? -9.404  5.799   9.050   1.00 21.69 ? 18  GLU A CB  1 
ATOM   105  C  CG  . GLU A 1 14  ? -9.430  4.858   10.266  1.00 24.11 ? 18  GLU A CG  1 
ATOM   106  C  CD  . GLU A 1 14  ? -8.494  5.139   11.396  1.00 29.91 ? 18  GLU A CD  1 
ATOM   107  O  OE1 . GLU A 1 14  ? -7.793  6.160   11.252  1.00 29.39 ? 18  GLU A OE1 1 
ATOM   108  O  OE2 . GLU A 1 14  ? -8.510  4.426   12.385  1.00 40.34 ? 18  GLU A OE2 1 
ATOM   109  N  N   . ALA A 1 15  ? -12.324 6.132   7.433   1.00 17.45 ? 19  ALA A N   1 
ATOM   110  C  CA  . ALA A 1 15  ? -13.809 6.073   7.534   1.00 22.42 ? 19  ALA A CA  1 
ATOM   111  C  C   . ALA A 1 15  ? -14.371 4.842   6.842   1.00 21.15 ? 19  ALA A C   1 
ATOM   112  O  O   . ALA A 1 15  ? -15.419 4.277   7.279   1.00 21.17 ? 19  ALA A O   1 
ATOM   113  C  CB  . ALA A 1 15  ? -14.411 7.323   6.875   1.00 20.98 ? 19  ALA A CB  1 
ATOM   114  N  N   . ASP A 1 16  ? -13.640 4.257   5.866   1.00 16.44 ? 20  ASP A N   1 
ATOM   115  C  CA  . ASP A 1 16  ? -14.107 3.062   5.188   1.00 13.84 ? 20  ASP A CA  1 
ATOM   116  C  C   . ASP A 1 16  ? -12.882 2.331   4.486   1.00 11.98 ? 20  ASP A C   1 
ATOM   117  O  O   . ASP A 1 16  ? -12.753 2.479   3.280   1.00 14.08 ? 20  ASP A O   1 
ATOM   118  C  CB  . ASP A 1 16  ? -15.259 3.315   4.250   1.00 17.39 ? 20  ASP A CB  1 
ATOM   119  C  CG  . ASP A 1 16  ? -15.969 2.148   3.646   1.00 19.88 ? 20  ASP A CG  1 
ATOM   120  O  OD1 . ASP A 1 16  ? -15.463 1.022   3.875   1.00 15.03 ? 20  ASP A OD1 1 
ATOM   121  O  OD2 . ASP A 1 16  ? -16.954 2.296   2.919   1.00 17.26 ? 20  ASP A OD2 1 
ATOM   122  N  N   . TYR A 1 17  ? -12.263 1.625   5.393   1.00 14.24 ? 21  TYR A N   1 
ATOM   123  C  CA  . TYR A 1 17  ? -11.116 0.843   4.885   1.00 10.65 ? 21  TYR A CA  1 
ATOM   124  C  C   . TYR A 1 17  ? -11.502 -0.193  3.866   1.00 15.86 ? 21  TYR A C   1 
ATOM   125  O  O   . TYR A 1 17  ? -10.720 -0.504  2.924   1.00 13.56 ? 21  TYR A O   1 
ATOM   126  C  CB  . TYR A 1 17  ? -10.329 0.149   6.008   1.00 13.91 ? 21  TYR A CB  1 
ATOM   127  C  CG  . TYR A 1 17  ? -9.382  1.007   6.768   1.00 12.26 ? 21  TYR A CG  1 
ATOM   128  C  CD1 . TYR A 1 17  ? -8.534  1.919   6.095   1.00 13.79 ? 21  TYR A CD1 1 
ATOM   129  C  CD2 . TYR A 1 17  ? -9.359  0.963   8.142   1.00 20.53 ? 21  TYR A CD2 1 
ATOM   130  C  CE1 . TYR A 1 17  ? -7.524  2.572   6.823   1.00 12.08 ? 21  TYR A CE1 1 
ATOM   131  C  CE2 . TYR A 1 17  ? -8.420  1.686   8.882   1.00 19.76 ? 21  TYR A CE2 1 
ATOM   132  C  CZ  . TYR A 1 17  ? -7.513  2.517   8.195   1.00 18.83 ? 21  TYR A CZ  1 
ATOM   133  O  OH  . TYR A 1 17  ? -6.618  3.189   8.908   1.00 17.24 ? 21  TYR A OH  1 
ATOM   134  N  N   . THR A 1 18  ? -12.707 -0.748  3.957   1.00 12.97 ? 22  THR A N   1 
ATOM   135  C  CA  . THR A 1 18  ? -13.165 -1.767  2.992   1.00 13.31 ? 22  THR A CA  1 
ATOM   136  C  C   . THR A 1 18  ? -13.413 -1.253  1.624   1.00 15.45 ? 22  THR A C   1 
ATOM   137  O  O   . THR A 1 18  ? -12.903 -1.756  0.636   1.00 9.68  ? 22  THR A O   1 
ATOM   138  C  CB  . THR A 1 18  ? -14.489 -2.526  3.516   1.00 13.49 ? 22  THR A CB  1 
ATOM   139  O  OG1 . THR A 1 18  ? -14.182 -2.980  4.830   1.00 14.00 ? 22  THR A OG1 1 
ATOM   140  C  CG2 . THR A 1 18  ? -14.929 -3.722  2.676   1.00 16.71 ? 22  THR A CG2 1 
ATOM   141  N  N   . THR A 1 19  ? -14.120 -0.159  1.360   1.00 11.87 ? 23  THR A N   1 
ATOM   142  C  CA  . THR A 1 19  ? -14.392 0.359   0.033   1.00 14.00 ? 23  THR A CA  1 
ATOM   143  C  C   . THR A 1 19  ? -13.024 0.886   -0.556  1.00 12.29 ? 23  THR A C   1 
ATOM   144  O  O   . THR A 1 19  ? -12.832 0.576   -1.697  1.00 13.17 ? 23  THR A O   1 
ATOM   145  C  CB  . THR A 1 19  ? -15.502 1.469   0.111   1.00 19.11 ? 23  THR A CB  1 
ATOM   146  O  OG1 . THR A 1 19  ? -16.652 0.821   0.716   1.00 16.38 ? 23  THR A OG1 1 
ATOM   147  C  CG2 . THR A 1 19  ? -15.808 1.933   -1.309  1.00 16.25 ? 23  THR A CG2 1 
ATOM   148  N  N   . MET A 1 20  ? -12.312 1.631   0.283   1.00 11.69 ? 24  MET A N   1 
ATOM   149  C  CA  . MET A 1 20  ? -11.065 2.226   -0.310  1.00 16.58 ? 24  MET A CA  1 
ATOM   150  C  C   . MET A 1 20  ? -10.050 1.103   -0.558  1.00 11.81 ? 24  MET A C   1 
ATOM   151  O  O   . MET A 1 20  ? -9.352  1.199   -1.583  1.00 15.20 ? 24  MET A O   1 
ATOM   152  C  CB  . MET A 1 20  ? -10.530 3.287   0.611   1.00 17.93 ? 24  MET A CB  1 
ATOM   153  C  CG  . MET A 1 20  ? -9.473  4.152   -0.036  1.00 32.93 ? 24  MET A CG  1 
ATOM   154  S  SD  . MET A 1 20  ? -10.464 5.402   -0.981  1.00 35.62 ? 24  MET A SD  1 
ATOM   155  C  CE  . MET A 1 20  ? -11.147 6.329   0.360   1.00 36.10 ? 24  MET A CE  1 
ATOM   156  N  N   . GLY A 1 21  ? -10.064 0.060   0.266   1.00 9.23  ? 25  GLY A N   1 
ATOM   157  C  CA  . GLY A 1 21  ? -9.178  -1.087  0.084   1.00 13.99 ? 25  GLY A CA  1 
ATOM   158  C  C   . GLY A 1 21  ? -9.472  -1.715  -1.249  1.00 13.98 ? 25  GLY A C   1 
ATOM   159  O  O   . GLY A 1 21  ? -8.537  -2.002  -2.013  1.00 14.66 ? 25  GLY A O   1 
ATOM   160  N  N   . GLY A 1 22  ? -10.725 -1.959  -1.598  1.00 11.82 ? 26  GLY A N   1 
ATOM   161  C  CA  . GLY A 1 22  ? -11.210 -2.453  -2.840  1.00 13.24 ? 26  GLY A CA  1 
ATOM   162  C  C   . GLY A 1 22  ? -10.836 -1.593  -4.062  1.00 15.37 ? 26  GLY A C   1 
ATOM   163  O  O   . GLY A 1 22  ? -10.231 -2.104  -4.999  1.00 15.50 ? 26  GLY A O   1 
ATOM   164  N  N   . LEU A 1 23  ? -10.926 -0.277  -3.833  1.00 15.62 ? 27  LEU A N   1 
ATOM   165  C  CA  . LEU A 1 23  ? -10.554 0.646   -4.926  1.00 15.51 ? 27  LEU A CA  1 
ATOM   166  C  C   . LEU A 1 23  ? -9.055  0.549   -5.228  1.00 10.48 ? 27  LEU A C   1 
ATOM   167  O  O   . LEU A 1 23  ? -8.718  0.718   -6.424  1.00 16.40 ? 27  LEU A O   1 
ATOM   168  C  CB  . LEU A 1 23  ? -10.954 2.028   -4.477  1.00 16.22 ? 27  LEU A CB  1 
ATOM   169  C  CG  . LEU A 1 23  ? -12.167 2.775   -4.903  1.00 30.34 ? 27  LEU A CG  1 
ATOM   170  C  CD1 . LEU A 1 23  ? -13.274 1.963   -5.496  1.00 30.50 ? 27  LEU A CD1 1 
ATOM   171  C  CD2 . LEU A 1 23  ? -12.717 3.595   -3.693  1.00 29.28 ? 27  LEU A CD2 1 
ATOM   172  N  N   . VAL A 1 24  ? -8.255  0.634   -4.204  1.00 13.06 ? 28  VAL A N   1 
ATOM   173  C  CA  . VAL A 1 24  ? -6.800  0.642   -4.415  1.00 10.70 ? 28  VAL A CA  1 
ATOM   174  C  C   . VAL A 1 24  ? -6.351  -0.650  -5.110  1.00 13.78 ? 28  VAL A C   1 
ATOM   175  O  O   . VAL A 1 24  ? -5.645  -0.574  -6.147  1.00 16.72 ? 28  VAL A O   1 
ATOM   176  C  CB  . VAL A 1 24  ? -6.065  0.832   -3.083  1.00 10.55 ? 28  VAL A CB  1 
ATOM   177  C  CG1 . VAL A 1 24  ? -4.563  0.534   -3.128  1.00 14.06 ? 28  VAL A CG1 1 
ATOM   178  C  CG2 . VAL A 1 24  ? -6.433  2.248   -2.523  1.00 17.29 ? 28  VAL A CG2 1 
ATOM   179  N  N   . LEU A 1 25  ? -6.779  -1.818  -4.566  1.00 12.11 ? 29  LEU A N   1 
ATOM   180  C  CA  . LEU A 1 25  ? -6.376  -3.021  -5.336  1.00 12.45 ? 29  LEU A CA  1 
ATOM   181  C  C   . LEU A 1 25  ? -6.915  -3.228  -6.694  1.00 16.78 ? 29  LEU A C   1 
ATOM   182  O  O   . LEU A 1 25  ? -6.187  -3.761  -7.550  1.00 17.13 ? 29  LEU A O   1 
ATOM   183  C  CB  . LEU A 1 25  ? -6.698  -4.258  -4.435  1.00 14.46 ? 29  LEU A CB  1 
ATOM   184  C  CG  . LEU A 1 25  ? -5.586  -4.775  -3.550  1.00 22.87 ? 29  LEU A CG  1 
ATOM   185  C  CD1 . LEU A 1 25  ? -4.432  -3.939  -3.028  1.00 22.74 ? 29  LEU A CD1 1 
ATOM   186  C  CD2 . LEU A 1 25  ? -6.124  -5.700  -2.391  1.00 16.77 ? 29  LEU A CD2 1 
ATOM   187  N  N   . THR A 1 26  ? -8.141  -2.783  -6.964  1.00 14.94 ? 30  THR A N   1 
ATOM   188  C  CA  . THR A 1 26  ? -8.720  -2.854  -8.303  1.00 15.91 ? 30  THR A CA  1 
ATOM   189  C  C   . THR A 1 26  ? -7.793  -2.067  -9.243  1.00 16.31 ? 30  THR A C   1 
ATOM   190  O  O   . THR A 1 26  ? -7.535  -2.525  -10.369 1.00 17.34 ? 30  THR A O   1 
ATOM   191  C  CB  . THR A 1 26  ? -10.193 -2.336  -8.321  1.00 19.31 ? 30  THR A CB  1 
ATOM   192  O  OG1 . THR A 1 26  ? -10.959 -3.253  -7.469  1.00 19.30 ? 30  THR A OG1 1 
ATOM   193  C  CG2 . THR A 1 26  ? -10.902 -2.414  -9.682  1.00 21.43 ? 30  THR A CG2 1 
ATOM   194  N  N   . ARG A 1 27  ? -7.472  -0.866  -8.769  1.00 12.89 ? 31  ARG A N   1 
ATOM   195  C  CA  . ARG A 1 27  ? -6.658  0.010   -9.678  1.00 16.93 ? 31  ARG A CA  1 
ATOM   196  C  C   . ARG A 1 27  ? -5.282  -0.603  -9.881  1.00 18.32 ? 31  ARG A C   1 
ATOM   197  O  O   . ARG A 1 27  ? -4.733  -0.548  -10.997 1.00 18.01 ? 31  ARG A O   1 
ATOM   198  C  CB  . ARG A 1 27  ? -6.625  1.451   -9.140  1.00 21.91 ? 31  ARG A CB  1 
ATOM   199  C  CG  . ARG A 1 27  ? -5.880  2.307   -10.207 1.00 23.10 ? 31  ARG A CG  1 
ATOM   200  C  CD  . ARG A 1 27  ? -6.925  3.093   -10.951 1.00 35.53 ? 31  ARG A CD  1 
ATOM   201  N  NE  . ARG A 1 27  ? -6.309  4.368   -11.361 1.00 42.90 ? 31  ARG A NE  1 
ATOM   202  C  CZ  . ARG A 1 27  ? -6.727  5.576   -10.983 1.00 45.07 ? 31  ARG A CZ  1 
ATOM   203  N  NH1 . ARG A 1 27  ? -7.783  5.748   -10.194 1.00 43.06 ? 31  ARG A NH1 1 
ATOM   204  N  NH2 . ARG A 1 27  ? -6.048  6.629   -11.416 1.00 45.34 ? 31  ARG A NH2 1 
ATOM   205  N  N   . LEU A 1 28  ? -4.698  -1.142  -8.830  1.00 17.19 ? 32  LEU A N   1 
ATOM   206  C  CA  . LEU A 1 28  ? -3.371  -1.787  -8.981  1.00 18.58 ? 32  LEU A CA  1 
ATOM   207  C  C   . LEU A 1 28  ? -3.483  -2.843  -10.082 1.00 18.04 ? 32  LEU A C   1 
ATOM   208  O  O   . LEU A 1 28  ? -2.578  -2.916  -10.948 1.00 17.84 ? 32  LEU A O   1 
ATOM   209  C  CB  . LEU A 1 28  ? -2.930  -2.313  -7.602  1.00 15.88 ? 32  LEU A CB  1 
ATOM   210  C  CG  . LEU A 1 28  ? -1.539  -3.016  -7.702  1.00 15.90 ? 32  LEU A CG  1 
ATOM   211  C  CD1 . LEU A 1 28  ? -0.401  -2.044  -7.992  1.00 19.27 ? 32  LEU A CD1 1 
ATOM   212  C  CD2 . LEU A 1 28  ? -1.459  -3.769  -6.367  1.00 14.02 ? 32  LEU A CD2 1 
ATOM   213  N  N   . PHE A 1 29  ? -4.491  -3.713  -9.930  1.00 15.65 ? 33  PHE A N   1 
ATOM   214  C  CA  . PHE A 1 29  ? -4.616  -4.833  -10.878 1.00 18.64 ? 33  PHE A CA  1 
ATOM   215  C  C   . PHE A 1 29  ? -4.948  -4.399  -12.288 1.00 23.81 ? 33  PHE A C   1 
ATOM   216  O  O   . PHE A 1 29  ? -4.509  -5.151  -13.190 1.00 20.83 ? 33  PHE A O   1 
ATOM   217  C  CB  . PHE A 1 29  ? -5.462  -5.964  -10.327 1.00 14.13 ? 33  PHE A CB  1 
ATOM   218  C  CG  . PHE A 1 29  ? -5.046  -6.536  -9.011  1.00 13.88 ? 33  PHE A CG  1 
ATOM   219  C  CD1 . PHE A 1 29  ? -3.728  -6.538  -8.530  1.00 17.47 ? 33  PHE A CD1 1 
ATOM   220  C  CD2 . PHE A 1 29  ? -6.098  -7.173  -8.264  1.00 13.52 ? 33  PHE A CD2 1 
ATOM   221  C  CE1 . PHE A 1 29  ? -3.423  -7.106  -7.300  1.00 19.49 ? 33  PHE A CE1 1 
ATOM   222  C  CE2 . PHE A 1 29  ? -5.786  -7.745  -7.039  1.00 20.64 ? 33  PHE A CE2 1 
ATOM   223  C  CZ  . PHE A 1 29  ? -4.455  -7.743  -6.595  1.00 18.15 ? 33  PHE A CZ  1 
ATOM   224  N  N   . LYS A 1 30  ? -5.668  -3.329  -12.458 1.00 22.32 ? 34  LYS A N   1 
ATOM   225  C  CA  . LYS A 1 30  ? -6.081  -2.917  -13.817 1.00 24.25 ? 34  LYS A CA  1 
ATOM   226  C  C   . LYS A 1 30  ? -4.888  -2.224  -14.449 1.00 24.68 ? 34  LYS A C   1 
ATOM   227  O  O   . LYS A 1 30  ? -4.627  -2.600  -15.619 1.00 28.48 ? 34  LYS A O   1 
ATOM   228  C  CB  . LYS A 1 30  ? -7.313  -2.019  -13.815 1.00 28.42 ? 34  LYS A CB  1 
ATOM   229  C  CG  . LYS A 1 30  ? -8.493  -2.936  -13.431 1.00 32.20 ? 34  LYS A CG  1 
ATOM   230  C  CD  . LYS A 1 30  ? -9.840  -2.406  -13.918 1.00 40.92 ? 34  LYS A CD  1 
ATOM   231  C  CE  . LYS A 1 30  ? -10.938 -3.227  -13.237 1.00 40.64 ? 34  LYS A CE  1 
ATOM   232  N  NZ  . LYS A 1 30  ? -12.276 -2.608  -13.395 1.00 45.50 ? 34  LYS A NZ  1 
ATOM   233  N  N   . GLU A 1 31  ? -4.190  -1.420  -13.690 1.00 21.80 ? 35  GLU A N   1 
ATOM   234  C  CA  . GLU A 1 31  ? -3.051  -0.706  -14.271 1.00 24.91 ? 35  GLU A CA  1 
ATOM   235  C  C   . GLU A 1 31  ? -1.753  -1.479  -14.368 1.00 25.73 ? 35  GLU A C   1 
ATOM   236  O  O   . GLU A 1 31  ? -0.944  -1.098  -15.248 1.00 28.85 ? 35  GLU A O   1 
ATOM   237  C  CB  . GLU A 1 31  ? -2.751  0.570   -13.462 1.00 27.19 ? 35  GLU A CB  1 
ATOM   238  C  CG  . GLU A 1 31  ? -3.905  1.569   -13.635 1.00 34.59 ? 35  GLU A CG  1 
ATOM   239  C  CD  . GLU A 1 31  ? -3.762  2.977   -13.204 1.00 42.91 ? 35  GLU A CD  1 
ATOM   240  O  OE1 . GLU A 1 31  ? -2.653  3.268   -12.687 1.00 43.62 ? 35  GLU A OE1 1 
ATOM   241  O  OE2 . GLU A 1 31  ? -4.678  3.782   -13.364 1.00 42.18 ? 35  GLU A OE2 1 
ATOM   242  N  N   . HIS A 1 32  ? -1.545  -2.474  -13.534 1.00 24.96 ? 36  HIS A N   1 
ATOM   243  C  CA  . HIS A 1 32  ? -0.310  -3.241  -13.440 1.00 24.27 ? 36  HIS A CA  1 
ATOM   244  C  C   . HIS A 1 32  ? -0.651  -4.724  -13.236 1.00 24.13 ? 36  HIS A C   1 
ATOM   245  O  O   . HIS A 1 32  ? -0.540  -5.230  -12.104 1.00 22.95 ? 36  HIS A O   1 
ATOM   246  C  CB  . HIS A 1 32  ? 0.560   -2.731  -12.276 1.00 23.83 ? 36  HIS A CB  1 
ATOM   247  C  CG  . HIS A 1 32  ? 0.949   -1.293  -12.462 1.00 25.31 ? 36  HIS A CG  1 
ATOM   248  N  ND1 . HIS A 1 32  ? 1.782   -0.849  -13.473 1.00 28.01 ? 36  HIS A ND1 1 
ATOM   249  C  CD2 . HIS A 1 32  ? 0.586   -0.228  -11.731 1.00 29.78 ? 36  HIS A CD2 1 
ATOM   250  C  CE1 . HIS A 1 32  ? 1.949   0.457   -13.314 1.00 30.57 ? 36  HIS A CE1 1 
ATOM   251  N  NE2 . HIS A 1 32  ? 1.292   0.850   -12.259 1.00 31.69 ? 36  HIS A NE2 1 
ATOM   252  N  N   . PRO A 1 33  ? -1.244  -5.310  -14.263 1.00 23.99 ? 37  PRO A N   1 
ATOM   253  C  CA  . PRO A 1 33  ? -1.776  -6.668  -14.233 1.00 25.60 ? 37  PRO A CA  1 
ATOM   254  C  C   . PRO A 1 33  ? -0.780  -7.727  -13.769 1.00 23.43 ? 37  PRO A C   1 
ATOM   255  O  O   . PRO A 1 33  ? -1.164  -8.724  -13.121 1.00 26.63 ? 37  PRO A O   1 
ATOM   256  C  CB  . PRO A 1 33  ? -2.308  -6.958  -15.641 1.00 28.34 ? 37  PRO A CB  1 
ATOM   257  C  CG  . PRO A 1 33  ? -2.265  -5.655  -16.388 1.00 27.80 ? 37  PRO A CG  1 
ATOM   258  C  CD  . PRO A 1 33  ? -1.420  -4.706  -15.595 1.00 26.19 ? 37  PRO A CD  1 
ATOM   259  N  N   . GLU A 1 34  ? 0.492   -7.460  -14.045 1.00 22.28 ? 38  GLU A N   1 
ATOM   260  C  CA  . GLU A 1 34  ? 1.558   -8.375  -13.600 1.00 24.37 ? 38  GLU A CA  1 
ATOM   261  C  C   . GLU A 1 34  ? 1.540   -8.510  -12.095 1.00 23.14 ? 38  GLU A C   1 
ATOM   262  O  O   . GLU A 1 34  ? 1.866   -9.578  -11.562 1.00 24.69 ? 38  GLU A O   1 
ATOM   263  C  CB  . GLU A 1 34  ? 2.953   -7.943  -14.099 1.00 28.93 ? 38  GLU A CB  1 
ATOM   264  C  CG  . GLU A 1 34  ? 3.491   -6.622  -13.586 1.00 30.63 ? 38  GLU A CG  1 
ATOM   265  C  CD  . GLU A 1 34  ? 2.916   -5.364  -14.175 1.00 34.54 ? 38  GLU A CD  1 
ATOM   266  O  OE1 . GLU A 1 34  ? 1.923   -5.277  -14.880 1.00 32.72 ? 38  GLU A OE1 1 
ATOM   267  O  OE2 . GLU A 1 34  ? 3.574   -4.355  -13.836 1.00 37.85 ? 38  GLU A OE2 1 
ATOM   268  N  N   . THR A 1 35  ? 1.056   -7.496  -11.346 1.00 20.82 ? 39  THR A N   1 
ATOM   269  C  CA  . THR A 1 35  ? 0.979   -7.598  -9.885  1.00 18.05 ? 39  THR A CA  1 
ATOM   270  C  C   . THR A 1 35  ? -0.095  -8.575  -9.394  1.00 14.26 ? 39  THR A C   1 
ATOM   271  O  O   . THR A 1 35  ? 0.113   -9.126  -8.323  1.00 19.49 ? 39  THR A O   1 
ATOM   272  C  CB  . THR A 1 35  ? 0.814   -6.208  -9.160  1.00 16.60 ? 39  THR A CB  1 
ATOM   273  O  OG1 . THR A 1 35  ? -0.517  -5.785  -9.551  1.00 17.56 ? 39  THR A OG1 1 
ATOM   274  C  CG2 . THR A 1 35  ? 1.848   -5.169  -9.630  1.00 21.24 ? 39  THR A CG2 1 
ATOM   275  N  N   . GLN A 1 36  ? -1.138  -8.826  -10.152 1.00 17.32 ? 40  GLN A N   1 
ATOM   276  C  CA  . GLN A 1 36  ? -2.184  -9.751  -9.744  1.00 14.46 ? 40  GLN A CA  1 
ATOM   277  C  C   . GLN A 1 36  ? -1.649  -11.188 -9.588  1.00 14.88 ? 40  GLN A C   1 
ATOM   278  O  O   . GLN A 1 36  ? -2.121  -11.939 -8.693  1.00 17.29 ? 40  GLN A O   1 
ATOM   279  C  CB  . GLN A 1 36  ? -3.344  -9.720  -10.709 1.00 18.53 ? 40  GLN A CB  1 
ATOM   280  C  CG  . GLN A 1 36  ? -4.592  -10.397 -10.128 1.00 17.21 ? 40  GLN A CG  1 
ATOM   281  C  CD  . GLN A 1 36  ? -5.720  -10.450 -11.118 1.00 20.31 ? 40  GLN A CD  1 
ATOM   282  O  OE1 . GLN A 1 36  ? -6.720  -11.195 -11.061 1.00 17.63 ? 40  GLN A OE1 1 
ATOM   283  N  NE2 . GLN A 1 36  ? -5.704  -9.544  -12.083 1.00 19.42 ? 40  GLN A NE2 1 
ATOM   284  N  N   . LYS A 1 37  ? -0.673  -11.476 -10.468 1.00 18.73 ? 41  LYS A N   1 
ATOM   285  C  CA  . LYS A 1 37  ? -0.064  -12.814 -10.355 1.00 19.00 ? 41  LYS A CA  1 
ATOM   286  C  C   . LYS A 1 37  ? 0.675   -13.073 -9.051  1.00 19.30 ? 41  LYS A C   1 
ATOM   287  O  O   . LYS A 1 37  ? 0.959   -14.251 -8.773  1.00 19.07 ? 41  LYS A O   1 
ATOM   288  C  CB  . LYS A 1 37  ? 0.863   -13.005 -11.582 1.00 24.92 ? 41  LYS A CB  1 
ATOM   289  C  CG  . LYS A 1 37  ? 0.088   -12.870 -12.911 1.00 34.70 ? 41  LYS A CG  1 
ATOM   290  C  CD  . LYS A 1 37  ? 1.118   -12.852 -14.067 1.00 43.37 ? 41  LYS A CD  1 
ATOM   291  C  CE  . LYS A 1 37  ? 0.473   -12.408 -15.374 1.00 49.88 ? 41  LYS A CE  1 
ATOM   292  N  NZ  . LYS A 1 37  ? 0.813   -13.402 -16.442 1.00 56.28 ? 41  LYS A NZ  1 
ATOM   293  N  N   . LEU A 1 38  ? 1.109   -12.051 -8.350  1.00 15.43 ? 42  LEU A N   1 
ATOM   294  C  CA  . LEU A 1 38  ? 1.818   -12.179 -7.082  1.00 17.18 ? 42  LEU A CA  1 
ATOM   295  C  C   . LEU A 1 38  ? 0.900   -12.544 -5.899  1.00 17.44 ? 42  LEU A C   1 
ATOM   296  O  O   . LEU A 1 38  ? 1.447   -12.754 -4.798  1.00 18.31 ? 42  LEU A O   1 
ATOM   297  C  CB  . LEU A 1 38  ? 2.684   -10.924 -6.767  1.00 19.69 ? 42  LEU A CB  1 
ATOM   298  C  CG  . LEU A 1 38  ? 3.813   -10.616 -7.729  1.00 28.72 ? 42  LEU A CG  1 
ATOM   299  C  CD1 . LEU A 1 38  ? 4.308   -9.200  -7.545  1.00 24.62 ? 42  LEU A CD1 1 
ATOM   300  C  CD2 . LEU A 1 38  ? 4.998   -11.558 -7.376  1.00 28.71 ? 42  LEU A CD2 1 
ATOM   301  N  N   . PHE A 1 39  ? -0.373  -12.508 -6.137  1.00 14.59 ? 43  PHE A N   1 
ATOM   302  C  CA  . PHE A 1 39  ? -1.381  -12.913 -5.129  1.00 16.55 ? 43  PHE A CA  1 
ATOM   303  C  C   . PHE A 1 39  ? -2.039  -14.199 -5.519  1.00 15.71 ? 43  PHE A C   1 
ATOM   304  O  O   . PHE A 1 39  ? -2.948  -14.200 -6.348  1.00 18.39 ? 43  PHE A O   1 
ATOM   305  C  CB  . PHE A 1 39  ? -2.466  -11.820 -4.997  1.00 16.99 ? 43  PHE A CB  1 
ATOM   306  C  CG  . PHE A 1 39  ? -2.072  -10.515 -4.411  1.00 17.71 ? 43  PHE A CG  1 
ATOM   307  C  CD1 . PHE A 1 39  ? -1.602  -9.498  -5.265  1.00 16.69 ? 43  PHE A CD1 1 
ATOM   308  C  CD2 . PHE A 1 39  ? -2.197  -10.313 -3.032  1.00 16.69 ? 43  PHE A CD2 1 
ATOM   309  C  CE1 . PHE A 1 39  ? -1.256  -8.251  -4.706  1.00 15.91 ? 43  PHE A CE1 1 
ATOM   310  C  CE2 . PHE A 1 39  ? -1.927  -9.061  -2.487  1.00 15.95 ? 43  PHE A CE2 1 
ATOM   311  C  CZ  . PHE A 1 39  ? -1.435  -8.041  -3.308  1.00 12.57 ? 43  PHE A CZ  1 
ATOM   312  N  N   . PRO A 1 40  ? -1.500  -15.367 -5.125  1.00 18.79 ? 44  PRO A N   1 
ATOM   313  C  CA  . PRO A 1 40  ? -2.105  -16.649 -5.505  1.00 22.05 ? 44  PRO A CA  1 
ATOM   314  C  C   . PRO A 1 40  ? -3.608  -16.774 -5.343  1.00 19.92 ? 44  PRO A C   1 
ATOM   315  O  O   . PRO A 1 40  ? -4.380  -17.398 -6.088  1.00 18.84 ? 44  PRO A O   1 
ATOM   316  C  CB  . PRO A 1 40  ? -1.412  -17.634 -4.543  1.00 20.71 ? 44  PRO A CB  1 
ATOM   317  C  CG  . PRO A 1 40  ? -0.105  -16.992 -4.223  1.00 22.70 ? 44  PRO A CG  1 
ATOM   318  C  CD  . PRO A 1 40  ? -0.362  -15.471 -4.189  1.00 17.67 ? 44  PRO A CD  1 
ATOM   319  N  N   . LYS A 1 41  ? -4.145  -16.070 -4.288  1.00 19.89 ? 45  LYS A N   1 
ATOM   320  C  CA  . LYS A 1 41  ? -5.560  -16.060 -4.021  1.00 16.32 ? 45  LYS A CA  1 
ATOM   321  C  C   . LYS A 1 41  ? -6.373  -15.313 -5.099  1.00 12.82 ? 45  LYS A C   1 
ATOM   322  O  O   . LYS A 1 41  ? -7.524  -15.670 -5.279  1.00 16.54 ? 45  LYS A O   1 
ATOM   323  C  CB  . LYS A 1 41  ? -5.908  -15.440 -2.633  1.00 24.07 ? 45  LYS A CB  1 
ATOM   324  C  CG  . LYS A 1 41  ? -5.739  -16.525 -1.584  1.00 29.29 ? 45  LYS A CG  1 
ATOM   325  C  CD  . LYS A 1 41  ? -5.628  -16.025 -0.155  1.00 35.48 ? 45  LYS A CD  1 
ATOM   326  C  CE  . LYS A 1 41  ? -4.818  -17.037 0.658   1.00 37.06 ? 45  LYS A CE  1 
ATOM   327  N  NZ  . LYS A 1 41  ? -4.728  -16.551 2.059   1.00 40.48 ? 45  LYS A NZ  1 
ATOM   328  N  N   . PHE A 1 42  ? -5.728  -14.334 -5.766  1.00 13.54 ? 46  PHE A N   1 
ATOM   329  C  CA  . PHE A 1 42  ? -6.448  -13.488 -6.683  1.00 15.84 ? 46  PHE A CA  1 
ATOM   330  C  C   . PHE A 1 42  ? -6.042  -13.686 -8.144  1.00 15.26 ? 46  PHE A C   1 
ATOM   331  O  O   . PHE A 1 42  ? -6.719  -13.207 -9.054  1.00 16.19 ? 46  PHE A O   1 
ATOM   332  C  CB  . PHE A 1 42  ? -6.253  -12.000 -6.315  1.00 15.12 ? 46  PHE A CB  1 
ATOM   333  C  CG  . PHE A 1 42  ? -6.683  -11.686 -4.893  1.00 14.22 ? 46  PHE A CG  1 
ATOM   334  C  CD1 . PHE A 1 42  ? -7.700  -12.291 -4.207  1.00 18.29 ? 46  PHE A CD1 1 
ATOM   335  C  CD2 . PHE A 1 42  ? -5.860  -10.689 -4.286  1.00 16.07 ? 46  PHE A CD2 1 
ATOM   336  C  CE1 . PHE A 1 42  ? -7.952  -11.901 -2.880  1.00 20.64 ? 46  PHE A CE1 1 
ATOM   337  C  CE2 . PHE A 1 42  ? -6.104  -10.244 -2.984  1.00 15.16 ? 46  PHE A CE2 1 
ATOM   338  C  CZ  . PHE A 1 42  ? -7.095  -10.957 -2.333  1.00 16.54 ? 46  PHE A CZ  1 
ATOM   339  N  N   . ALA A 1 43  ? -4.938  -14.414 -8.370  1.00 14.22 ? 47  ALA A N   1 
ATOM   340  C  CA  . ALA A 1 43  ? -4.468  -14.604 -9.744  1.00 12.33 ? 47  ALA A CA  1 
ATOM   341  C  C   . ALA A 1 43  ? -5.477  -15.380 -10.572 1.00 14.04 ? 47  ALA A C   1 
ATOM   342  O  O   . ALA A 1 43  ? -6.093  -16.313 -10.022 1.00 16.26 ? 47  ALA A O   1 
ATOM   343  C  CB  . ALA A 1 43  ? -3.081  -15.305 -9.817  1.00 17.93 ? 47  ALA A CB  1 
ATOM   344  N  N   . GLY A 1 44  ? -5.690  -14.909 -11.777 1.00 15.47 ? 48  GLY A N   1 
ATOM   345  C  CA  . GLY A 1 44  ? -6.649  -15.591 -12.665 1.00 15.36 ? 48  GLY A CA  1 
ATOM   346  C  C   . GLY A 1 44  ? -8.101  -15.144 -12.551 1.00 16.60 ? 48  GLY A C   1 
ATOM   347  O  O   . GLY A 1 44  ? -8.919  -15.533 -13.409 1.00 16.78 ? 48  GLY A O   1 
ATOM   348  N  N   . ILE A 1 45  ? -8.345  -14.201 -11.653 1.00 13.46 ? 49  ILE A N   1 
ATOM   349  C  CA  . ILE A 1 45  ? -9.686  -13.653 -11.510 1.00 15.32 ? 49  ILE A CA  1 
ATOM   350  C  C   . ILE A 1 45  ? -9.892  -12.733 -12.754 1.00 14.61 ? 49  ILE A C   1 
ATOM   351  O  O   . ILE A 1 45  ? -8.976  -11.867 -12.930 1.00 16.62 ? 49  ILE A O   1 
ATOM   352  C  CB  . ILE A 1 45  ? -10.065 -12.935 -10.170 1.00 17.19 ? 49  ILE A CB  1 
ATOM   353  C  CG1 . ILE A 1 45  ? -10.208 -14.020 -9.073  1.00 17.06 ? 49  ILE A CG1 1 
ATOM   354  C  CG2 . ILE A 1 45  ? -11.398 -12.132 -10.298 1.00 17.63 ? 49  ILE A CG2 1 
ATOM   355  C  CD1 . ILE A 1 45  ? -10.183 -13.406 -7.616  1.00 19.14 ? 49  ILE A CD1 1 
ATOM   356  N  N   . ALA A 1 46  ? -10.957 -12.818 -13.679 1.00 19.19 ? 51  ALA A N   1 
ATOM   357  C  CA  . ALA A 1 46  ? -11.337 -12.020 -14.925 1.00 20.76 ? 51  ALA A CA  1 
ATOM   358  C  C   . ALA A 1 46  ? -11.287 -10.575 -14.389 1.00 19.11 ? 51  ALA A C   1 
ATOM   359  O  O   . ALA A 1 46  ? -11.771 -10.226 -13.299 1.00 18.40 ? 51  ALA A O   1 
ATOM   360  C  CB  . ALA A 1 46  ? -12.685 -12.497 -15.327 1.00 19.76 ? 51  ALA A CB  1 
ATOM   361  N  N   . GLN A 1 47  ? -10.748 -9.753  -15.263 1.00 21.39 ? 52  GLN A N   1 
ATOM   362  C  CA  . GLN A 1 47  ? -10.615 -8.300  -14.996 1.00 23.52 ? 52  GLN A CA  1 
ATOM   363  C  C   . GLN A 1 47  ? -12.031 -7.778  -14.744 1.00 23.53 ? 52  GLN A C   1 
ATOM   364  O  O   . GLN A 1 47  ? -12.092 -6.883  -13.885 1.00 24.42 ? 52  GLN A O   1 
ATOM   365  C  CB  . GLN A 1 47  ? -9.925  -7.598  -16.144 1.00 30.91 ? 52  GLN A CB  1 
ATOM   366  C  CG  . GLN A 1 47  ? -8.916  -6.560  -15.633 1.00 45.11 ? 52  GLN A CG  1 
ATOM   367  C  CD  . GLN A 1 47  ? -8.626  -5.547  -16.729 1.00 53.37 ? 52  GLN A CD  1 
ATOM   368  O  OE1 . GLN A 1 47  ? -9.515  -5.057  -17.444 1.00 56.91 ? 52  GLN A OE1 1 
ATOM   369  N  NE2 . GLN A 1 47  ? -7.329  -5.224  -16.873 1.00 55.98 ? 52  GLN A NE2 1 
ATOM   370  N  N   . ALA A 1 48  ? -13.036 -8.300  -15.414 1.00 25.23 ? 53  ALA A N   1 
ATOM   371  C  CA  . ALA A 1 48  ? -14.424 -7.841  -15.189 1.00 27.35 ? 53  ALA A CA  1 
ATOM   372  C  C   . ALA A 1 48  ? -14.973 -8.054  -13.794 1.00 27.13 ? 53  ALA A C   1 
ATOM   373  O  O   . ALA A 1 48  ? -15.929 -7.335  -13.385 1.00 25.25 ? 53  ALA A O   1 
ATOM   374  C  CB  . ALA A 1 48  ? -15.385 -8.552  -16.156 1.00 29.22 ? 53  ALA A CB  1 
ATOM   375  N  N   . ASP A 1 49  ? -14.392 -9.042  -13.082 1.00 25.16 ? 54  ASP A N   1 
ATOM   376  C  CA  . ASP A 1 49  ? -14.859 -9.442  -11.771 1.00 26.55 ? 54  ASP A CA  1 
ATOM   377  C  C   . ASP A 1 49  ? -14.043 -8.866  -10.601 1.00 22.62 ? 54  ASP A C   1 
ATOM   378  O  O   . ASP A 1 49  ? -14.505 -9.046  -9.484  1.00 24.42 ? 54  ASP A O   1 
ATOM   379  C  CB  . ASP A 1 49  ? -14.834 -10.978 -11.658 1.00 30.38 ? 54  ASP A CB  1 
ATOM   380  C  CG  . ASP A 1 49  ? -15.879 -11.658 -12.528 1.00 37.18 ? 54  ASP A CG  1 
ATOM   381  O  OD1 . ASP A 1 49  ? -15.999 -11.225 -13.681 1.00 42.15 ? 54  ASP A OD1 1 
ATOM   382  O  OD2 . ASP A 1 49  ? -16.513 -12.627 -12.102 1.00 41.60 ? 54  ASP A OD2 1 
ATOM   383  N  N   . ILE A 1 50  ? -13.005 -8.104  -10.891 1.00 19.58 ? 55  ILE A N   1 
ATOM   384  C  CA  . ILE A 1 50  ? -12.196 -7.563  -9.786  1.00 18.90 ? 55  ILE A CA  1 
ATOM   385  C  C   . ILE A 1 50  ? -12.931 -6.543  -8.902  1.00 20.22 ? 55  ILE A C   1 
ATOM   386  O  O   . ILE A 1 50  ? -12.917 -6.503  -7.650  1.00 19.73 ? 55  ILE A O   1 
ATOM   387  C  CB  . ILE A 1 50  ? -10.812 -7.004  -10.278 1.00 17.34 ? 55  ILE A CB  1 
ATOM   388  C  CG1 . ILE A 1 50  ? -9.932  -8.216  -10.757 1.00 23.90 ? 55  ILE A CG1 1 
ATOM   389  C  CG2 . ILE A 1 50  ? -9.980  -6.367  -9.119  1.00 20.24 ? 55  ILE A CG2 1 
ATOM   390  C  CD1 . ILE A 1 50  ? -8.841  -7.747  -11.764 1.00 27.02 ? 55  ILE A CD1 1 
ATOM   391  N  N   . ALA A 1 51  ? -13.566 -5.598  -9.639  1.00 19.42 ? 56  ALA A N   1 
ATOM   392  C  CA  . ALA A 1 51  ? -14.163 -4.446  -8.922  1.00 20.58 ? 56  ALA A CA  1 
ATOM   393  C  C   . ALA A 1 51  ? -15.327 -4.989  -8.082  1.00 22.09 ? 56  ALA A C   1 
ATOM   394  O  O   . ALA A 1 51  ? -16.125 -5.667  -8.704  1.00 26.93 ? 56  ALA A O   1 
ATOM   395  C  CB  . ALA A 1 51  ? -14.597 -3.377  -9.857  1.00 22.86 ? 56  ALA A CB  1 
ATOM   396  N  N   . GLY A 1 52  ? -15.358 -4.532  -6.837  1.00 24.24 ? 57  GLY A N   1 
ATOM   397  C  CA  . GLY A 1 52  ? -16.477 -5.015  -6.015  1.00 24.73 ? 57  GLY A CA  1 
ATOM   398  C  C   . GLY A 1 52  ? -16.257 -6.437  -5.501  1.00 27.33 ? 57  GLY A C   1 
ATOM   399  O  O   . GLY A 1 52  ? -17.035 -6.810  -4.602  1.00 29.02 ? 57  GLY A O   1 
ATOM   400  N  N   . ASN A 1 53  ? -15.146 -7.096  -5.852  1.00 26.99 ? 58  ASN A N   1 
ATOM   401  C  CA  . ASN A 1 53  ? -14.840 -8.451  -5.388  1.00 23.18 ? 58  ASN A CA  1 
ATOM   402  C  C   . ASN A 1 53  ? -14.658 -8.408  -3.868  1.00 21.55 ? 58  ASN A C   1 
ATOM   403  O  O   . ASN A 1 53  ? -13.764 -7.689  -3.449  1.00 18.64 ? 58  ASN A O   1 
ATOM   404  C  CB  . ASN A 1 53  ? -13.626 -9.064  -6.095  1.00 24.96 ? 58  ASN A CB  1 
ATOM   405  C  CG  . ASN A 1 53  ? -13.401 -10.524 -5.712  1.00 28.36 ? 58  ASN A CG  1 
ATOM   406  O  OD1 . ASN A 1 53  ? -12.762 -10.838 -4.679  1.00 21.56 ? 58  ASN A OD1 1 
ATOM   407  N  ND2 . ASN A 1 53  ? -13.790 -11.431 -6.620  1.00 29.79 ? 58  ASN A ND2 1 
ATOM   408  N  N   . ALA A 1 54  ? -15.379 -9.204  -3.077  1.00 21.11 ? 59  ALA A N   1 
ATOM   409  C  CA  . ALA A 1 54  ? -15.249 -9.089  -1.635  1.00 19.63 ? 59  ALA A CA  1 
ATOM   410  C  C   . ALA A 1 54  ? -13.890 -9.575  -1.114  1.00 16.29 ? 59  ALA A C   1 
ATOM   411  O  O   . ALA A 1 54  ? -13.442 -8.981  -0.135  1.00 14.89 ? 59  ALA A O   1 
ATOM   412  C  CB  . ALA A 1 54  ? -16.384 -9.807  -0.866  1.00 23.62 ? 59  ALA A CB  1 
ATOM   413  N  N   . ALA A 1 55  ? -13.378 -10.687 -1.634  1.00 17.14 ? 60  ALA A N   1 
ATOM   414  C  CA  . ALA A 1 55  ? -12.044 -11.131 -1.101  1.00 17.23 ? 60  ALA A CA  1 
ATOM   415  C  C   . ALA A 1 55  ? -10.943 -10.077 -1.370  1.00 14.63 ? 60  ALA A C   1 
ATOM   416  O  O   . ALA A 1 55  ? -10.081 -9.929  -0.461  1.00 15.32 ? 60  ALA A O   1 
ATOM   417  C  CB  . ALA A 1 55  ? -11.761 -12.533 -1.621  1.00 17.88 ? 60  ALA A CB  1 
ATOM   418  N  N   . ILE A 1 56  ? -11.030 -9.473  -2.541  1.00 16.02 ? 61  ILE A N   1 
ATOM   419  C  CA  . ILE A 1 56  ? -10.066 -8.370  -2.839  1.00 15.11 ? 61  ILE A CA  1 
ATOM   420  C  C   . ILE A 1 56  ? -10.298 -7.223  -1.838  1.00 13.02 ? 61  ILE A C   1 
ATOM   421  O  O   . ILE A 1 56  ? -9.293  -6.664  -1.343  1.00 13.41 ? 61  ILE A O   1 
ATOM   422  C  CB  . ILE A 1 56  ? -10.085 -8.018  -4.337  1.00 19.27 ? 61  ILE A CB  1 
ATOM   423  C  CG1 . ILE A 1 56  ? -9.544  -9.211  -5.205  1.00 19.38 ? 61  ILE A CG1 1 
ATOM   424  C  CG2 . ILE A 1 56  ? -9.275  -6.719  -4.675  1.00 13.51 ? 61  ILE A CG2 1 
ATOM   425  C  CD1 . ILE A 1 56  ? -9.710  -8.946  -6.739  1.00 20.45 ? 61  ILE A CD1 1 
ATOM   426  N  N   . SER A 1 57  ? -11.515 -6.711  -1.728  1.00 13.02 ? 62  SER A N   1 
ATOM   427  C  CA  . SER A 1 57  ? -11.773 -5.582  -0.815  1.00 11.72 ? 62  SER A CA  1 
ATOM   428  C  C   . SER A 1 57  ? -11.346 -5.908  0.584   1.00 13.96 ? 62  SER A C   1 
ATOM   429  O  O   . SER A 1 57  ? -10.798 -5.077  1.311   1.00 12.86 ? 62  SER A O   1 
ATOM   430  C  CB  . SER A 1 57  ? -13.289 -5.245  -0.866  1.00 13.32 ? 62  SER A CB  1 
ATOM   431  O  OG  . SER A 1 57  ? -13.522 -4.818  -2.185  1.00 15.00 ? 62  SER A OG  1 
ATOM   432  N  N   . ALA A 1 58  ? -11.586 -7.163  1.053   1.00 12.90 ? 63  ALA A N   1 
ATOM   433  C  CA  . ALA A 1 58  ? -11.184 -7.518  2.398   1.00 11.17 ? 63  ALA A CA  1 
ATOM   434  C  C   . ALA A 1 58  ? -9.658  -7.448  2.631   1.00 12.41 ? 63  ALA A C   1 
ATOM   435  O  O   . ALA A 1 58  ? -9.191  -6.934  3.637   1.00 13.49 ? 63  ALA A O   1 
ATOM   436  C  CB  . ALA A 1 58  ? -11.643 -8.909  2.828   1.00 9.50  ? 63  ALA A CB  1 
ATOM   437  N  N   . HIS A 1 59  ? -8.925  -7.922  1.627   1.00 12.30 ? 64  HIS A N   1 
ATOM   438  C  CA  . HIS A 1 59  ? -7.451  -7.825  1.713   1.00 11.33 ? 64  HIS A CA  1 
ATOM   439  C  C   . HIS A 1 59  ? -6.965  -6.373  1.609   1.00 10.68 ? 64  HIS A C   1 
ATOM   440  O  O   . HIS A 1 59  ? -6.119  -5.938  2.343   1.00 11.28 ? 64  HIS A O   1 
ATOM   441  C  CB  . HIS A 1 59  ? -6.835  -8.728  0.582   1.00 13.42 ? 64  HIS A CB  1 
ATOM   442  C  CG  . HIS A 1 59  ? -5.354  -8.804  0.862   1.00 17.02 ? 64  HIS A CG  1 
ATOM   443  N  ND1 . HIS A 1 59  ? -4.789  -9.413  1.965   1.00 15.29 ? 64  HIS A ND1 1 
ATOM   444  C  CD2 . HIS A 1 59  ? -4.348  -8.160  0.221   1.00 15.49 ? 64  HIS A CD2 1 
ATOM   445  C  CE1 . HIS A 1 59  ? -3.494  -9.072  2.029   1.00 16.05 ? 64  HIS A CE1 1 
ATOM   446  N  NE2 . HIS A 1 59  ? -3.214  -8.403  0.945   1.00 14.25 ? 64  HIS A NE2 1 
ATOM   447  N  N   . GLY A 1 60  ? -7.694  -5.625  0.783   1.00 9.73  ? 65  GLY A N   1 
ATOM   448  C  CA  . GLY A 1 60  ? -7.342  -4.175  0.626   1.00 9.85  ? 65  GLY A CA  1 
ATOM   449  C  C   . GLY A 1 60  ? -7.504  -3.450  1.968   1.00 10.89 ? 65  GLY A C   1 
ATOM   450  O  O   . GLY A 1 60  ? -6.747  -2.578  2.309   1.00 13.55 ? 65  GLY A O   1 
ATOM   451  N  N   . ALA A 1 61  ? -8.568  -3.854  2.695   1.00 11.70 ? 66  ALA A N   1 
ATOM   452  C  CA  . ALA A 1 61  ? -8.856  -3.272  4.016   1.00 12.00 ? 66  ALA A CA  1 
ATOM   453  C  C   . ALA A 1 61  ? -7.725  -3.531  4.954   1.00 14.26 ? 66  ALA A C   1 
ATOM   454  O  O   . ALA A 1 61  ? -7.167  -2.672  5.685   1.00 14.70 ? 66  ALA A O   1 
ATOM   455  C  CB  . ALA A 1 61  ? -10.214 -3.774  4.547   1.00 16.66 ? 66  ALA A CB  1 
ATOM   456  N  N   . THR A 1 62  ? -7.187  -4.802  4.915   1.00 14.85 ? 67  THR A N   1 
ATOM   457  C  CA  . THR A 1 62  ? -6.028  -5.176  5.732   1.00 12.90 ? 67  THR A CA  1 
ATOM   458  C  C   . THR A 1 62  ? -4.787  -4.365  5.373   1.00 12.97 ? 67  THR A C   1 
ATOM   459  O  O   . THR A 1 62  ? -4.074  -4.008  6.327   1.00 13.80 ? 67  THR A O   1 
ATOM   460  C  CB  . THR A 1 62  ? -5.746  -6.732  5.521   1.00 14.62 ? 67  THR A CB  1 
ATOM   461  O  OG1 . THR A 1 62  ? -6.916  -7.464  5.956   1.00 19.85 ? 67  THR A OG1 1 
ATOM   462  C  CG2 . THR A 1 62  ? -4.438  -7.244  6.119   1.00 20.25 ? 67  THR A CG2 1 
ATOM   463  N  N   . VAL A 1 63  ? -4.545  -4.209  4.113   1.00 11.66 ? 68  VAL A N   1 
ATOM   464  C  CA  . VAL A 1 63  ? -3.444  -3.389  3.578   1.00 11.88 ? 68  VAL A CA  1 
ATOM   465  C  C   . VAL A 1 63  ? -3.498  -1.979  4.198   1.00 11.97 ? 68  VAL A C   1 
ATOM   466  O  O   . VAL A 1 63  ? -2.523  -1.507  4.767   1.00 13.93 ? 68  VAL A O   1 
ATOM   467  C  CB  . VAL A 1 63  ? -3.373  -3.424  2.059   1.00 13.69 ? 68  VAL A CB  1 
ATOM   468  C  CG1 . VAL A 1 63  ? -2.365  -2.394  1.497   1.00 14.83 ? 68  VAL A CG1 1 
ATOM   469  C  CG2 . VAL A 1 63  ? -3.016  -4.846  1.624   1.00 14.45 ? 68  VAL A CG2 1 
ATOM   470  N  N   . LEU A 1 64  ? -4.650  -1.342  3.981   1.00 10.94 ? 69  LEU A N   1 
ATOM   471  C  CA  . LEU A 1 64  ? -4.790  0.073   4.458   1.00 12.35 ? 69  LEU A CA  1 
ATOM   472  C  C   . LEU A 1 64  ? -4.730  0.225   5.934   1.00 11.07 ? 69  LEU A C   1 
ATOM   473  O  O   . LEU A 1 64  ? -4.141  1.185   6.389   1.00 15.06 ? 69  LEU A O   1 
ATOM   474  C  CB  . LEU A 1 64  ? -6.051  0.690   3.792   1.00 12.58 ? 69  LEU A CB  1 
ATOM   475  C  CG  . LEU A 1 64  ? -6.107  0.730   2.302   1.00 12.51 ? 69  LEU A CG  1 
ATOM   476  C  CD1 . LEU A 1 64  ? -7.365  1.426   1.775   1.00 14.96 ? 69  LEU A CD1 1 
ATOM   477  C  CD2 . LEU A 1 64  ? -4.895  1.576   1.759   1.00 16.66 ? 69  LEU A CD2 1 
ATOM   478  N  N   . LYS A 1 65  ? -5.318  -0.757  6.677   1.00 14.07 ? 70  LYS A N   1 
ATOM   479  C  CA  . LYS A 1 65  ? -5.264  -0.699  8.152   1.00 13.31 ? 70  LYS A CA  1 
ATOM   480  C  C   . LYS A 1 65  ? -3.805  -0.729  8.564   1.00 13.67 ? 70  LYS A C   1 
ATOM   481  O  O   . LYS A 1 65  ? -3.385  0.015   9.474   1.00 15.33 ? 70  LYS A O   1 
ATOM   482  C  CB  . LYS A 1 65  ? -5.996  -1.862  8.827   1.00 17.86 ? 70  LYS A CB  1 
ATOM   483  C  CG  . LYS A 1 65  ? -7.460  -1.674  8.453   1.00 25.86 ? 70  LYS A CG  1 
ATOM   484  C  CD  . LYS A 1 65  ? -8.332  -2.617  9.301   1.00 35.51 ? 70  LYS A CD  1 
ATOM   485  C  CE  . LYS A 1 65  ? -9.814  -2.374  9.005   1.00 40.03 ? 70  LYS A CE  1 
ATOM   486  N  NZ  . LYS A 1 65  ? -10.608 -3.157  10.012  1.00 46.47 ? 70  LYS A NZ  1 
ATOM   487  N  N   . LYS A 1 66  ? -2.992  -1.611  7.939   1.00 15.87 ? 71  LYS A N   1 
ATOM   488  C  CA  . LYS A 1 66  ? -1.580  -1.675  8.314   1.00 14.57 ? 71  LYS A CA  1 
ATOM   489  C  C   . LYS A 1 66  ? -0.831  -0.418  7.894   1.00 14.25 ? 71  LYS A C   1 
ATOM   490  O  O   . LYS A 1 66  ? 0.027   0.056   8.670   1.00 16.11 ? 71  LYS A O   1 
ATOM   491  C  CB  . LYS A 1 66  ? -0.986  -2.987  7.730   1.00 13.17 ? 71  LYS A CB  1 
ATOM   492  C  CG  . LYS A 1 66  ? 0.529   -3.112  7.989   1.00 19.86 ? 71  LYS A CG  1 
ATOM   493  C  CD  . LYS A 1 66  ? 0.787   -3.998  9.165   1.00 26.14 ? 71  LYS A CD  1 
ATOM   494  C  CE  . LYS A 1 66  ? 0.708   -3.400  10.506  1.00 33.73 ? 71  LYS A CE  1 
ATOM   495  N  NZ  . LYS A 1 66  ? 0.566   -4.495  11.520  1.00 24.41 ? 71  LYS A NZ  1 
ATOM   496  N  N   . LEU A 1 67  ? -1.051  0.133   6.702   1.00 17.98 ? 72  LEU A N   1 
ATOM   497  C  CA  . LEU A 1 67  ? -0.448  1.418   6.289   1.00 14.27 ? 72  LEU A CA  1 
ATOM   498  C  C   . LEU A 1 67  ? -0.826  2.508   7.301   1.00 16.96 ? 72  LEU A C   1 
ATOM   499  O  O   . LEU A 1 67  ? 0.011   3.291   7.723   1.00 15.24 ? 72  LEU A O   1 
ATOM   500  C  CB  . LEU A 1 67  ? -0.843  1.707   4.827   1.00 15.40 ? 72  LEU A CB  1 
ATOM   501  C  CG  . LEU A 1 67  ? -0.237  2.978   4.213   1.00 18.53 ? 72  LEU A CG  1 
ATOM   502  C  CD1 . LEU A 1 67  ? 1.298   2.881   4.334   1.00 24.10 ? 72  LEU A CD1 1 
ATOM   503  C  CD2 . LEU A 1 67  ? -0.668  3.001   2.753   1.00 23.94 ? 72  LEU A CD2 1 
ATOM   504  N  N   . GLY A 1 68  ? -2.135  2.537   7.739   1.00 14.75 ? 73  GLY A N   1 
ATOM   505  C  CA  . GLY A 1 68  ? -2.556  3.473   8.784   1.00 18.03 ? 73  GLY A CA  1 
ATOM   506  C  C   . GLY A 1 68  ? -1.688  3.396   10.031  1.00 18.88 ? 73  GLY A C   1 
ATOM   507  O  O   . GLY A 1 68  ? -1.326  4.413   10.629  1.00 20.82 ? 73  GLY A O   1 
ATOM   508  N  N   . GLU A 1 69  ? -1.454  2.192   10.485  1.00 14.96 ? 74  GLU A N   1 
ATOM   509  C  CA  . GLU A 1 69  ? -0.603  1.977   11.688  1.00 19.86 ? 74  GLU A CA  1 
ATOM   510  C  C   . GLU A 1 69  ? 0.787   2.515   11.467  1.00 21.33 ? 74  GLU A C   1 
ATOM   511  O  O   . GLU A 1 69  ? 1.403   3.139   12.375  1.00 19.76 ? 74  GLU A O   1 
ATOM   512  C  CB  . GLU A 1 69  ? -0.536  0.524   12.034  1.00 21.49 ? 74  GLU A CB  1 
ATOM   513  C  CG  . GLU A 1 69  ? -1.577  -0.335  12.695  1.00 36.72 ? 74  GLU A CG  1 
ATOM   514  C  CD  . GLU A 1 69  ? -1.096  -1.786  12.747  1.00 40.80 ? 74  GLU A CD  1 
ATOM   515  O  OE1 . GLU A 1 69  ? 0.042   -2.078  13.037  1.00 41.50 ? 74  GLU A OE1 1 
ATOM   516  O  OE2 . GLU A 1 69  ? -2.071  -2.486  12.416  1.00 47.87 ? 74  GLU A OE2 1 
ATOM   517  N  N   . LEU A 1 70  ? 1.350   2.341   10.279  1.00 17.88 ? 75  LEU A N   1 
ATOM   518  C  CA  . LEU A 1 70  ? 2.647   2.839   9.870   1.00 18.27 ? 75  LEU A CA  1 
ATOM   519  C  C   . LEU A 1 70  ? 2.663   4.381   9.861   1.00 21.57 ? 75  LEU A C   1 
ATOM   520  O  O   . LEU A 1 70  ? 3.531   4.985   10.498  1.00 22.93 ? 75  LEU A O   1 
ATOM   521  C  CB  . LEU A 1 70  ? 2.987   2.233   8.529   1.00 22.09 ? 75  LEU A CB  1 
ATOM   522  C  CG  . LEU A 1 70  ? 4.107   1.261   8.224   1.00 28.30 ? 75  LEU A CG  1 
ATOM   523  C  CD1 . LEU A 1 70  ? 4.732   0.537   9.404   1.00 27.68 ? 75  LEU A CD1 1 
ATOM   524  C  CD2 . LEU A 1 70  ? 3.636   0.295   7.116   1.00 23.62 ? 75  LEU A CD2 1 
ATOM   525  N  N   . LEU A 1 71  ? 1.661   5.000   9.268   1.00 20.29 ? 76  LEU A N   1 
ATOM   526  C  CA  . LEU A 1 71  ? 1.553   6.475   9.212   1.00 19.98 ? 76  LEU A CA  1 
ATOM   527  C  C   . LEU A 1 71  ? 1.438   7.052   10.619  1.00 23.24 ? 76  LEU A C   1 
ATOM   528  O  O   . LEU A 1 71  ? 2.130   8.079   10.864  1.00 25.82 ? 76  LEU A O   1 
ATOM   529  C  CB  . LEU A 1 71  ? 0.344   6.868   8.297   1.00 18.09 ? 76  LEU A CB  1 
ATOM   530  C  CG  . LEU A 1 71  ? 0.509   6.438   6.833   1.00 23.56 ? 76  LEU A CG  1 
ATOM   531  C  CD1 . LEU A 1 71  ? -0.793  6.819   6.098   1.00 24.94 ? 76  LEU A CD1 1 
ATOM   532  C  CD2 . LEU A 1 71  ? 1.697   7.006   6.109   1.00 25.43 ? 76  LEU A CD2 1 
ATOM   533  N  N   . LYS A 1 72  ? 0.677   6.429   11.473  1.00 24.95 ? 77  LYS A N   1 
ATOM   534  C  CA  . LYS A 1 72  ? 0.458   6.938   12.827  1.00 24.65 ? 77  LYS A CA  1 
ATOM   535  C  C   . LYS A 1 72  ? 1.697   6.879   13.692  1.00 29.21 ? 77  LYS A C   1 
ATOM   536  O  O   . LYS A 1 72  ? 1.849   7.643   14.667  1.00 29.80 ? 77  LYS A O   1 
ATOM   537  C  CB  . LYS A 1 72  ? -0.726  6.245   13.491  1.00 25.90 ? 77  LYS A CB  1 
ATOM   538  C  CG  . LYS A 1 72  ? -2.045  6.726   12.787  1.00 32.23 ? 77  LYS A CG  1 
ATOM   539  C  CD  . LYS A 1 72  ? -3.180  5.977   13.467  1.00 36.25 ? 77  LYS A CD  1 
ATOM   540  C  CE  . LYS A 1 72  ? -4.302  5.516   12.581  1.00 37.03 ? 77  LYS A CE  1 
ATOM   541  N  NZ  . LYS A 1 72  ? -5.589  6.137   12.993  1.00 36.79 ? 77  LYS A NZ  1 
ATOM   542  N  N   . ALA A 1 73  ? 2.631   5.998   13.341  1.00 27.25 ? 78  ALA A N   1 
ATOM   543  C  CA  . ALA A 1 73  ? 3.946   5.895   13.992  1.00 30.69 ? 78  ALA A CA  1 
ATOM   544  C  C   . ALA A 1 73  ? 4.828   7.104   13.694  1.00 32.87 ? 78  ALA A C   1 
ATOM   545  O  O   . ALA A 1 73  ? 5.861   7.284   14.386  1.00 35.93 ? 78  ALA A O   1 
ATOM   546  C  CB  . ALA A 1 73  ? 4.634   4.582   13.631  1.00 26.85 ? 78  ALA A CB  1 
ATOM   547  N  N   . LYS A 1 74  ? 4.502   7.879   12.691  1.00 33.62 ? 79  LYS A N   1 
ATOM   548  C  CA  . LYS A 1 74  ? 5.177   9.136   12.338  1.00 36.68 ? 79  LYS A CA  1 
ATOM   549  C  C   . LYS A 1 74  ? 6.693   9.011   12.297  1.00 37.75 ? 79  LYS A C   1 
ATOM   550  O  O   . LYS A 1 74  ? 7.479   9.829   12.833  1.00 39.38 ? 79  LYS A O   1 
ATOM   551  C  CB  . LYS A 1 74  ? 4.758   10.303  13.245  1.00 39.48 ? 79  LYS A CB  1 
ATOM   552  C  CG  . LYS A 1 74  ? 3.276   10.366  13.589  1.00 44.58 ? 79  LYS A CG  1 
ATOM   553  C  CD  . LYS A 1 74  ? 2.893   11.423  14.599  1.00 49.61 ? 79  LYS A CD  1 
ATOM   554  C  CE  . LYS A 1 74  ? 2.764   12.789  13.956  1.00 54.85 ? 79  LYS A CE  1 
ATOM   555  N  NZ  . LYS A 1 74  ? 2.914   13.848  15.009  1.00 60.17 ? 79  LYS A NZ  1 
ATOM   556  N  N   . GLY A 1 75  ? 7.135   7.975   11.597  1.00 35.89 ? 80  GLY A N   1 
ATOM   557  C  CA  . GLY A 1 75  ? 8.564   7.688   11.444  1.00 37.47 ? 80  GLY A CA  1 
ATOM   558  C  C   . GLY A 1 75  ? 9.198   6.822   12.520  1.00 35.16 ? 80  GLY A C   1 
ATOM   559  O  O   . GLY A 1 75  ? 10.329  6.386   12.215  1.00 36.95 ? 80  GLY A O   1 
ATOM   560  N  N   . SER A 1 76  ? 8.545   6.440   13.585  1.00 33.14 ? 81  SER A N   1 
ATOM   561  C  CA  . SER A 1 76  ? 9.166   5.508   14.545  1.00 32.21 ? 81  SER A CA  1 
ATOM   562  C  C   . SER A 1 76  ? 8.514   4.145   14.344  1.00 27.82 ? 81  SER A C   1 
ATOM   563  O  O   . SER A 1 76  ? 7.802   3.616   15.203  1.00 28.01 ? 81  SER A O   1 
ATOM   564  C  CB  . SER A 1 76  ? 9.050   6.016   15.972  1.00 33.80 ? 81  SER A CB  1 
ATOM   565  O  OG  . SER A 1 76  ? 9.971   7.099   16.041  1.00 46.70 ? 81  SER A OG  1 
ATOM   566  N  N   . HIS A 1 77  ? 8.688   3.672   13.135  1.00 29.45 ? 82  HIS A N   1 
ATOM   567  C  CA  . HIS A 1 77  ? 7.970   2.479   12.652  1.00 28.29 ? 82  HIS A CA  1 
ATOM   568  C  C   . HIS A 1 77  ? 8.774   1.194   12.598  1.00 26.98 ? 82  HIS A C   1 
ATOM   569  O  O   . HIS A 1 77  ? 8.178   0.195   12.134  1.00 23.68 ? 82  HIS A O   1 
ATOM   570  C  CB  . HIS A 1 77  ? 7.409   2.834   11.266  1.00 22.76 ? 82  HIS A CB  1 
ATOM   571  C  CG  . HIS A 1 77  ? 8.380   3.257   10.231  1.00 27.64 ? 82  HIS A CG  1 
ATOM   572  N  ND1 . HIS A 1 77  ? 8.343   4.474   9.596   1.00 30.41 ? 82  HIS A ND1 1 
ATOM   573  C  CD2 . HIS A 1 77  ? 9.495   2.648   9.749   1.00 26.10 ? 82  HIS A CD2 1 
ATOM   574  C  CE1 . HIS A 1 77  ? 9.292   4.512   8.683   1.00 31.61 ? 82  HIS A CE1 1 
ATOM   575  N  NE2 . HIS A 1 77  ? 10.007  3.433   8.761   1.00 28.11 ? 82  HIS A NE2 1 
ATOM   576  N  N   . ALA A 1 78  ? 10.016  1.118   13.025  1.00 28.19 ? 83  ALA A N   1 
ATOM   577  C  CA  . ALA A 1 78  ? 10.784  -0.133  12.912  1.00 28.94 ? 83  ALA A CA  1 
ATOM   578  C  C   . ALA A 1 78  ? 10.040  -1.353  13.366  1.00 26.88 ? 83  ALA A C   1 
ATOM   579  O  O   . ALA A 1 78  ? 10.087  -2.353  12.620  1.00 29.32 ? 83  ALA A O   1 
ATOM   580  C  CB  . ALA A 1 78  ? 12.084  -0.032  13.728  1.00 30.33 ? 83  ALA A CB  1 
ATOM   581  N  N   . ALA A 1 79  ? 9.404   -1.360  14.519  1.00 24.61 ? 84  ALA A N   1 
ATOM   582  C  CA  . ALA A 1 79  ? 8.748   -2.552  15.071  1.00 25.94 ? 84  ALA A CA  1 
ATOM   583  C  C   . ALA A 1 79  ? 7.517   -3.054  14.319  1.00 27.32 ? 84  ALA A C   1 
ATOM   584  O  O   . ALA A 1 79  ? 7.016   -4.147  14.619  1.00 26.16 ? 84  ALA A O   1 
ATOM   585  C  CB  . ALA A 1 79  ? 8.461   -2.371  16.540  1.00 27.36 ? 84  ALA A CB  1 
ATOM   586  N  N   . ILE A 1 80  ? 6.904   -2.164  13.540  1.00 23.34 ? 85  ILE A N   1 
ATOM   587  C  CA  . ILE A 1 80  ? 5.725   -2.467  12.715  1.00 22.07 ? 85  ILE A CA  1 
ATOM   588  C  C   . ILE A 1 80  ? 6.164   -2.910  11.325  1.00 20.48 ? 85  ILE A C   1 
ATOM   589  O  O   . ILE A 1 80  ? 5.610   -3.817  10.644  1.00 25.78 ? 85  ILE A O   1 
ATOM   590  C  CB  . ILE A 1 80  ? 4.825   -1.161  12.540  1.00 23.01 ? 85  ILE A CB  1 
ATOM   591  C  CG1 . ILE A 1 80  ? 4.532   -0.575  13.939  1.00 27.83 ? 85  ILE A CG1 1 
ATOM   592  C  CG2 . ILE A 1 80  ? 3.554   -1.514  11.736  1.00 23.27 ? 85  ILE A CG2 1 
ATOM   593  C  CD1 . ILE A 1 80  ? 3.709   0.761   13.887  1.00 30.05 ? 85  ILE A CD1 1 
ATOM   594  N  N   . LEU A 1 81  ? 7.241   -2.269  10.889  1.00 16.91 ? 86  LEU A N   1 
ATOM   595  C  CA  . LEU A 1 81  ? 7.702   -2.445  9.521   1.00 16.37 ? 86  LEU A CA  1 
ATOM   596  C  C   . LEU A 1 81  ? 8.464   -3.773  9.328   1.00 17.17 ? 86  LEU A C   1 
ATOM   597  O  O   . LEU A 1 81  ? 8.417   -4.332  8.225   1.00 17.88 ? 86  LEU A O   1 
ATOM   598  C  CB  . LEU A 1 81  ? 8.522   -1.220  9.074   1.00 20.43 ? 86  LEU A CB  1 
ATOM   599  C  CG  . LEU A 1 81  ? 8.878   -1.208  7.609   1.00 22.60 ? 86  LEU A CG  1 
ATOM   600  C  CD1 . LEU A 1 81  ? 7.623   -1.127  6.713   1.00 26.42 ? 86  LEU A CD1 1 
ATOM   601  C  CD2 . LEU A 1 81  ? 9.713   0.046   7.303   1.00 28.48 ? 86  LEU A CD2 1 
ATOM   602  N  N   . LYS A 1 82  ? 9.313   -4.033  10.314  1.00 19.12 ? 87  LYS A N   1 
ATOM   603  C  CA  . LYS A 1 82  ? 10.229  -5.206  10.154  1.00 17.06 ? 87  LYS A CA  1 
ATOM   604  C  C   . LYS A 1 82  ? 9.456   -6.493  9.904   1.00 13.25 ? 87  LYS A C   1 
ATOM   605  O  O   . LYS A 1 82  ? 9.815   -7.173  8.922   1.00 17.34 ? 87  LYS A O   1 
ATOM   606  C  CB  . LYS A 1 82  ? 11.238  -5.149  11.289  1.00 20.80 ? 87  LYS A CB  1 
ATOM   607  C  CG  . LYS A 1 82  ? 12.161  -6.363  11.378  1.00 30.73 ? 87  LYS A CG  1 
ATOM   608  C  CD  . LYS A 1 82  ? 13.185  -6.340  10.247  1.00 35.65 ? 87  LYS A CD  1 
ATOM   609  C  CE  . LYS A 1 82  ? 14.189  -7.481  10.323  1.00 41.09 ? 87  LYS A CE  1 
ATOM   610  N  NZ  . LYS A 1 82  ? 15.405  -6.997  9.580   1.00 42.67 ? 87  LYS A NZ  1 
ATOM   611  N  N   . PRO A 1 83  ? 8.429   -6.787  10.677  1.00 13.98 ? 88  PRO A N   1 
ATOM   612  C  CA  . PRO A 1 83  ? 7.555   -7.901  10.395  1.00 12.88 ? 88  PRO A CA  1 
ATOM   613  C  C   . PRO A 1 83  ? 6.895   -7.909  9.030   1.00 15.08 ? 88  PRO A C   1 
ATOM   614  O  O   . PRO A 1 83  ? 6.830   -8.984  8.432   1.00 15.32 ? 88  PRO A O   1 
ATOM   615  C  CB  . PRO A 1 83  ? 6.493   -7.979  11.520  1.00 14.02 ? 88  PRO A CB  1 
ATOM   616  C  CG  . PRO A 1 83  ? 7.107   -7.121  12.591  1.00 17.48 ? 88  PRO A CG  1 
ATOM   617  C  CD  . PRO A 1 83  ? 8.039   -6.139  11.922  1.00 16.94 ? 88  PRO A CD  1 
ATOM   618  N  N   . LEU A 1 84  ? 6.630   -6.717  8.526   1.00 14.75 ? 89  LEU A N   1 
ATOM   619  C  CA  . LEU A 1 84  ? 6.056   -6.646  7.182   1.00 14.44 ? 89  LEU A CA  1 
ATOM   620  C  C   . LEU A 1 84  ? 7.087   -7.004  6.118   1.00 13.55 ? 89  LEU A C   1 
ATOM   621  O  O   . LEU A 1 84  ? 6.803   -7.749  5.169   1.00 15.98 ? 89  LEU A O   1 
ATOM   622  C  CB  . LEU A 1 84  ? 5.421   -5.236  6.971   1.00 15.40 ? 89  LEU A CB  1 
ATOM   623  C  CG  . LEU A 1 84  ? 4.701   -5.068  5.644   1.00 28.96 ? 89  LEU A CG  1 
ATOM   624  C  CD1 . LEU A 1 84  ? 3.333   -5.727  5.695   1.00 33.48 ? 89  LEU A CD1 1 
ATOM   625  C  CD2 . LEU A 1 84  ? 4.553   -3.549  5.455   1.00 32.13 ? 89  LEU A CD2 1 
ATOM   626  N  N   . ALA A 1 85  ? 8.336   -6.509  6.333   1.00 15.73 ? 90  ALA A N   1 
ATOM   627  C  CA  . ALA A 1 85  ? 9.454   -6.858  5.455   1.00 13.91 ? 90  ALA A CA  1 
ATOM   628  C  C   . ALA A 1 85  ? 9.801   -8.384  5.577   1.00 12.46 ? 90  ALA A C   1 
ATOM   629  O  O   . ALA A 1 85  ? 9.891   -8.985  4.481   1.00 14.23 ? 90  ALA A O   1 
ATOM   630  C  CB  . ALA A 1 85  ? 10.672  -6.026  5.860   1.00 16.09 ? 90  ALA A CB  1 
ATOM   631  N  N   . ASN A 1 86  ? 9.680   -8.847  6.774   1.00 15.95 ? 91  ASN A N   1 
ATOM   632  C  CA  . ASN A 1 86  ? 9.967   -10.303 7.007   1.00 14.00 ? 91  ASN A CA  1 
ATOM   633  C  C   . ASN A 1 86  ? 9.055   -11.205 6.175   1.00 16.93 ? 91  ASN A C   1 
ATOM   634  O  O   . ASN A 1 86  ? 9.462   -12.097 5.375   1.00 17.05 ? 91  ASN A O   1 
ATOM   635  C  CB  . ASN A 1 86  ? 9.919   -10.666 8.491   1.00 16.27 ? 91  ASN A CB  1 
ATOM   636  C  CG  . ASN A 1 86  ? 11.076  -10.122 9.380   1.00 14.43 ? 91  ASN A CG  1 
ATOM   637  O  OD1 . ASN A 1 86  ? 10.879  -10.115 10.635  1.00 19.00 ? 91  ASN A OD1 1 
ATOM   638  N  ND2 . ASN A 1 86  ? 12.105  -9.689  8.684   1.00 17.22 ? 91  ASN A ND2 1 
ATOM   639  N  N   . SER A 1 87  ? 7.740   -10.909 6.291   1.00 13.46 ? 92  SER A N   1 
ATOM   640  C  CA  . SER A 1 87  ? 6.757   -11.747 5.596   1.00 14.53 ? 92  SER A CA  1 
ATOM   641  C  C   . SER A 1 87  ? 6.840   -11.543 4.095   1.00 12.91 ? 92  SER A C   1 
ATOM   642  O  O   . SER A 1 87  ? 6.613   -12.499 3.328   1.00 15.12 ? 92  SER A O   1 
ATOM   643  C  CB  . SER A 1 87  ? 5.374   -11.532 6.222   1.00 14.71 ? 92  SER A CB  1 
ATOM   644  O  OG  . SER A 1 87  ? 4.911   -10.240 5.758   1.00 19.15 ? 92  SER A OG  1 
ATOM   645  N  N   . HIS A 1 88  ? 7.000   -10.280 3.640   1.00 12.54 ? 93  HIS A N   1 
ATOM   646  C  CA  . HIS A 1 88  ? 6.954   -9.973  2.217   1.00 13.28 ? 93  HIS A CA  1 
ATOM   647  C  C   . HIS A 1 88  ? 8.194   -10.522 1.458   1.00 15.36 ? 93  HIS A C   1 
ATOM   648  O  O   . HIS A 1 88  ? 8.054   -10.959 0.344   1.00 19.60 ? 93  HIS A O   1 
ATOM   649  C  CB  . HIS A 1 88  ? 6.661   -8.483  1.859   1.00 12.66 ? 93  HIS A CB  1 
ATOM   650  C  CG  . HIS A 1 88  ? 5.185   -8.189  2.125   1.00 12.95 ? 93  HIS A CG  1 
ATOM   651  N  ND1 . HIS A 1 88  ? 4.695   -8.382  3.366   1.00 15.62 ? 93  HIS A ND1 1 
ATOM   652  C  CD2 . HIS A 1 88  ? 4.165   -7.859  1.295   1.00 13.66 ? 93  HIS A CD2 1 
ATOM   653  C  CE1 . HIS A 1 88  ? 3.357   -8.073  3.340   1.00 16.86 ? 93  HIS A CE1 1 
ATOM   654  N  NE2 . HIS A 1 88  ? 3.032   -7.753  2.131   1.00 13.14 ? 93  HIS A NE2 1 
ATOM   655  N  N   . ALA A 1 89  ? 9.343   -10.607 2.125   1.00 19.28 ? 94  ALA A N   1 
ATOM   656  C  CA  . ALA A 1 89  ? 10.553  -11.159 1.527   1.00 16.59 ? 94  ALA A CA  1 
ATOM   657  C  C   . ALA A 1 89  ? 10.515  -12.692 1.579   1.00 18.26 ? 94  ALA A C   1 
ATOM   658  O  O   . ALA A 1 89  ? 10.720  -13.326 0.539   1.00 24.54 ? 94  ALA A O   1 
ATOM   659  C  CB  . ALA A 1 89  ? 11.768  -10.657 2.306   1.00 14.65 ? 94  ALA A CB  1 
ATOM   660  N  N   . THR A 1 90  ? 10.177  -13.218 2.727   1.00 17.65 ? 95  THR A N   1 
ATOM   661  C  CA  . THR A 1 90  ? 10.326  -14.694 2.908   1.00 19.73 ? 95  THR A CA  1 
ATOM   662  C  C   . THR A 1 90  ? 9.131   -15.540 2.658   1.00 21.14 ? 95  THR A C   1 
ATOM   663  O  O   . THR A 1 90  ? 9.337   -16.754 2.270   1.00 23.13 ? 95  THR A O   1 
ATOM   664  C  CB  . THR A 1 90  ? 10.982  -14.954 4.307   1.00 15.59 ? 95  THR A CB  1 
ATOM   665  O  OG1 . THR A 1 90  ? 9.944   -14.811 5.328   1.00 16.63 ? 95  THR A OG1 1 
ATOM   666  C  CG2 . THR A 1 90  ? 12.186  -14.055 4.664   1.00 20.41 ? 95  THR A CG2 1 
ATOM   667  N  N   . LYS A 1 91  ? 7.913   -15.062 2.903   1.00 18.69 ? 96  LYS A N   1 
ATOM   668  C  CA  . LYS A 1 91  ? 6.748   -15.919 2.646   1.00 19.79 ? 96  LYS A CA  1 
ATOM   669  C  C   . LYS A 1 91  ? 6.172   -15.554 1.291   1.00 19.54 ? 96  LYS A C   1 
ATOM   670  O  O   . LYS A 1 91  ? 6.109   -16.464 0.437   1.00 22.56 ? 96  LYS A O   1 
ATOM   671  C  CB  . LYS A 1 91  ? 5.649   -15.843 3.661   1.00 25.05 ? 96  LYS A CB  1 
ATOM   672  C  CG  . LYS A 1 91  ? 6.123   -15.939 5.122   1.00 31.84 ? 96  LYS A CG  1 
ATOM   673  C  CD  . LYS A 1 91  ? 4.922   -15.986 6.047   1.00 36.43 ? 96  LYS A CD  1 
ATOM   674  C  CE  . LYS A 1 91  ? 5.221   -15.521 7.455   1.00 37.52 ? 96  LYS A CE  1 
ATOM   675  N  NZ  . LYS A 1 91  ? 4.093   -16.016 8.297   1.00 44.96 ? 96  LYS A NZ  1 
ATOM   676  N  N   . HIS A 1 92  ? 6.014   -14.240 1.029   1.00 18.19 ? 97  HIS A N   1 
ATOM   677  C  CA  . HIS A 1 92  ? 5.286   -13.858 -0.199  1.00 16.67 ? 97  HIS A CA  1 
ATOM   678  C  C   . HIS A 1 92  ? 6.167   -13.637 -1.423  1.00 15.38 ? 97  HIS A C   1 
ATOM   679  O  O   . HIS A 1 92  ? 5.726   -13.637 -2.578  1.00 18.07 ? 97  HIS A O   1 
ATOM   680  C  CB  . HIS A 1 92  ? 4.468   -12.533 0.084   1.00 15.23 ? 97  HIS A CB  1 
ATOM   681  C  CG  . HIS A 1 92  ? 3.628   -12.727 1.339   1.00 16.69 ? 97  HIS A CG  1 
ATOM   682  N  ND1 . HIS A 1 92  ? 2.846   -13.820 1.568   1.00 22.57 ? 97  HIS A ND1 1 
ATOM   683  C  CD2 . HIS A 1 92  ? 3.467   -11.852 2.354   1.00 19.90 ? 97  HIS A CD2 1 
ATOM   684  C  CE1 . HIS A 1 92  ? 2.302   -13.679 2.741   1.00 19.49 ? 97  HIS A CE1 1 
ATOM   685  N  NE2 . HIS A 1 92  ? 2.618   -12.501 3.246   1.00 17.42 ? 97  HIS A NE2 1 
ATOM   686  N  N   . LYS A 1 93  ? 7.429   -13.375 -1.178  1.00 16.34 ? 98  LYS A N   1 
ATOM   687  C  CA  . LYS A 1 93  ? 8.532   -13.132 -2.096  1.00 19.31 ? 98  LYS A CA  1 
ATOM   688  C  C   . LYS A 1 93  ? 8.296   -12.047 -3.115  1.00 18.72 ? 98  LYS A C   1 
ATOM   689  O  O   . LYS A 1 93  ? 8.212   -12.272 -4.338  1.00 21.23 ? 98  LYS A O   1 
ATOM   690  C  CB  . LYS A 1 93  ? 8.851   -14.492 -2.779  1.00 24.48 ? 98  LYS A CB  1 
ATOM   691  C  CG  . LYS A 1 93  ? 9.494   -15.412 -1.682  1.00 31.45 ? 98  LYS A CG  1 
ATOM   692  C  CD  . LYS A 1 93  ? 9.705   -16.795 -2.276  1.00 42.04 ? 98  LYS A CD  1 
ATOM   693  C  CE  . LYS A 1 93  ? 11.081  -17.344 -1.898  1.00 48.63 ? 98  LYS A CE  1 
ATOM   694  N  NZ  . LYS A 1 93  ? 11.564  -18.260 -2.988  1.00 53.90 ? 98  LYS A NZ  1 
ATOM   695  N  N   . ILE A 1 94  ? 7.990   -10.873 -2.598  1.00 15.85 ? 99  ILE A N   1 
ATOM   696  C  CA  . ILE A 1 94  ? 7.611   -9.670  -3.373  1.00 19.72 ? 99  ILE A CA  1 
ATOM   697  C  C   . ILE A 1 94  ? 8.775   -8.742  -3.613  1.00 15.80 ? 99  ILE A C   1 
ATOM   698  O  O   . ILE A 1 94  ? 9.222   -8.093  -2.679  1.00 20.54 ? 99  ILE A O   1 
ATOM   699  C  CB  . ILE A 1 94  ? 6.457   -8.828  -2.646  1.00 17.33 ? 99  ILE A CB  1 
ATOM   700  C  CG1 . ILE A 1 94  ? 5.262   -9.709  -2.232  1.00 15.05 ? 99  ILE A CG1 1 
ATOM   701  C  CG2 . ILE A 1 94  ? 5.985   -7.632  -3.534  1.00 18.62 ? 99  ILE A CG2 1 
ATOM   702  C  CD1 . ILE A 1 94  ? 4.579   -10.607 -3.295  1.00 17.46 ? 99  ILE A CD1 1 
ATOM   703  N  N   . PRO A 1 95  ? 9.140   -8.542  -4.862  1.00 20.81 ? 100 PRO A N   1 
ATOM   704  C  CA  . PRO A 1 95  ? 10.251  -7.635  -5.213  1.00 22.33 ? 100 PRO A CA  1 
ATOM   705  C  C   . PRO A 1 95  ? 9.898   -6.219  -4.857  1.00 23.72 ? 100 PRO A C   1 
ATOM   706  O  O   . PRO A 1 95  ? 8.696   -5.830  -4.899  1.00 21.91 ? 100 PRO A O   1 
ATOM   707  C  CB  . PRO A 1 95  ? 10.482  -7.829  -6.710  1.00 23.10 ? 100 PRO A CB  1 
ATOM   708  C  CG  . PRO A 1 95  ? 9.923   -9.216  -6.931  1.00 24.73 ? 100 PRO A CG  1 
ATOM   709  C  CD  . PRO A 1 95  ? 8.669   -9.292  -6.029  1.00 22.30 ? 100 PRO A CD  1 
ATOM   710  N  N   . ILE A 1 96  ? 10.859  -5.453  -4.415  1.00 25.35 ? 101 ILE A N   1 
ATOM   711  C  CA  . ILE A 1 96  ? 10.638  -4.082  -3.903  1.00 26.41 ? 101 ILE A CA  1 
ATOM   712  C  C   . ILE A 1 96  ? 9.871   -3.178  -4.843  1.00 22.53 ? 101 ILE A C   1 
ATOM   713  O  O   . ILE A 1 96  ? 9.267   -2.216  -4.330  1.00 25.79 ? 101 ILE A O   1 
ATOM   714  C  CB  . ILE A 1 96  ? 12.036  -3.520  -3.397  1.00 33.78 ? 101 ILE A CB  1 
ATOM   715  C  CG1 . ILE A 1 96  ? 12.214  -3.952  -1.922  1.00 35.37 ? 101 ILE A CG1 1 
ATOM   716  C  CG2 . ILE A 1 96  ? 12.260  -2.003  -3.576  1.00 34.07 ? 101 ILE A CG2 1 
ATOM   717  C  CD1 . ILE A 1 96  ? 11.240  -3.383  -0.842  1.00 35.08 ? 101 ILE A CD1 1 
ATOM   718  N  N   . ASN A 1 97  ? 10.101  -3.314  -6.142  1.00 23.45 ? 102 ASN A N   1 
ATOM   719  C  CA  . ASN A 1 97  ? 9.501   -2.409  -7.112  1.00 25.44 ? 102 ASN A CA  1 
ATOM   720  C  C   . ASN A 1 97  ? 7.975   -2.363  -6.913  1.00 25.71 ? 102 ASN A C   1 
ATOM   721  O  O   . ASN A 1 97  ? 7.379   -1.334  -7.261  1.00 25.91 ? 102 ASN A O   1 
ATOM   722  C  CB  . ASN A 1 97  ? 9.907   -2.768  -8.537  1.00 30.20 ? 102 ASN A CB  1 
ATOM   723  C  CG  . ASN A 1 97  ? 9.516   -1.609  -9.464  1.00 40.79 ? 102 ASN A CG  1 
ATOM   724  O  OD1 . ASN A 1 97  ? 9.911   -0.442  -9.254  1.00 41.84 ? 102 ASN A OD1 1 
ATOM   725  N  ND2 . ASN A 1 97  ? 8.691   -1.965  -10.471 1.00 42.03 ? 102 ASN A ND2 1 
ATOM   726  N  N   . ASN A 1 98  ? 7.390   -3.498  -6.512  1.00 17.81 ? 103 ASN A N   1 
ATOM   727  C  CA  . ASN A 1 98  ? 5.940   -3.603  -6.409  1.00 19.40 ? 103 ASN A CA  1 
ATOM   728  C  C   . ASN A 1 98  ? 5.473   -2.623  -5.330  1.00 20.51 ? 103 ASN A C   1 
ATOM   729  O  O   . ASN A 1 98  ? 4.285   -2.269  -5.443  1.00 22.59 ? 103 ASN A O   1 
ATOM   730  C  CB  . ASN A 1 98  ? 5.478   -5.052  -6.060  1.00 16.77 ? 103 ASN A CB  1 
ATOM   731  C  CG  . ASN A 1 98  ? 5.864   -5.949  -7.227  1.00 25.63 ? 103 ASN A CG  1 
ATOM   732  O  OD1 . ASN A 1 98  ? 6.798   -6.801  -7.140  1.00 25.95 ? 103 ASN A OD1 1 
ATOM   733  N  ND2 . ASN A 1 98  ? 5.207   -5.802  -8.347  1.00 22.99 ? 103 ASN A ND2 1 
ATOM   734  N  N   . PHE A 1 99  ? 6.307   -2.320  -4.347  1.00 18.17 ? 104 PHE A N   1 
ATOM   735  C  CA  . PHE A 1 99  ? 5.873   -1.392  -3.314  1.00 18.56 ? 104 PHE A CA  1 
ATOM   736  C  C   . PHE A 1 99  ? 5.743   0.010   -3.929  1.00 20.28 ? 104 PHE A C   1 
ATOM   737  O  O   . PHE A 1 99  ? 4.933   0.821   -3.424  1.00 18.44 ? 104 PHE A O   1 
ATOM   738  C  CB  . PHE A 1 99  ? 6.725   -1.366  -2.065  1.00 16.84 ? 104 PHE A CB  1 
ATOM   739  C  CG  . PHE A 1 99  ? 6.600   -2.649  -1.298  1.00 20.48 ? 104 PHE A CG  1 
ATOM   740  C  CD1 . PHE A 1 99  ? 7.440   -3.710  -1.592  1.00 24.89 ? 104 PHE A CD1 1 
ATOM   741  C  CD2 . PHE A 1 99  ? 5.675   -2.726  -0.266  1.00 20.06 ? 104 PHE A CD2 1 
ATOM   742  C  CE1 . PHE A 1 99  ? 7.239   -4.933  -0.947  1.00 29.81 ? 104 PHE A CE1 1 
ATOM   743  C  CE2 . PHE A 1 99  ? 5.485   -3.941  0.448   1.00 22.53 ? 104 PHE A CE2 1 
ATOM   744  C  CZ  . PHE A 1 99  ? 6.304   -5.016  0.074   1.00 20.61 ? 104 PHE A CZ  1 
ATOM   745  N  N   . LYS A 1 100 ? 6.603   0.306   -4.880  1.00 22.11 ? 105 LYS A N   1 
ATOM   746  C  CA  . LYS A 1 100 ? 6.537   1.603   -5.592  1.00 20.70 ? 105 LYS A CA  1 
ATOM   747  C  C   . LYS A 1 100 ? 5.275   1.677   -6.417  1.00 21.29 ? 105 LYS A C   1 
ATOM   748  O  O   . LYS A 1 100 ? 4.565   2.737   -6.432  1.00 21.93 ? 105 LYS A O   1 
ATOM   749  C  CB  . LYS A 1 100 ? 7.779   1.770   -6.495  1.00 20.96 ? 105 LYS A CB  1 
ATOM   750  C  CG  . LYS A 1 100 ? 9.067   1.602   -5.691  1.00 29.74 ? 105 LYS A CG  1 
ATOM   751  C  CD  . LYS A 1 100 ? 10.304  1.764   -6.602  1.00 35.68 ? 105 LYS A CD  1 
ATOM   752  C  CE  . LYS A 1 100 ? 11.572  1.624   -5.760  1.00 39.46 ? 105 LYS A CE  1 
ATOM   753  N  NZ  . LYS A 1 100 ? 12.424  0.554   -6.407  1.00 47.06 ? 105 LYS A NZ  1 
ATOM   754  N  N   . LEU A 1 101 ? 4.844   0.600   -6.997  1.00 17.13 ? 106 LEU A N   1 
ATOM   755  C  CA  . LEU A 1 101 ? 3.659   0.519   -7.832  1.00 17.32 ? 106 LEU A CA  1 
ATOM   756  C  C   . LEU A 1 101 ? 2.407   0.767   -6.952  1.00 21.21 ? 106 LEU A C   1 
ATOM   757  O  O   . LEU A 1 101 ? 1.628   1.620   -7.451  1.00 23.03 ? 106 LEU A O   1 
ATOM   758  C  CB  . LEU A 1 101 ? 3.485   -0.720  -8.680  1.00 16.38 ? 106 LEU A CB  1 
ATOM   759  C  CG  . LEU A 1 101 ? 4.646   -0.974  -9.677  1.00 17.02 ? 106 LEU A CG  1 
ATOM   760  C  CD1 . LEU A 1 101 ? 4.415   -2.367  -10.263 1.00 25.41 ? 106 LEU A CD1 1 
ATOM   761  C  CD2 . LEU A 1 101 ? 4.738   0.151   -10.698 1.00 23.14 ? 106 LEU A CD2 1 
ATOM   762  N  N   . ILE A 1 102 ? 2.364   0.106   -5.807  1.00 19.72 ? 107 ILE A N   1 
ATOM   763  C  CA  . ILE A 1 102 ? 1.107   0.407   -5.031  1.00 13.79 ? 107 ILE A CA  1 
ATOM   764  C  C   . ILE A 1 102 ? 1.104   1.792   -4.408  1.00 17.73 ? 107 ILE A C   1 
ATOM   765  O  O   . ILE A 1 102 ? 0.010   2.340   -4.210  1.00 17.87 ? 107 ILE A O   1 
ATOM   766  C  CB  . ILE A 1 102 ? 0.885   -0.749  -3.995  1.00 13.45 ? 107 ILE A CB  1 
ATOM   767  C  CG1 . ILE A 1 102 ? -0.605  -0.837  -3.569  1.00 14.68 ? 107 ILE A CG1 1 
ATOM   768  C  CG2 . ILE A 1 102 ? 1.884   -0.619  -2.821  1.00 15.91 ? 107 ILE A CG2 1 
ATOM   769  C  CD1 . ILE A 1 102 ? -0.846  -2.049  -2.601  1.00 17.73 ? 107 ILE A CD1 1 
ATOM   770  N  N   . SER A 1 103 ? 2.274   2.331   -4.062  1.00 17.14 ? 108 SER A N   1 
ATOM   771  C  CA  . SER A 1 103 ? 2.330   3.713   -3.543  1.00 19.39 ? 108 SER A CA  1 
ATOM   772  C  C   . SER A 1 103 ? 1.763   4.682   -4.574  1.00 20.79 ? 108 SER A C   1 
ATOM   773  O  O   . SER A 1 103 ? 0.873   5.476   -4.172  1.00 19.77 ? 108 SER A O   1 
ATOM   774  C  CB  . SER A 1 103 ? 3.798   4.069   -3.293  1.00 23.69 ? 108 SER A CB  1 
ATOM   775  O  OG  . SER A 1 103 ? 4.263   3.155   -2.312  1.00 36.98 ? 108 SER A OG  1 
ATOM   776  N  N   . GLU A 1 104 ? 2.057   4.486   -5.805  1.00 18.50 ? 109 GLU A N   1 
ATOM   777  C  CA  . GLU A 1 104 ? 1.648   5.456   -6.858  1.00 20.82 ? 109 GLU A CA  1 
ATOM   778  C  C   . GLU A 1 104 ? 0.156   5.299   -7.091  1.00 19.65 ? 109 GLU A C   1 
ATOM   779  O  O   . GLU A 1 104 ? -0.532  6.321   -7.272  1.00 17.10 ? 109 GLU A O   1 
ATOM   780  C  CB  . GLU A 1 104 ? 2.511   5.266   -8.076  1.00 28.11 ? 109 GLU A CB  1 
ATOM   781  C  CG  . GLU A 1 104 ? 1.954   5.132   -9.462  1.00 42.18 ? 109 GLU A CG  1 
ATOM   782  C  CD  . GLU A 1 104 ? 2.526   4.026   -10.317 1.00 51.38 ? 109 GLU A CD  1 
ATOM   783  O  OE1 . GLU A 1 104 ? 3.768   4.181   -10.474 1.00 51.68 ? 109 GLU A OE1 1 
ATOM   784  O  OE2 . GLU A 1 104 ? 1.779   3.144   -10.730 1.00 52.79 ? 109 GLU A OE2 1 
ATOM   785  N  N   . VAL A 1 105 ? -0.380  4.092   -7.003  1.00 17.20 ? 110 VAL A N   1 
ATOM   786  C  CA  . VAL A 1 105 ? -1.816  3.839   -7.138  1.00 14.78 ? 110 VAL A CA  1 
ATOM   787  C  C   . VAL A 1 105 ? -2.531  4.493   -5.921  1.00 18.63 ? 110 VAL A C   1 
ATOM   788  O  O   . VAL A 1 105 ? -3.597  5.061   -6.202  1.00 16.66 ? 110 VAL A O   1 
ATOM   789  C  CB  . VAL A 1 105 ? -2.141  2.357   -7.324  1.00 19.07 ? 110 VAL A CB  1 
ATOM   790  C  CG1 . VAL A 1 105 ? -3.623  2.041   -7.163  1.00 19.41 ? 110 VAL A CG1 1 
ATOM   791  C  CG2 . VAL A 1 105 ? -1.686  1.890   -8.726  1.00 19.94 ? 110 VAL A CG2 1 
ATOM   792  N  N   . LEU A 1 106 ? -2.042  4.318   -4.726  1.00 14.95 ? 111 LEU A N   1 
ATOM   793  C  CA  . LEU A 1 106 ? -2.691  4.872   -3.518  1.00 14.46 ? 111 LEU A CA  1 
ATOM   794  C  C   . LEU A 1 106 ? -2.803  6.399   -3.657  1.00 17.32 ? 111 LEU A C   1 
ATOM   795  O  O   . LEU A 1 106 ? -3.833  6.940   -3.265  1.00 16.74 ? 111 LEU A O   1 
ATOM   796  C  CB  . LEU A 1 106 ? -1.941  4.528   -2.287  1.00 19.37 ? 111 LEU A CB  1 
ATOM   797  C  CG  . LEU A 1 106 ? -2.412  4.328   -0.874  1.00 25.92 ? 111 LEU A CG  1 
ATOM   798  C  CD1 . LEU A 1 106 ? -1.493  5.057   0.088   1.00 20.23 ? 111 LEU A CD1 1 
ATOM   799  C  CD2 . LEU A 1 106 ? -3.855  4.671   -0.604  1.00 22.36 ? 111 LEU A CD2 1 
ATOM   800  N  N   . VAL A 1 107 ? -1.693  6.973   -4.129  1.00 15.75 ? 112 VAL A N   1 
ATOM   801  C  CA  . VAL A 1 107 ? -1.724  8.472   -4.280  1.00 17.76 ? 112 VAL A CA  1 
ATOM   802  C  C   . VAL A 1 107 ? -2.822  8.809   -5.273  1.00 16.57 ? 112 VAL A C   1 
ATOM   803  O  O   . VAL A 1 107 ? -3.547  9.800   -4.942  1.00 17.82 ? 112 VAL A O   1 
ATOM   804  C  CB  . VAL A 1 107 ? -0.325  8.995   -4.649  1.00 18.37 ? 112 VAL A CB  1 
ATOM   805  C  CG1 . VAL A 1 107 ? -0.318  10.490  -5.036  1.00 22.41 ? 112 VAL A CG1 1 
ATOM   806  C  CG2 . VAL A 1 107 ? 0.704   8.833   -3.534  1.00 22.77 ? 112 VAL A CG2 1 
ATOM   807  N  N   . LYS A 1 108 ? -2.896  8.207   -6.414  1.00 13.58 ? 113 LYS A N   1 
ATOM   808  C  CA  . LYS A 1 108 ? -3.862  8.470   -7.451  1.00 17.20 ? 113 LYS A CA  1 
ATOM   809  C  C   . LYS A 1 108 ? -5.312  8.290   -6.962  1.00 19.66 ? 113 LYS A C   1 
ATOM   810  O  O   . LYS A 1 108 ? -6.158  9.196   -7.153  1.00 17.16 ? 113 LYS A O   1 
ATOM   811  C  CB  . LYS A 1 108 ? -3.624  7.628   -8.700  1.00 24.43 ? 113 LYS A CB  1 
ATOM   812  C  CG  . LYS A 1 108 ? -2.432  7.988   -9.601  1.00 38.08 ? 113 LYS A CG  1 
ATOM   813  C  CD  . LYS A 1 108 ? -1.278  8.764   -8.995  1.00 46.19 ? 113 LYS A CD  1 
ATOM   814  C  CE  . LYS A 1 108 ? 0.120   8.473   -9.461  1.00 49.73 ? 113 LYS A CE  1 
ATOM   815  N  NZ  . LYS A 1 108 ? 1.024   8.409   -8.265  1.00 54.46 ? 113 LYS A NZ  1 
ATOM   816  N  N   . VAL A 1 109 ? -5.564  7.216   -6.240  1.00 16.54 ? 114 VAL A N   1 
ATOM   817  C  CA  . VAL A 1 109 ? -6.919  6.961   -5.706  1.00 16.58 ? 114 VAL A CA  1 
ATOM   818  C  C   . VAL A 1 109 ? -7.281  7.987   -4.667  1.00 17.94 ? 114 VAL A C   1 
ATOM   819  O  O   . VAL A 1 109 ? -8.462  8.441   -4.619  1.00 18.06 ? 114 VAL A O   1 
ATOM   820  C  CB  . VAL A 1 109 ? -7.049  5.511   -5.198  1.00 15.85 ? 114 VAL A CB  1 
ATOM   821  C  CG1 . VAL A 1 109 ? -8.390  5.292   -4.463  1.00 19.82 ? 114 VAL A CG1 1 
ATOM   822  C  CG2 . VAL A 1 109 ? -6.968  4.550   -6.399  1.00 16.33 ? 114 VAL A CG2 1 
ATOM   823  N  N   . MET A 1 110 ? -6.332  8.327   -3.811  1.00 14.66 ? 115 MET A N   1 
ATOM   824  C  CA  . MET A 1 110 ? -6.695  9.252   -2.698  1.00 12.72 ? 115 MET A CA  1 
ATOM   825  C  C   . MET A 1 110 ? -7.020  10.636  -3.337  1.00 15.22 ? 115 MET A C   1 
ATOM   826  O  O   . MET A 1 110 ? -7.925  11.377  -2.891  1.00 16.37 ? 115 MET A O   1 
ATOM   827  C  CB  . MET A 1 110 ? -5.694  9.324   -1.605  1.00 14.47 ? 115 MET A CB  1 
ATOM   828  C  CG  . MET A 1 110 ? -5.767  8.088   -0.693  1.00 15.97 ? 115 MET A CG  1 
ATOM   829  S  SD  . MET A 1 110 ? -4.411  8.148   0.447   1.00 20.59 ? 115 MET A SD  1 
ATOM   830  C  CE  . MET A 1 110 ? -4.905  9.421   1.624   1.00 23.35 ? 115 MET A CE  1 
ATOM   831  N  N   . HIS A 1 111 ? -6.233  10.911  -4.405  1.00 15.73 ? 116 HIS A N   1 
ATOM   832  C  CA  . HIS A 1 111 ? -6.467  12.220  -5.105  1.00 19.65 ? 116 HIS A CA  1 
ATOM   833  C  C   . HIS A 1 111 ? -7.855  12.290  -5.702  1.00 19.10 ? 116 HIS A C   1 
ATOM   834  O  O   . HIS A 1 111 ? -8.550  13.360  -5.691  1.00 20.20 ? 116 HIS A O   1 
ATOM   835  C  CB  . HIS A 1 111 ? -5.361  12.430  -6.171  1.00 13.19 ? 116 HIS A CB  1 
ATOM   836  C  CG  . HIS A 1 111 ? -5.547  13.679  -7.010  1.00 22.86 ? 116 HIS A CG  1 
ATOM   837  N  ND1 . HIS A 1 111 ? -5.477  14.933  -6.507  1.00 20.85 ? 116 HIS A ND1 1 
ATOM   838  C  CD2 . HIS A 1 111 ? -5.864  13.792  -8.298  1.00 22.39 ? 116 HIS A CD2 1 
ATOM   839  C  CE1 . HIS A 1 111 ? -5.615  15.826  -7.529  1.00 17.25 ? 116 HIS A CE1 1 
ATOM   840  N  NE2 . HIS A 1 111 ? -5.946  15.160  -8.604  1.00 26.34 ? 116 HIS A NE2 1 
ATOM   841  N  N   . GLU A 1 112 ? -8.337  11.213  -6.268  1.00 17.94 ? 117 GLU A N   1 
ATOM   842  C  CA  . GLU A 1 112 ? -9.606  11.116  -6.993  1.00 22.67 ? 117 GLU A CA  1 
ATOM   843  C  C   . GLU A 1 112 ? -10.822 10.853  -6.158  1.00 23.93 ? 117 GLU A C   1 
ATOM   844  O  O   . GLU A 1 112 ? -11.959 11.336  -6.447  1.00 26.68 ? 117 GLU A O   1 
ATOM   845  C  CB  . GLU A 1 112 ? -9.473  9.984   -8.035  1.00 26.96 ? 117 GLU A CB  1 
ATOM   846  C  CG  . GLU A 1 112 ? -8.520  10.362  -9.170  1.00 32.30 ? 117 GLU A CG  1 
ATOM   847  C  CD  . GLU A 1 112 ? -8.254  9.295   -10.204 1.00 39.36 ? 117 GLU A CD  1 
ATOM   848  O  OE1 . GLU A 1 112 ? -9.024  8.352   -10.386 1.00 40.99 ? 117 GLU A OE1 1 
ATOM   849  O  OE2 . GLU A 1 112 ? -7.206  9.536   -10.857 1.00 43.63 ? 117 GLU A OE2 1 
ATOM   850  N  N   . LYS A 1 113 ? -10.659 10.148  -5.069  1.00 24.55 ? 118 LYS A N   1 
ATOM   851  C  CA  . LYS A 1 113 ? -11.813 9.676   -4.262  1.00 26.14 ? 118 LYS A CA  1 
ATOM   852  C  C   . LYS A 1 113 ? -11.742 10.157  -2.846  1.00 24.99 ? 118 LYS A C   1 
ATOM   853  O  O   . LYS A 1 113 ? -12.825 10.137  -2.225  1.00 29.97 ? 118 LYS A O   1 
ATOM   854  C  CB  . LYS A 1 113 ? -11.878 8.142   -4.441  1.00 22.32 ? 118 LYS A CB  1 
ATOM   855  C  CG  . LYS A 1 113 ? -12.058 7.738   -5.917  1.00 35.44 ? 118 LYS A CG  1 
ATOM   856  C  CD  . LYS A 1 113 ? -13.581 7.630   -6.167  1.00 40.61 ? 118 LYS A CD  1 
ATOM   857  C  CE  . LYS A 1 113 ? -13.832 6.493   -7.139  1.00 43.90 ? 118 LYS A CE  1 
ATOM   858  N  NZ  . LYS A 1 113 ? -14.109 7.052   -8.491  1.00 52.19 ? 118 LYS A NZ  1 
ATOM   859  N  N   . ALA A 1 114 ? -10.611 10.619  -2.287  1.00 17.75 ? 119 ALA A N   1 
ATOM   860  C  CA  . ALA A 1 114 ? -10.577 11.038  -0.902  1.00 21.08 ? 119 ALA A CA  1 
ATOM   861  C  C   . ALA A 1 114 ? -10.074 12.419  -0.546  1.00 17.60 ? 119 ALA A C   1 
ATOM   862  O  O   . ALA A 1 114 ? -9.589  12.673  0.573   1.00 20.66 ? 119 ALA A O   1 
ATOM   863  C  CB  . ALA A 1 114 ? -9.757  9.923   -0.158  1.00 20.53 ? 119 ALA A CB  1 
ATOM   864  N  N   . GLY A 1 115 ? -10.074 13.312  -1.563  1.00 16.05 ? 120 GLY A N   1 
ATOM   865  C  CA  . GLY A 1 115 ? -9.761  14.735  -1.299  1.00 13.52 ? 120 GLY A CA  1 
ATOM   866  C  C   . GLY A 1 115 ? -8.299  15.109  -1.124  1.00 16.43 ? 120 GLY A C   1 
ATOM   867  O  O   . GLY A 1 115 ? -8.020  16.114  -0.477  1.00 16.28 ? 120 GLY A O   1 
ATOM   868  N  N   . LEU A 1 116 ? -7.369  14.202  -1.515  1.00 11.66 ? 121 LEU A N   1 
ATOM   869  C  CA  . LEU A 1 116 ? -5.933  14.480  -1.432  1.00 13.19 ? 121 LEU A CA  1 
ATOM   870  C  C   . LEU A 1 116 ? -5.505  15.517  -2.497  1.00 13.68 ? 121 LEU A C   1 
ATOM   871  O  O   . LEU A 1 116 ? -5.473  15.112  -3.706  1.00 14.92 ? 121 LEU A O   1 
ATOM   872  C  CB  . LEU A 1 116 ? -5.159  13.138  -1.678  1.00 13.16 ? 121 LEU A CB  1 
ATOM   873  C  CG  . LEU A 1 116 ? -3.727  13.315  -1.188  1.00 17.79 ? 121 LEU A CG  1 
ATOM   874  C  CD1 . LEU A 1 116 ? -3.509  13.497  0.283   1.00 17.59 ? 121 LEU A CD1 1 
ATOM   875  C  CD2 . LEU A 1 116 ? -3.023  11.984  -1.576  1.00 17.20 ? 121 LEU A CD2 1 
ATOM   876  N  N   . ASP A 1 117 ? -5.213  16.722  -1.940  1.00 14.23 ? 122 ASP A N   1 
ATOM   877  C  CA  . ASP A 1 117 ? -4.967  17.757  -2.963  1.00 17.03 ? 122 ASP A CA  1 
ATOM   878  C  C   . ASP A 1 117 ? -3.506  17.707  -3.476  1.00 19.58 ? 122 ASP A C   1 
ATOM   879  O  O   . ASP A 1 117 ? -2.647  16.870  -3.004  1.00 16.81 ? 122 ASP A O   1 
ATOM   880  C  CB  . ASP A 1 117 ? -5.331  19.140  -2.419  1.00 20.61 ? 122 ASP A CB  1 
ATOM   881  C  CG  . ASP A 1 117 ? -4.503  19.670  -1.305  1.00 27.33 ? 122 ASP A CG  1 
ATOM   882  O  OD1 . ASP A 1 117 ? -3.542  19.055  -0.820  1.00 27.13 ? 122 ASP A OD1 1 
ATOM   883  O  OD2 . ASP A 1 117 ? -4.863  20.777  -0.799  1.00 25.74 ? 122 ASP A OD2 1 
ATOM   884  N  N   . ALA A 1 118 ? -2.873  18.757  -4.237  1.00 18.13 ? 125 ALA A N   1 
ATOM   885  C  CA  . ALA A 1 118 ? -1.417  18.680  -4.770  1.00 21.19 ? 125 ALA A CA  1 
ATOM   886  C  C   . ALA A 1 118 ? -0.541  18.586  -3.560  1.00 18.76 ? 125 ALA A C   1 
ATOM   887  O  O   . ALA A 1 118 ? 0.477   17.856  -3.643  1.00 21.14 ? 125 ALA A O   1 
ATOM   888  C  CB  . ALA A 1 118 ? -1.299  19.799  -5.767  1.00 22.54 ? 125 ALA A CB  1 
ATOM   889  N  N   . GLY A 1 119 ? -0.655  19.350  -2.521  1.00 17.08 ? 126 GLY A N   1 
ATOM   890  C  CA  . GLY A 1 119 ? 0.148   19.450  -1.329  1.00 21.51 ? 126 GLY A CA  1 
ATOM   891  C  C   . GLY A 1 119 ? 0.151   18.113  -0.573  1.00 24.96 ? 126 GLY A C   1 
ATOM   892  O  O   . GLY A 1 119 ? 1.237   17.701  -0.142  1.00 21.73 ? 126 GLY A O   1 
ATOM   893  N  N   . GLY A 1 120 ? -1.026  17.570  -0.415  1.00 20.06 ? 127 GLY A N   1 
ATOM   894  C  CA  . GLY A 1 120 ? -1.188  16.256  0.283   1.00 20.68 ? 127 GLY A CA  1 
ATOM   895  C  C   . GLY A 1 120 ? -0.473  15.207  -0.530  1.00 19.16 ? 127 GLY A C   1 
ATOM   896  O  O   . GLY A 1 120 ? 0.101   14.199  0.000   1.00 18.81 ? 127 GLY A O   1 
ATOM   897  N  N   . GLN A 1 121 ? -0.545  15.239  -1.843  1.00 20.51 ? 128 GLN A N   1 
ATOM   898  C  CA  . GLN A 1 121 ? 0.078   14.273  -2.749  1.00 20.62 ? 128 GLN A CA  1 
ATOM   899  C  C   . GLN A 1 121 ? 1.605   14.299  -2.476  1.00 25.33 ? 128 GLN A C   1 
ATOM   900  O  O   . GLN A 1 121 ? 2.240   13.226  -2.398  1.00 22.31 ? 128 GLN A O   1 
ATOM   901  C  CB  . GLN A 1 121 ? -0.157  14.282  -4.241  1.00 21.45 ? 128 GLN A CB  1 
ATOM   902  C  CG  . GLN A 1 121 ? -1.617  13.972  -4.574  1.00 25.05 ? 128 GLN A CG  1 
ATOM   903  C  CD  . GLN A 1 121 ? -1.887  14.346  -6.006  1.00 33.04 ? 128 GLN A CD  1 
ATOM   904  O  OE1 . GLN A 1 121 ? -1.650  13.588  -6.947  1.00 36.88 ? 128 GLN A OE1 1 
ATOM   905  N  NE2 . GLN A 1 121 ? -2.336  15.578  -6.191  1.00 33.24 ? 128 GLN A NE2 1 
ATOM   906  N  N   . THR A 1 122 ? 2.184   15.490  -2.480  1.00 25.31 ? 129 THR A N   1 
ATOM   907  C  CA  . THR A 1 122 ? 3.627   15.597  -2.143  1.00 25.73 ? 129 THR A CA  1 
ATOM   908  C  C   . THR A 1 122 ? 4.005   15.002  -0.810  1.00 22.32 ? 129 THR A C   1 
ATOM   909  O  O   . THR A 1 122 ? 5.018   14.267  -0.717  1.00 29.60 ? 129 THR A O   1 
ATOM   910  C  CB  . THR A 1 122 ? 4.013   17.154  -2.226  1.00 27.54 ? 129 THR A CB  1 
ATOM   911  O  OG1 . THR A 1 122 ? 3.767   17.403  -3.652  1.00 30.43 ? 129 THR A OG1 1 
ATOM   912  C  CG2 . THR A 1 122 ? 5.426   17.421  -1.723  1.00 27.42 ? 129 THR A CG2 1 
ATOM   913  N  N   . ALA A 1 123 ? 3.302   15.306  0.248   1.00 24.54 ? 130 ALA A N   1 
ATOM   914  C  CA  . ALA A 1 123 ? 3.550   14.837  1.591   1.00 21.92 ? 130 ALA A CA  1 
ATOM   915  C  C   . ALA A 1 123 ? 3.448   13.293  1.613   1.00 24.05 ? 130 ALA A C   1 
ATOM   916  O  O   . ALA A 1 123 ? 4.394   12.637  2.146   1.00 21.66 ? 130 ALA A O   1 
ATOM   917  C  CB  . ALA A 1 123 ? 2.667   15.457  2.641   1.00 24.19 ? 130 ALA A CB  1 
ATOM   918  N  N   . LEU A 1 124 ? 2.380   12.784  0.950   1.00 21.82 ? 131 LEU A N   1 
ATOM   919  C  CA  . LEU A 1 124 ? 2.261   11.318  0.900   1.00 23.13 ? 131 LEU A CA  1 
ATOM   920  C  C   . LEU A 1 124 ? 3.376   10.636  0.115   1.00 25.15 ? 131 LEU A C   1 
ATOM   921  O  O   . LEU A 1 124 ? 3.852   9.586   0.634   1.00 24.84 ? 131 LEU A O   1 
ATOM   922  C  CB  . LEU A 1 124 ? 0.842   10.880  0.398   1.00 19.06 ? 131 LEU A CB  1 
ATOM   923  C  CG  . LEU A 1 124 ? 0.588   9.380   0.571   1.00 24.80 ? 131 LEU A CG  1 
ATOM   924  C  CD1 . LEU A 1 124 ? 0.705   8.914   2.018   1.00 19.30 ? 131 LEU A CD1 1 
ATOM   925  C  CD2 . LEU A 1 124 ? -0.817  9.174   0.046   1.00 24.91 ? 131 LEU A CD2 1 
ATOM   926  N  N   . ARG A 1 125 ? 3.754   11.097  -1.057  1.00 21.45 ? 132 ARG A N   1 
ATOM   927  C  CA  . ARG A 1 125 ? 4.883   10.544  -1.781  1.00 24.60 ? 132 ARG A CA  1 
ATOM   928  C  C   . ARG A 1 125 ? 6.178   10.585  -0.933  1.00 25.24 ? 132 ARG A C   1 
ATOM   929  O  O   . ARG A 1 125 ? 6.895   9.557   -1.013  1.00 27.75 ? 132 ARG A O   1 
ATOM   930  C  CB  . ARG A 1 125 ? 5.092   11.276  -3.101  1.00 28.87 ? 132 ARG A CB  1 
ATOM   931  C  CG  . ARG A 1 125 ? 4.019   10.979  -4.121  1.00 36.80 ? 132 ARG A CG  1 
ATOM   932  C  CD  . ARG A 1 125 ? 4.379   11.438  -5.490  1.00 41.50 ? 132 ARG A CD  1 
ATOM   933  N  NE  . ARG A 1 125 ? 3.285   11.238  -6.428  1.00 45.39 ? 132 ARG A NE  1 
ATOM   934  C  CZ  . ARG A 1 125 ? 2.533   12.163  -7.015  1.00 48.31 ? 132 ARG A CZ  1 
ATOM   935  N  NH1 . ARG A 1 125 ? 2.583   13.454  -6.670  1.00 48.49 ? 132 ARG A NH1 1 
ATOM   936  N  NH2 . ARG A 1 125 ? 1.631   11.780  -7.926  1.00 49.43 ? 132 ARG A NH2 1 
ATOM   937  N  N   . ASN A 1 126 ? 6.383   11.632  -0.160  1.00 26.61 ? 133 ASN A N   1 
ATOM   938  C  CA  . ASN A 1 126 ? 7.586   11.733  0.679   1.00 27.43 ? 133 ASN A CA  1 
ATOM   939  C  C   . ASN A 1 126 ? 7.512   10.655  1.761   1.00 30.36 ? 133 ASN A C   1 
ATOM   940  O  O   . ASN A 1 126 ? 8.553   10.002  1.942   1.00 29.84 ? 133 ASN A O   1 
ATOM   941  C  CB  . ASN A 1 126 ? 7.828   13.125  1.256   1.00 27.36 ? 133 ASN A CB  1 
ATOM   942  C  CG  . ASN A 1 126 ? 8.134   14.152  0.166   1.00 36.01 ? 133 ASN A CG  1 
ATOM   943  O  OD1 . ASN A 1 126 ? 7.937   15.357  0.402   1.00 42.85 ? 133 ASN A OD1 1 
ATOM   944  N  ND2 . ASN A 1 126 ? 8.691   13.806  -0.994  1.00 34.83 ? 133 ASN A ND2 1 
ATOM   945  N  N   . VAL A 1 127 ? 6.393   10.542  2.450   1.00 27.14 ? 134 VAL A N   1 
ATOM   946  C  CA  . VAL A 1 127 ? 6.238   9.510   3.504   1.00 25.95 ? 134 VAL A CA  1 
ATOM   947  C  C   . VAL A 1 127 ? 6.441   8.109   2.905   1.00 26.16 ? 134 VAL A C   1 
ATOM   948  O  O   . VAL A 1 127 ? 7.165   7.326   3.529   1.00 26.10 ? 134 VAL A O   1 
ATOM   949  C  CB  . VAL A 1 127 ? 4.898   9.614   4.273   1.00 26.41 ? 134 VAL A CB  1 
ATOM   950  C  CG1 . VAL A 1 127 ? 4.509   8.379   5.086   1.00 26.43 ? 134 VAL A CG1 1 
ATOM   951  C  CG2 . VAL A 1 127 ? 4.945   10.851  5.143   1.00 25.95 ? 134 VAL A CG2 1 
ATOM   952  N  N   . MET A 1 128 ? 5.814   7.836   1.812   1.00 20.59 ? 135 MET A N   1 
ATOM   953  C  CA  . MET A 1 128 ? 5.929   6.500   1.183   1.00 22.31 ? 135 MET A CA  1 
ATOM   954  C  C   . MET A 1 128 ? 7.382   6.247   0.828   1.00 26.86 ? 135 MET A C   1 
ATOM   955  O  O   . MET A 1 128 ? 7.890   5.121   1.055   1.00 26.53 ? 135 MET A O   1 
ATOM   956  C  CB  . MET A 1 128 ? 4.974   6.273   0.035   1.00 23.10 ? 135 MET A CB  1 
ATOM   957  C  CG  . MET A 1 128 ? 3.532   6.460   0.536   1.00 25.36 ? 135 MET A CG  1 
ATOM   958  S  SD  . MET A 1 128 ? 3.084   5.159   1.810   1.00 24.71 ? 135 MET A SD  1 
ATOM   959  C  CE  . MET A 1 128 ? 3.194   3.773   0.697   1.00 23.42 ? 135 MET A CE  1 
ATOM   960  N  N   . GLY A 1 129 ? 8.088   7.289   0.373   1.00 24.43 ? 136 GLY A N   1 
ATOM   961  C  CA  . GLY A 1 129 ? 9.509   7.131   0.000   1.00 24.91 ? 136 GLY A CA  1 
ATOM   962  C  C   . GLY A 1 129 ? 10.358  6.683   1.170   1.00 21.50 ? 136 GLY A C   1 
ATOM   963  O  O   . GLY A 1 129 ? 11.252  5.820   0.954   1.00 26.86 ? 136 GLY A O   1 
ATOM   964  N  N   . ILE A 1 130 ? 10.089  7.130   2.334   1.00 22.47 ? 137 ILE A N   1 
ATOM   965  C  CA  . ILE A 1 130 ? 10.783  6.828   3.588   1.00 21.50 ? 137 ILE A CA  1 
ATOM   966  C  C   . ILE A 1 130 ? 10.517  5.335   3.878   1.00 24.62 ? 137 ILE A C   1 
ATOM   967  O  O   . ILE A 1 130 ? 11.425  4.562   4.191   1.00 23.57 ? 137 ILE A O   1 
ATOM   968  C  CB  . ILE A 1 130 ? 10.337  7.758   4.774   1.00 25.49 ? 137 ILE A CB  1 
ATOM   969  C  CG1 . ILE A 1 130 ? 10.840  9.210   4.505   1.00 29.03 ? 137 ILE A CG1 1 
ATOM   970  C  CG2 . ILE A 1 130 ? 10.767  7.183   6.175   1.00 29.58 ? 137 ILE A CG2 1 
ATOM   971  C  CD1 . ILE A 1 130 ? 10.381  10.164  5.675   1.00 26.72 ? 137 ILE A CD1 1 
ATOM   972  N  N   . ILE A 1 131 ? 9.218   5.022   3.889   1.00 23.60 ? 138 ILE A N   1 
ATOM   973  C  CA  . ILE A 1 131 ? 8.827   3.615   4.184   1.00 22.37 ? 138 ILE A CA  1 
ATOM   974  C  C   . ILE A 1 131 ? 9.481   2.679   3.199   1.00 23.75 ? 138 ILE A C   1 
ATOM   975  O  O   . ILE A 1 131 ? 9.930   1.563   3.693   1.00 22.08 ? 138 ILE A O   1 
ATOM   976  C  CB  . ILE A 1 131 ? 7.245   3.478   4.216   1.00 23.85 ? 138 ILE A CB  1 
ATOM   977  C  CG1 . ILE A 1 131 ? 6.818   4.329   5.449   1.00 21.97 ? 138 ILE A CG1 1 
ATOM   978  C  CG2 . ILE A 1 131 ? 6.749   2.009   4.177   1.00 25.25 ? 138 ILE A CG2 1 
ATOM   979  C  CD1 . ILE A 1 131 ? 5.289   4.410   5.605   1.00 24.31 ? 138 ILE A CD1 1 
ATOM   980  N  N   . ILE A 1 132 ? 9.488   2.967   1.896   1.00 22.07 ? 139 ILE A N   1 
ATOM   981  C  CA  . ILE A 1 132 ? 10.027  1.990   0.968   1.00 26.45 ? 139 ILE A CA  1 
ATOM   982  C  C   . ILE A 1 132 ? 11.571  1.938   1.119   1.00 23.58 ? 139 ILE A C   1 
ATOM   983  O  O   . ILE A 1 132 ? 12.058  0.791   0.971   1.00 23.65 ? 139 ILE A O   1 
ATOM   984  C  CB  . ILE A 1 132 ? 9.461   1.919   -0.471  1.00 29.52 ? 139 ILE A CB  1 
ATOM   985  C  CG1 . ILE A 1 132 ? 10.350  2.452   -1.598  1.00 34.20 ? 139 ILE A CG1 1 
ATOM   986  C  CG2 . ILE A 1 132 ? 7.989   2.441   -0.619  1.00 27.22 ? 139 ILE A CG2 1 
ATOM   987  C  CD1 . ILE A 1 132 ? 10.851  1.297   -2.524  1.00 42.52 ? 139 ILE A CD1 1 
ATOM   988  N  N   . ALA A 1 133 ? 12.182  3.035   1.441   1.00 25.17 ? 140 ALA A N   1 
ATOM   989  C  CA  . ALA A 1 133 ? 13.648  3.024   1.650   1.00 25.99 ? 140 ALA A CA  1 
ATOM   990  C  C   . ALA A 1 133 ? 13.948  2.093   2.838   1.00 28.57 ? 140 ALA A C   1 
ATOM   991  O  O   . ALA A 1 133 ? 14.965  1.350   2.795   1.00 28.46 ? 140 ALA A O   1 
ATOM   992  C  CB  . ALA A 1 133 ? 14.128  4.429   1.906   1.00 27.09 ? 140 ALA A CB  1 
ATOM   993  N  N   . ASP A 1 134 ? 13.095  2.139   3.835   1.00 24.84 ? 141 ASP A N   1 
ATOM   994  C  CA  . ASP A 1 134 ? 13.292  1.335   5.068   1.00 25.19 ? 141 ASP A CA  1 
ATOM   995  C  C   . ASP A 1 134 ? 13.032  -0.135  4.708   1.00 25.61 ? 141 ASP A C   1 
ATOM   996  O  O   . ASP A 1 134 ? 13.760  -1.040  5.183   1.00 24.96 ? 141 ASP A O   1 
ATOM   997  C  CB  . ASP A 1 134 ? 12.508  1.820   6.277   1.00 25.99 ? 141 ASP A CB  1 
ATOM   998  C  CG  . ASP A 1 134 ? 13.085  3.019   6.995   1.00 31.87 ? 141 ASP A CG  1 
ATOM   999  O  OD1 . ASP A 1 134 ? 14.107  3.618   6.585   1.00 30.46 ? 141 ASP A OD1 1 
ATOM   1000 O  OD2 . ASP A 1 134 ? 12.563  3.356   8.081   1.00 32.56 ? 141 ASP A OD2 1 
ATOM   1001 N  N   . LEU A 1 135 ? 12.003  -0.334  3.877   1.00 19.96 ? 142 LEU A N   1 
ATOM   1002 C  CA  . LEU A 1 135 ? 11.730  -1.725  3.462   1.00 24.86 ? 142 LEU A CA  1 
ATOM   1003 C  C   . LEU A 1 135 ? 12.876  -2.361  2.692   1.00 25.10 ? 142 LEU A C   1 
ATOM   1004 O  O   . LEU A 1 135 ? 13.231  -3.547  2.862   1.00 24.66 ? 142 LEU A O   1 
ATOM   1005 C  CB  . LEU A 1 135 ? 10.450  -1.772  2.634   1.00 28.64 ? 142 LEU A CB  1 
ATOM   1006 C  CG  . LEU A 1 135 ? 9.085   -1.962  3.187   1.00 29.36 ? 142 LEU A CG  1 
ATOM   1007 C  CD1 . LEU A 1 135 ? 8.177   -2.110  1.954   1.00 32.18 ? 142 LEU A CD1 1 
ATOM   1008 C  CD2 . LEU A 1 135 ? 8.947   -3.239  4.008   1.00 28.81 ? 142 LEU A CD2 1 
ATOM   1009 N  N   . GLU A 1 136 ? 13.452  -1.566  1.811   1.00 24.93 ? 143 GLU A N   1 
ATOM   1010 C  CA  . GLU A 1 136 ? 14.614  -1.939  1.011   1.00 28.81 ? 143 GLU A CA  1 
ATOM   1011 C  C   . GLU A 1 136 ? 15.783  -2.358  1.907   1.00 24.55 ? 143 GLU A C   1 
ATOM   1012 O  O   . GLU A 1 136 ? 16.342  -3.420  1.642   1.00 25.00 ? 143 GLU A O   1 
ATOM   1013 C  CB  . GLU A 1 136 ? 15.076  -0.762  0.177   1.00 32.66 ? 143 GLU A CB  1 
ATOM   1014 C  CG  . GLU A 1 136 ? 15.315  -1.173  -1.280  1.00 49.39 ? 143 GLU A CG  1 
ATOM   1015 C  CD  . GLU A 1 136 ? 15.723  0.082   -2.019  1.00 56.15 ? 143 GLU A CD  1 
ATOM   1016 O  OE1 . GLU A 1 136 ? 14.895  0.914   -2.354  1.00 61.18 ? 143 GLU A OE1 1 
ATOM   1017 O  OE2 . GLU A 1 136 ? 16.972  0.130   -1.982  1.00 60.23 ? 143 GLU A OE2 1 
ATOM   1018 N  N   . ALA A 1 137 ? 16.061  -1.570  2.913   1.00 26.38 ? 144 ALA A N   1 
ATOM   1019 C  CA  . ALA A 1 137 ? 17.101  -1.837  3.884   1.00 28.21 ? 144 ALA A CA  1 
ATOM   1020 C  C   . ALA A 1 137 ? 16.869  -3.154  4.608   1.00 27.70 ? 144 ALA A C   1 
ATOM   1021 O  O   . ALA A 1 137 ? 17.814  -3.969  4.807   1.00 27.13 ? 144 ALA A O   1 
ATOM   1022 C  CB  . ALA A 1 137 ? 17.220  -0.730  4.917   1.00 23.82 ? 144 ALA A CB  1 
ATOM   1023 N  N   . ASN A 1 138 ? 15.649  -3.381  5.071   1.00 19.41 ? 145 ASN A N   1 
ATOM   1024 C  CA  . ASN A 1 138 ? 15.288  -4.612  5.743   1.00 24.58 ? 145 ASN A CA  1 
ATOM   1025 C  C   . ASN A 1 138 ? 15.453  -5.762  4.758   1.00 21.15 ? 145 ASN A C   1 
ATOM   1026 O  O   . ASN A 1 138 ? 15.790  -6.842  5.297   1.00 23.98 ? 145 ASN A O   1 
ATOM   1027 C  CB  . ASN A 1 138 ? 13.881  -4.602  6.346   1.00 24.33 ? 145 ASN A CB  1 
ATOM   1028 C  CG  . ASN A 1 138 ? 13.746  -3.653  7.517   1.00 30.25 ? 145 ASN A CG  1 
ATOM   1029 O  OD1 . ASN A 1 138 ? 14.690  -3.455  8.283   1.00 36.94 ? 145 ASN A OD1 1 
ATOM   1030 N  ND2 . ASN A 1 138 ? 12.546  -3.131  7.780   1.00 29.67 ? 145 ASN A ND2 1 
ATOM   1031 N  N   . TYR A 1 139 ? 15.100  -5.618  3.484   1.00 17.03 ? 146 TYR A N   1 
ATOM   1032 C  CA  . TYR A 1 139 ? 15.245  -6.701  2.536   1.00 19.42 ? 146 TYR A CA  1 
ATOM   1033 C  C   . TYR A 1 139 ? 16.764  -7.114  2.406   1.00 21.21 ? 146 TYR A C   1 
ATOM   1034 O  O   . TYR A 1 139 ? 17.035  -8.310  2.273   1.00 23.20 ? 146 TYR A O   1 
ATOM   1035 C  CB  . TYR A 1 139 ? 14.762  -6.316  1.138   1.00 22.76 ? 146 TYR A CB  1 
ATOM   1036 C  CG  . TYR A 1 139 ? 13.292  -6.590  0.867   1.00 20.42 ? 146 TYR A CG  1 
ATOM   1037 C  CD1 . TYR A 1 139 ? 12.273  -6.620  1.858   1.00 24.35 ? 146 TYR A CD1 1 
ATOM   1038 C  CD2 . TYR A 1 139 ? 12.929  -7.088  -0.364  1.00 20.77 ? 146 TYR A CD2 1 
ATOM   1039 C  CE1 . TYR A 1 139 ? 10.973  -6.950  1.547   1.00 19.98 ? 146 TYR A CE1 1 
ATOM   1040 C  CE2 . TYR A 1 139 ? 11.586  -7.312  -0.751  1.00 25.00 ? 146 TYR A CE2 1 
ATOM   1041 C  CZ  . TYR A 1 139 ? 10.603  -7.288  0.273   1.00 16.97 ? 146 TYR A CZ  1 
ATOM   1042 O  OH  . TYR A 1 139 ? 9.331   -7.684  -0.053  1.00 19.26 ? 146 TYR A OH  1 
ATOM   1043 N  N   . LYS A 1 140 ? 17.526  -6.050  2.446   1.00 23.24 ? 147 LYS A N   1 
ATOM   1044 C  CA  . LYS A 1 140 ? 18.993  -6.235  2.331   1.00 26.83 ? 147 LYS A CA  1 
ATOM   1045 C  C   . LYS A 1 140 ? 19.525  -7.107  3.444   1.00 24.62 ? 147 LYS A C   1 
ATOM   1046 O  O   . LYS A 1 140 ? 20.288  -8.084  3.237   1.00 28.23 ? 147 LYS A O   1 
ATOM   1047 C  CB  . LYS A 1 140 ? 19.659  -4.863  2.312   1.00 33.40 ? 147 LYS A CB  1 
ATOM   1048 C  CG  . LYS A 1 140 ? 19.590  -4.310  0.873   1.00 44.40 ? 147 LYS A CG  1 
ATOM   1049 C  CD  . LYS A 1 140 ? 19.944  -2.845  0.783   1.00 49.02 ? 147 LYS A CD  1 
ATOM   1050 C  CE  . LYS A 1 140 ? 21.432  -2.588  0.677   1.00 54.49 ? 147 LYS A CE  1 
ATOM   1051 N  NZ  . LYS A 1 140 ? 21.879  -1.769  1.847   1.00 60.07 ? 147 LYS A NZ  1 
ATOM   1052 N  N   . GLU A 1 141 ? 19.088  -6.802  4.625   1.00 22.91 ? 148 GLU A N   1 
ATOM   1053 C  CA  . GLU A 1 141 ? 19.503  -7.472  5.879   1.00 24.89 ? 148 GLU A CA  1 
ATOM   1054 C  C   . GLU A 1 141 ? 19.024  -8.895  5.935   1.00 25.64 ? 148 GLU A C   1 
ATOM   1055 O  O   . GLU A 1 141 ? 19.630  -9.763  6.594   1.00 21.41 ? 148 GLU A O   1 
ATOM   1056 C  CB  . GLU A 1 141 ? 18.914  -6.678  7.004   1.00 31.54 ? 148 GLU A CB  1 
ATOM   1057 C  CG  . GLU A 1 141 ? 19.690  -6.021  8.100   1.00 43.62 ? 148 GLU A CG  1 
ATOM   1058 C  CD  . GLU A 1 141 ? 18.958  -5.693  9.366   1.00 48.16 ? 148 GLU A CD  1 
ATOM   1059 O  OE1 . GLU A 1 141 ? 17.729  -5.899  9.372   1.00 48.29 ? 148 GLU A OE1 1 
ATOM   1060 O  OE2 . GLU A 1 141 ? 19.583  -5.250  10.325  1.00 53.86 ? 148 GLU A OE2 1 
ATOM   1061 N  N   . LEU A 1 142 ? 17.975  -9.196  5.198   1.00 26.96 ? 149 LEU A N   1 
ATOM   1062 C  CA  . LEU A 1 142 ? 17.406  -10.549 5.092   1.00 29.47 ? 149 LEU A CA  1 
ATOM   1063 C  C   . LEU A 1 142 ? 18.096  -11.351 4.005   1.00 30.52 ? 149 LEU A C   1 
ATOM   1064 O  O   . LEU A 1 142 ? 17.970  -12.592 3.948   1.00 31.79 ? 149 LEU A O   1 
ATOM   1065 C  CB  . LEU A 1 142 ? 15.911  -10.283 4.881   1.00 33.48 ? 149 LEU A CB  1 
ATOM   1066 C  CG  . LEU A 1 142 ? 14.718  -10.627 5.728   1.00 36.43 ? 149 LEU A CG  1 
ATOM   1067 C  CD1 . LEU A 1 142 ? 15.007  -11.004 7.169   1.00 34.02 ? 149 LEU A CD1 1 
ATOM   1068 C  CD2 . LEU A 1 142 ? 13.724  -9.449  5.732   1.00 37.58 ? 149 LEU A CD2 1 
ATOM   1069 N  N   . GLY A 1 143 ? 18.826  -10.662 3.147   1.00 29.58 ? 150 GLY A N   1 
ATOM   1070 C  CA  . GLY A 1 143 ? 19.550  -11.265 2.013   1.00 33.71 ? 150 GLY A CA  1 
ATOM   1071 C  C   . GLY A 1 143 ? 18.645  -11.623 0.858   1.00 36.72 ? 150 GLY A C   1 
ATOM   1072 O  O   . GLY A 1 143 ? 18.876  -12.623 0.146   1.00 39.13 ? 150 GLY A O   1 
ATOM   1073 N  N   . PHE A 1 144 ? 17.627  -10.788 0.616   1.00 40.85 ? 151 PHE A N   1 
ATOM   1074 C  CA  . PHE A 1 144 ? 16.616  -11.076 -0.421  1.00 43.11 ? 151 PHE A CA  1 
ATOM   1075 C  C   . PHE A 1 144 ? 16.855  -10.135 -1.614  1.00 44.62 ? 151 PHE A C   1 
ATOM   1076 O  O   . PHE A 1 144 ? 16.587  -8.946  -1.325  1.00 48.47 ? 151 PHE A O   1 
ATOM   1077 C  CB  . PHE A 1 144 ? 15.215  -10.991 0.163   1.00 45.07 ? 151 PHE A CB  1 
ATOM   1078 C  CG  . PHE A 1 144 ? 14.086  -11.155 -0.809  1.00 47.43 ? 151 PHE A CG  1 
ATOM   1079 C  CD1 . PHE A 1 144 ? 13.679  -12.410 -1.257  1.00 49.19 ? 151 PHE A CD1 1 
ATOM   1080 C  CD2 . PHE A 1 144 ? 13.456  -10.024 -1.306  1.00 47.56 ? 151 PHE A CD2 1 
ATOM   1081 C  CE1 . PHE A 1 144 ? 12.622  -12.523 -2.178  1.00 51.58 ? 151 PHE A CE1 1 
ATOM   1082 C  CE2 . PHE A 1 144 ? 12.402  -10.111 -2.208  1.00 51.34 ? 151 PHE A CE2 1 
ATOM   1083 C  CZ  . PHE A 1 144 ? 11.982  -11.364 -2.654  1.00 49.04 ? 151 PHE A CZ  1 
ATOM   1084 N  N   . SER A 1 145 ? 17.827  -9.952  -2.133  1.00 56.18 ? 152 SER A N   1 
ATOM   1085 C  CA  . SER A 1 145 ? 18.336  -8.997  -3.121  1.00 60.80 ? 152 SER A CA  1 
ATOM   1086 C  C   . SER A 1 145 ? 18.922  -7.760  -2.490  1.00 63.29 ? 152 SER A C   1 
ATOM   1087 O  O   . SER A 1 145 ? 19.921  -7.861  -1.673  1.00 65.33 ? 152 SER A O   1 
ATOM   1088 C  CB  . SER A 1 145 ? 17.329  -8.739  -4.245  1.00 61.36 ? 152 SER A CB  1 
ATOM   1089 O  OG  . SER A 1 145 ? 17.627  -9.703  -5.281  1.00 64.08 ? 152 SER A OG  1 
ATOM   1090 N  N   . GLY A 1 146 ? 19.197  -6.630  -3.072  1.00 64.71 ? 153 GLY A N   1 
ATOM   1091 C  CA  . GLY A 1 146 ? 19.626  -5.355  -3.398  1.00 65.27 ? 153 GLY A CA  1 
ATOM   1092 C  C   . GLY A 1 146 ? 18.385  -4.486  -4.082  1.00 66.17 ? 153 GLY A C   1 
ATOM   1093 O  OXT . GLY A 1 146 ? 18.819  -4.447  -5.501  1.00 69.66 ? 153 GLY A OXT 1 
HETATM 1094 C  CHA . HEM B 2 .   ? -0.130  -10.164 2.869   1.00 11.54 ? 154 HEM A CHA 1 
HETATM 1095 C  CHB . HEM B 2 .   ? 0.309   -5.462  4.056   1.00 14.13 ? 154 HEM A CHB 1 
HETATM 1096 C  CHC . HEM B 2 .   ? 2.113   -4.564  -0.322  1.00 11.22 ? 154 HEM A CHC 1 
HETATM 1097 C  CHD . HEM B 2 .   ? 1.472   -9.199  -1.613  1.00 13.00 ? 154 HEM A CHD 1 
HETATM 1098 C  C1A . HEM B 2 .   ? -0.080  -8.985  3.610   1.00 10.64 ? 154 HEM A C1A 1 
HETATM 1099 C  C2A . HEM B 2 .   ? -0.592  -8.826  4.936   1.00 14.16 ? 154 HEM A C2A 1 
HETATM 1100 C  C3A . HEM B 2 .   ? -0.518  -7.526  5.258   1.00 13.80 ? 154 HEM A C3A 1 
HETATM 1101 C  C4A . HEM B 2 .   ? 0.102   -6.862  4.155   1.00 13.37 ? 154 HEM A C4A 1 
HETATM 1102 C  CMA . HEM B 2 .   ? -0.833  -6.811  6.612   1.00 16.98 ? 154 HEM A CMA 1 
HETATM 1103 C  CAA . HEM B 2 .   ? -1.056  -10.008 5.808   1.00 18.36 ? 154 HEM A CAA 1 
HETATM 1104 C  CBA . HEM B 2 .   ? 0.068   -10.345 6.845   1.00 22.31 ? 154 HEM A CBA 1 
HETATM 1105 C  CGA . HEM B 2 .   ? 1.428   -10.701 6.287   1.00 25.90 ? 154 HEM A CGA 1 
HETATM 1106 O  O1A . HEM B 2 .   ? 1.400   -11.795 5.686   1.00 27.72 ? 154 HEM A O1A 1 
HETATM 1107 O  O2A . HEM B 2 .   ? 2.377   -9.883  6.314   1.00 29.55 ? 154 HEM A O2A 1 
HETATM 1108 C  C1B . HEM B 2 .   ? 0.863   -4.798  3.001   1.00 12.06 ? 154 HEM A C1B 1 
HETATM 1109 C  C2B . HEM B 2 .   ? 1.155   -3.371  2.920   1.00 10.25 ? 154 HEM A C2B 1 
HETATM 1110 C  C3B . HEM B 2 .   ? 1.654   -3.113  1.713   1.00 12.71 ? 154 HEM A C3B 1 
HETATM 1111 C  C4B . HEM B 2 .   ? 1.740   -4.388  1.012   1.00 12.09 ? 154 HEM A C4B 1 
HETATM 1112 C  CMB . HEM B 2 .   ? 0.911   -2.362  4.100   1.00 13.99 ? 154 HEM A CMB 1 
HETATM 1113 C  CAB . HEM B 2 .   ? 2.119   -1.846  1.026   1.00 15.82 ? 154 HEM A CAB 1 
HETATM 1114 C  CBB . HEM B 2 .   ? 2.466   -0.689  1.597   1.00 26.06 ? 154 HEM A CBB 1 
HETATM 1115 C  C1C . HEM B 2 .   ? 2.066   -5.724  -1.115  1.00 11.43 ? 154 HEM A C1C 1 
HETATM 1116 C  C2C . HEM B 2 .   ? 2.377   -5.811  -2.508  1.00 13.62 ? 154 HEM A C2C 1 
HETATM 1117 C  C3C . HEM B 2 .   ? 2.105   -7.074  -2.890  1.00 15.43 ? 154 HEM A C3C 1 
HETATM 1118 C  C4C . HEM B 2 .   ? 1.762   -7.814  -1.694  1.00 13.86 ? 154 HEM A C4C 1 
HETATM 1119 C  CMC . HEM B 2 .   ? 2.847   -4.629  -3.362  1.00 17.77 ? 154 HEM A CMC 1 
HETATM 1120 C  CAC . HEM B 2 .   ? 2.345   -7.824  -4.233  1.00 17.79 ? 154 HEM A CAC 1 
HETATM 1121 C  CBC . HEM B 2 .   ? 2.272   -7.063  -5.348  1.00 23.76 ? 154 HEM A CBC 1 
HETATM 1122 C  C1D . HEM B 2 .   ? 0.966   -9.856  -0.496  1.00 12.87 ? 154 HEM A C1D 1 
HETATM 1123 C  C2D . HEM B 2 .   ? 0.493   -11.215 -0.465  1.00 13.49 ? 154 HEM A C2D 1 
HETATM 1124 C  C3D . HEM B 2 .   ? 0.040   -11.467 0.760   1.00 14.81 ? 154 HEM A C3D 1 
HETATM 1125 C  C4D . HEM B 2 .   ? 0.209   -10.262 1.544   1.00 12.24 ? 154 HEM A C4D 1 
HETATM 1126 C  CMD . HEM B 2 .   ? 0.545   -12.171 -1.673  1.00 17.75 ? 154 HEM A CMD 1 
HETATM 1127 C  CAD . HEM B 2 .   ? -0.700  -12.681 1.318   1.00 15.29 ? 154 HEM A CAD 1 
HETATM 1128 C  CBD . HEM B 2 .   ? -2.193  -12.713 1.073   1.00 22.09 ? 154 HEM A CBD 1 
HETATM 1129 C  CGD . HEM B 2 .   ? -2.914  -13.887 1.719   1.00 28.98 ? 154 HEM A CGD 1 
HETATM 1130 O  O1D . HEM B 2 .   ? -2.358  -14.993 1.649   1.00 30.82 ? 154 HEM A O1D 1 
HETATM 1131 O  O2D . HEM B 2 .   ? -4.072  -13.643 2.117   1.00 31.44 ? 154 HEM A O2D 1 
HETATM 1132 N  NA  . HEM B 2 .   ? 0.248   -7.711  3.086   1.00 12.19 ? 154 HEM A NA  1 
HETATM 1133 N  NB  . HEM B 2 .   ? 1.153   -5.369  1.742   1.00 11.79 ? 154 HEM A NB  1 
HETATM 1134 N  NC  . HEM B 2 .   ? 1.715   -6.967  -0.582  1.00 15.16 ? 154 HEM A NC  1 
HETATM 1135 N  ND  . HEM B 2 .   ? 0.771   -9.243  0.769   1.00 12.88 ? 154 HEM A ND  1 
HETATM 1136 FE FE  . HEM B 2 .   ? 1.047   -7.359  1.309   1.00 5.76  ? 154 HEM A FE  1 
HETATM 1137 O  O   . HOH C 3 .   ? -7.005  12.135  1.378   1.00 28.69 ? 155 HOH A O   1 
HETATM 1138 O  O   . HOH C 3 .   ? -14.515 8.410   3.083   1.00 32.59 ? 156 HOH A O   1 
HETATM 1139 O  O   . HOH C 3 .   ? -8.131  8.972   10.653  1.00 46.14 ? 157 HOH A O   1 
HETATM 1140 O  O   . HOH C 3 .   ? -11.368 13.823  -4.207  1.00 17.51 ? 158 HOH A O   1 
HETATM 1141 O  O   . HOH C 3 .   ? -17.360 2.288   7.017   1.00 34.68 ? 159 HOH A O   1 
HETATM 1142 O  O   . HOH C 3 .   ? -10.879 -7.202  5.968   1.00 24.44 ? 160 HOH A O   1 
HETATM 1143 O  O   . HOH C 3 .   ? -17.697 4.780   1.733   1.00 37.93 ? 161 HOH A O   1 
HETATM 1144 O  O   . HOH C 3 .   ? -2.943  -14.223 -2.232  1.00 21.86 ? 162 HOH A O   1 
HETATM 1145 O  O   . HOH C 3 .   ? -12.677 -2.459  7.199   1.00 34.91 ? 163 HOH A O   1 
HETATM 1146 O  O   . HOH C 3 .   ? -3.904  -12.894 -12.969 1.00 28.96 ? 164 HOH A O   1 
HETATM 1147 O  O   . HOH C 3 .   ? -10.262 1.511   -8.628  1.00 31.10 ? 165 HOH A O   1 
HETATM 1148 O  O   . HOH C 3 .   ? -13.070 1.632   8.158   1.00 21.70 ? 166 HOH A O   1 
HETATM 1149 O  O   . HOH C 3 .   ? -13.345 -4.831  -12.688 1.00 31.19 ? 167 HOH A O   1 
HETATM 1150 O  O   . HOH C 3 .   ? 3.222   -14.314 -3.509  1.00 32.00 ? 168 HOH A O   1 
HETATM 1151 O  O   . HOH C 3 .   ? 0.270   1.298   -16.343 1.00 47.53 ? 169 HOH A O   1 
HETATM 1152 O  O   . HOH C 3 .   ? -2.704  -10.776 -14.373 1.00 38.79 ? 170 HOH A O   1 
HETATM 1153 O  O   . HOH C 3 .   ? 2.292   -6.108  -17.745 1.00 69.22 ? 171 HOH A O   1 
HETATM 1154 O  O   . HOH C 3 .   ? 17.323  2.251   1.218   1.00 46.36 ? 172 HOH A O   1 
HETATM 1155 O  O   . HOH C 3 .   ? 3.114   -15.653 -7.275  1.00 66.47 ? 173 HOH A O   1 
HETATM 1156 O  O   . HOH C 3 .   ? -7.180  -11.650 -14.906 1.00 40.82 ? 174 HOH A O   1 
HETATM 1157 O  O   . HOH C 3 .   ? -16.914 -6.340  -11.096 1.00 40.25 ? 175 HOH A O   1 
HETATM 1158 O  O   . HOH C 3 .   ? -19.934 -5.163  -3.890  1.00 39.23 ? 176 HOH A O   1 
HETATM 1159 O  O   . HOH C 3 .   ? -6.750  -10.296 4.612   1.00 35.80 ? 177 HOH A O   1 
HETATM 1160 O  O   . HOH C 3 .   ? -3.664  -5.025  8.881   1.00 25.92 ? 178 HOH A O   1 
HETATM 1161 O  O   . HOH C 3 .   ? -5.168  1.677   11.005  1.00 31.82 ? 179 HOH A O   1 
HETATM 1162 O  O   . HOH C 3 .   ? 3.595   -5.239  11.366  1.00 32.73 ? 180 HOH A O   1 
HETATM 1163 O  O   . HOH C 3 .   ? -3.760  -3.680  11.141  1.00 39.77 ? 181 HOH A O   1 
HETATM 1164 O  O   . HOH C 3 .   ? 0.804   3.161   14.986  1.00 34.29 ? 182 HOH A O   1 
HETATM 1165 O  O   . HOH C 3 .   ? 6.125   6.107   10.059  1.00 30.26 ? 183 HOH A O   1 
HETATM 1166 O  O   . HOH C 3 .   ? 4.238   -9.824  9.218   1.00 40.94 ? 184 HOH A O   1 
HETATM 1167 O  O   . HOH C 3 .   ? 3.098   -13.116 8.853   1.00 59.36 ? 185 HOH A O   1 
HETATM 1168 O  O   . HOH C 3 .   ? 6.568   5.234   -6.262  1.00 38.92 ? 186 HOH A O   1 
HETATM 1169 O  O   . HOH C 3 .   ? -15.321 11.779  -3.658  1.00 38.41 ? 187 HOH A O   1 
HETATM 1170 O  O   . HOH C 3 .   ? -2.202  22.069  -2.675  1.00 39.62 ? 188 HOH A O   1 
HETATM 1171 O  O   . HOH C 3 .   ? 3.240   19.214  1.079   1.00 56.75 ? 189 HOH A O   1 
HETATM 1172 O  O   . HOH C 3 .   ? -2.548  17.362  -8.439  1.00 40.33 ? 190 HOH A O   1 
HETATM 1173 O  O   . HOH C 3 .   ? 3.581   8.316   -7.266  1.00 49.39 ? 191 HOH A O   1 
HETATM 1174 O  O   . HOH C 3 .   ? 11.979  5.097   -1.892  1.00 48.36 ? 192 HOH A O   1 
HETATM 1175 O  O   . HOH C 3 .   ? 12.787  1.196   9.934   1.00 45.02 ? 193 HOH A O   1 
HETATM 1176 O  O   . HOH C 3 .   ? 20.431  -2.772  5.572   1.00 39.13 ? 194 HOH A O   1 
HETATM 1177 O  O   . HOH C 3 .   ? -13.045 5.302   2.364   1.00 26.73 ? 195 HOH A O   1 
HETATM 1178 O  O   . HOH C 3 .   ? -0.943  -6.951  0.368   1.00 13.81 ? 196 HOH A O   1 
HETATM 1179 O  O   . HOH C 3 .   ? -5.603  9.998   10.892  1.00 36.15 ? 197 HOH A O   1 
HETATM 1180 O  O   . HOH C 3 .   ? -14.797 5.124   0.342   1.00 49.45 ? 198 HOH A O   1 
HETATM 1181 O  O   . HOH C 3 .   ? -14.510 -1.551  -3.304  1.00 35.30 ? 199 HOH A O   1 
HETATM 1182 O  O   . HOH C 3 .   ? -9.477  1.494   -11.122 1.00 48.35 ? 200 HOH A O   1 
HETATM 1183 O  O   . HOH C 3 .   ? -15.865 -3.727  -14.016 1.00 64.88 ? 201 HOH A O   1 
HETATM 1184 O  O   . HOH C 3 .   ? 7.773   -8.500  -9.354  1.00 36.04 ? 202 HOH A O   1 
HETATM 1185 O  O   . HOH C 3 .   ? 6.041   -14.429 -5.749  1.00 44.43 ? 203 HOH A O   1 
HETATM 1186 O  O   . HOH C 3 .   ? -4.535  -12.441 -1.303  1.00 33.50 ? 204 HOH A O   1 
HETATM 1187 O  O   . HOH C 3 .   ? -13.043 -9.575  -17.731 1.00 47.54 ? 205 HOH A O   1 
HETATM 1188 O  O   . HOH C 3 .   ? -12.573 -5.172  -5.238  1.00 30.75 ? 206 HOH A O   1 
HETATM 1189 O  O   . HOH C 3 .   ? -16.937 -9.314  -8.394  1.00 51.24 ? 207 HOH A O   1 
HETATM 1190 O  O   . HOH C 3 .   ? -13.490 -2.552  -5.359  1.00 36.19 ? 208 HOH A O   1 
HETATM 1191 O  O   . HOH C 3 .   ? -13.433 -0.977  -7.360  1.00 51.00 ? 209 HOH A O   1 
HETATM 1192 O  O   . HOH C 3 .   ? -9.291  -11.718 1.357   1.00 24.08 ? 210 HOH A O   1 
HETATM 1193 O  O   . HOH C 3 .   ? -12.152 -12.899 2.035   1.00 47.03 ? 211 HOH A O   1 
HETATM 1194 O  O   . HOH C 3 .   ? 2.664   -7.632  8.998   1.00 53.44 ? 212 HOH A O   1 
HETATM 1195 O  O   . HOH C 3 .   ? 12.231  -1.543  10.015  1.00 33.19 ? 213 HOH A O   1 
HETATM 1196 O  O   . HOH C 3 .   ? -12.795 0.609   -9.327  1.00 45.08 ? 214 HOH A O   1 
HETATM 1197 O  O   . HOH C 3 .   ? 12.175  -5.021  -7.356  1.00 36.39 ? 215 HOH A O   1 
HETATM 1198 O  O   . HOH C 3 .   ? -2.941  -10.443 -17.442 1.00 64.36 ? 216 HOH A O   1 
HETATM 1199 O  O   . HOH C 3 .   ? 5.549   -6.095  -10.882 1.00 46.69 ? 217 HOH A O   1 
HETATM 1200 O  O   . HOH C 3 .   ? 7.991   -11.009 -9.449  1.00 59.92 ? 218 HOH A O   1 
HETATM 1201 O  O   . HOH C 3 .   ? -8.733  -14.582 0.602   1.00 54.10 ? 219 HOH A O   1 
HETATM 1202 O  O   . HOH C 3 .   ? -9.797  -10.857 -18.311 1.00 42.20 ? 220 HOH A O   1 
HETATM 1203 O  O   . HOH C 3 .   ? 0.282   0.831   16.168  1.00 66.97 ? 221 HOH A O   1 
HETATM 1204 O  O   . HOH C 3 .   ? 12.946  -15.269 -0.027  1.00 45.42 ? 222 HOH A O   1 
HETATM 1205 O  O   . HOH C 3 .   ? 4.819   15.588  -5.457  1.00 53.71 ? 223 HOH A O   1 
HETATM 1206 O  O   . HOH C 3 .   ? 2.095   -15.778 -0.452  1.00 49.51 ? 224 HOH A O   1 
HETATM 1207 O  O   . HOH C 3 .   ? 11.002  10.536  1.237   1.00 41.35 ? 225 HOH A O   1 
HETATM 1208 O  O   . HOH C 3 .   ? 13.550  -6.495  -4.610  1.00 43.93 ? 226 HOH A O   1 
HETATM 1209 O  O   . HOH C 3 .   ? -0.530  -16.218 3.556   1.00 53.98 ? 227 HOH A O   1 
HETATM 1210 O  O   . HOH C 3 .   ? -15.566 -4.819  -17.022 1.00 66.58 ? 228 HOH A O   1 
HETATM 1211 O  O   . HOH C 3 .   ? -1.141  -16.055 -0.765  1.00 40.56 ? 229 HOH A O   1 
HETATM 1212 O  O   . HOH C 3 .   ? -1.629  -18.598 -1.319  1.00 42.56 ? 230 HOH A O   1 
HETATM 1213 O  O   . HOH C 3 .   ? 16.628  -5.663  12.233  1.00 51.07 ? 231 HOH A O   1 
HETATM 1214 O  O   . HOH C 3 .   ? 8.997   -13.360 -6.570  1.00 58.41 ? 232 HOH A O   1 
HETATM 1215 O  O   . HOH C 3 .   ? 12.021  3.381   14.584  1.00 54.18 ? 233 HOH A O   1 
HETATM 1216 O  O   . HOH C 3 .   ? 8.985   -19.316 2.311   1.00 53.50 ? 234 HOH A O   1 
HETATM 1217 O  O   . HOH C 3 .   ? 7.240   7.914   -3.114  1.00 45.49 ? 235 HOH A O   1 
# 
